data_3NGG
# 
_entry.id   3NGG 
# 
_audit_conform.dict_name       mmcif_pdbx.dic 
_audit_conform.dict_version    5.397 
_audit_conform.dict_location   http://mmcif.pdb.org/dictionaries/ascii/mmcif_pdbx.dic 
# 
loop_
_database_2.database_id 
_database_2.database_code 
_database_2.pdbx_database_accession 
_database_2.pdbx_DOI 
PDB   3NGG         pdb_00003ngg 10.2210/pdb3ngg/pdb 
RCSB  RCSB059797   ?            ?                   
WWPDB D_1000059797 ?            ?                   
# 
loop_
_pdbx_audit_revision_history.ordinal 
_pdbx_audit_revision_history.data_content_type 
_pdbx_audit_revision_history.major_revision 
_pdbx_audit_revision_history.minor_revision 
_pdbx_audit_revision_history.revision_date 
1 'Structure model' 1 0 2010-09-08 
2 'Structure model' 1 1 2011-07-13 
3 'Structure model' 1 2 2024-10-09 
# 
_pdbx_audit_revision_details.ordinal             1 
_pdbx_audit_revision_details.revision_ordinal    1 
_pdbx_audit_revision_details.data_content_type   'Structure model' 
_pdbx_audit_revision_details.provider            repository 
_pdbx_audit_revision_details.type                'Initial release' 
_pdbx_audit_revision_details.description         ? 
_pdbx_audit_revision_details.details             ? 
# 
loop_
_pdbx_audit_revision_group.ordinal 
_pdbx_audit_revision_group.revision_ordinal 
_pdbx_audit_revision_group.data_content_type 
_pdbx_audit_revision_group.group 
1 2 'Structure model' 'Version format compliance' 
2 3 'Structure model' 'Data collection'           
3 3 'Structure model' 'Database references'       
4 3 'Structure model' 'Structure summary'         
# 
loop_
_pdbx_audit_revision_category.ordinal 
_pdbx_audit_revision_category.revision_ordinal 
_pdbx_audit_revision_category.data_content_type 
_pdbx_audit_revision_category.category 
1 3 'Structure model' chem_comp_atom            
2 3 'Structure model' chem_comp_bond            
3 3 'Structure model' database_2                
4 3 'Structure model' pdbx_entry_details        
5 3 'Structure model' pdbx_modification_feature 
# 
loop_
_pdbx_audit_revision_item.ordinal 
_pdbx_audit_revision_item.revision_ordinal 
_pdbx_audit_revision_item.data_content_type 
_pdbx_audit_revision_item.item 
1 3 'Structure model' '_database_2.pdbx_DOI'                
2 3 'Structure model' '_database_2.pdbx_database_accession' 
# 
_pdbx_database_status.status_code                     REL 
_pdbx_database_status.entry_id                        3NGG 
_pdbx_database_status.recvd_initial_deposition_date   2010-06-11 
_pdbx_database_status.deposit_site                    RCSB 
_pdbx_database_status.process_site                    RCSB 
_pdbx_database_status.status_code_sf                  REL 
_pdbx_database_status.status_code_mr                  ? 
_pdbx_database_status.SG_entry                        ? 
_pdbx_database_status.status_code_cs                  ? 
_pdbx_database_status.pdb_format_compatible           Y 
_pdbx_database_status.status_code_nmr_data            ? 
_pdbx_database_status.methods_development_category    ? 
# 
loop_
_audit_author.name 
_audit_author.pdbx_ordinal 
'Banigan, J.R.'     1 
'Mandal, K.'        2 
'Sawaya, M.R.'      3 
'Thammavongsa, V.'  4 
'Hendrickx, A.P.A.' 5 
'Schneewind, O.'    6 
'Yeates, T.O.'      7 
'Kent, S.B.H.'      8 
# 
_citation.id                        primary 
_citation.title                     
;Determination of the X-ray structure of the snake venom protein omwaprin by total chemical synthesis and racemic protein crystallography.
;
_citation.journal_abbrev            'Protein Sci.' 
_citation.journal_volume            19 
_citation.page_first                1840 
_citation.page_last                 1849 
_citation.year                      2010 
_citation.journal_id_ASTM           PRCIEI 
_citation.country                   US 
_citation.journal_id_ISSN           0961-8368 
_citation.journal_id_CSD            0795 
_citation.book_publisher            ? 
_citation.pdbx_database_id_PubMed   20669184 
_citation.pdbx_database_id_DOI      10.1002/pro.468 
# 
loop_
_citation_author.citation_id 
_citation_author.name 
_citation_author.ordinal 
_citation_author.identifier_ORCID 
primary 'Banigan, J.R.'    1 ? 
primary 'Mandal, K.'       2 ? 
primary 'Sawaya, M.R.'     3 ? 
primary 'Thammavongsa, V.' 4 ? 
primary 'Hendrickx, A.P.'  5 ? 
primary 'Schneewind, O.'   6 ? 
primary 'Yeates, T.O.'     7 ? 
primary 'Kent, S.B.'       8 ? 
# 
loop_
_entity.id 
_entity.type 
_entity.src_method 
_entity.pdbx_description 
_entity.formula_weight 
_entity.pdbx_number_of_molecules 
_entity.pdbx_ec 
_entity.pdbx_mutation 
_entity.pdbx_fragment 
_entity.details 
1 polymer syn Omwaprin-a 5621.564 2   ? ? L-Omwaprin ? 
2 water   nat water      18.015   140 ? ? ?          ? 
# 
_entity_name_com.entity_id   1 
_entity_name_com.name        'Oxywaprin-a, Oxywaprin' 
# 
_entity_poly.entity_id                      1 
_entity_poly.type                           'polypeptide(L)' 
_entity_poly.nstd_linkage                   no 
_entity_poly.nstd_monomer                   no 
_entity_poly.pdbx_seq_one_letter_code       KDRPKKPGLCPPRPQKPCVKECKNDDSCPGQQKCCNYGCKDECRDPIFVG 
_entity_poly.pdbx_seq_one_letter_code_can   KDRPKKPGLCPPRPQKPCVKECKNDDSCPGQQKCCNYGCKDECRDPIFVG 
_entity_poly.pdbx_strand_id                 A,B 
_entity_poly.pdbx_target_identifier         ? 
# 
_pdbx_entity_nonpoly.entity_id   2 
_pdbx_entity_nonpoly.name        water 
_pdbx_entity_nonpoly.comp_id     HOH 
# 
loop_
_entity_poly_seq.entity_id 
_entity_poly_seq.num 
_entity_poly_seq.mon_id 
_entity_poly_seq.hetero 
1 1  LYS n 
1 2  ASP n 
1 3  ARG n 
1 4  PRO n 
1 5  LYS n 
1 6  LYS n 
1 7  PRO n 
1 8  GLY n 
1 9  LEU n 
1 10 CYS n 
1 11 PRO n 
1 12 PRO n 
1 13 ARG n 
1 14 PRO n 
1 15 GLN n 
1 16 LYS n 
1 17 PRO n 
1 18 CYS n 
1 19 VAL n 
1 20 LYS n 
1 21 GLU n 
1 22 CYS n 
1 23 LYS n 
1 24 ASN n 
1 25 ASP n 
1 26 ASP n 
1 27 SER n 
1 28 CYS n 
1 29 PRO n 
1 30 GLY n 
1 31 GLN n 
1 32 GLN n 
1 33 LYS n 
1 34 CYS n 
1 35 CYS n 
1 36 ASN n 
1 37 TYR n 
1 38 GLY n 
1 39 CYS n 
1 40 LYS n 
1 41 ASP n 
1 42 GLU n 
1 43 CYS n 
1 44 ARG n 
1 45 ASP n 
1 46 PRO n 
1 47 ILE n 
1 48 PHE n 
1 49 VAL n 
1 50 GLY n 
# 
_pdbx_entity_src_syn.entity_id              1 
_pdbx_entity_src_syn.pdbx_src_id            1 
_pdbx_entity_src_syn.pdbx_alt_source_flag   sample 
_pdbx_entity_src_syn.pdbx_beg_seq_num       ? 
_pdbx_entity_src_syn.pdbx_end_seq_num       ? 
_pdbx_entity_src_syn.organism_scientific    'Oxyuranus microlepidotus' 
_pdbx_entity_src_syn.organism_common_name   'Inland taipan' 
_pdbx_entity_src_syn.ncbi_taxonomy_id       111177 
_pdbx_entity_src_syn.details                'Chemical synthesis' 
# 
loop_
_chem_comp.id 
_chem_comp.type 
_chem_comp.mon_nstd_flag 
_chem_comp.name 
_chem_comp.pdbx_synonyms 
_chem_comp.formula 
_chem_comp.formula_weight 
ARG 'L-peptide linking' y ARGININE        ? 'C6 H15 N4 O2 1' 175.209 
ASN 'L-peptide linking' y ASPARAGINE      ? 'C4 H8 N2 O3'    132.118 
ASP 'L-peptide linking' y 'ASPARTIC ACID' ? 'C4 H7 N O4'     133.103 
CYS 'L-peptide linking' y CYSTEINE        ? 'C3 H7 N O2 S'   121.158 
GLN 'L-peptide linking' y GLUTAMINE       ? 'C5 H10 N2 O3'   146.144 
GLU 'L-peptide linking' y 'GLUTAMIC ACID' ? 'C5 H9 N O4'     147.129 
GLY 'peptide linking'   y GLYCINE         ? 'C2 H5 N O2'     75.067  
HOH non-polymer         . WATER           ? 'H2 O'           18.015  
ILE 'L-peptide linking' y ISOLEUCINE      ? 'C6 H13 N O2'    131.173 
LEU 'L-peptide linking' y LEUCINE         ? 'C6 H13 N O2'    131.173 
LYS 'L-peptide linking' y LYSINE          ? 'C6 H15 N2 O2 1' 147.195 
PHE 'L-peptide linking' y PHENYLALANINE   ? 'C9 H11 N O2'    165.189 
PRO 'L-peptide linking' y PROLINE         ? 'C5 H9 N O2'     115.130 
SER 'L-peptide linking' y SERINE          ? 'C3 H7 N O3'     105.093 
TYR 'L-peptide linking' y TYROSINE        ? 'C9 H11 N O3'    181.189 
VAL 'L-peptide linking' y VALINE          ? 'C5 H11 N O2'    117.146 
# 
loop_
_pdbx_poly_seq_scheme.asym_id 
_pdbx_poly_seq_scheme.entity_id 
_pdbx_poly_seq_scheme.seq_id 
_pdbx_poly_seq_scheme.mon_id 
_pdbx_poly_seq_scheme.ndb_seq_num 
_pdbx_poly_seq_scheme.pdb_seq_num 
_pdbx_poly_seq_scheme.auth_seq_num 
_pdbx_poly_seq_scheme.pdb_mon_id 
_pdbx_poly_seq_scheme.auth_mon_id 
_pdbx_poly_seq_scheme.pdb_strand_id 
_pdbx_poly_seq_scheme.pdb_ins_code 
_pdbx_poly_seq_scheme.hetero 
A 1 1  LYS 1  1  ?  ?   ?   A . n 
A 1 2  ASP 2  2  ?  ?   ?   A . n 
A 1 3  ARG 3  3  ?  ?   ?   A . n 
A 1 4  PRO 4  4  ?  ?   ?   A . n 
A 1 5  LYS 5  5  5  LYS LYS A . n 
A 1 6  LYS 6  6  6  LYS LYS A . n 
A 1 7  PRO 7  7  7  PRO PRO A . n 
A 1 8  GLY 8  8  8  GLY GLY A . n 
A 1 9  LEU 9  9  9  LEU LEU A . n 
A 1 10 CYS 10 10 10 CYS CYS A . n 
A 1 11 PRO 11 11 11 PRO PRO A . n 
A 1 12 PRO 12 12 12 PRO PRO A . n 
A 1 13 ARG 13 13 13 ARG ARG A . n 
A 1 14 PRO 14 14 14 PRO PRO A . n 
A 1 15 GLN 15 15 15 GLN GLN A . n 
A 1 16 LYS 16 16 16 LYS LYS A . n 
A 1 17 PRO 17 17 17 PRO PRO A . n 
A 1 18 CYS 18 18 18 CYS CYS A . n 
A 1 19 VAL 19 19 19 VAL VAL A . n 
A 1 20 LYS 20 20 20 LYS LYS A . n 
A 1 21 GLU 21 21 21 GLU GLU A . n 
A 1 22 CYS 22 22 22 CYS CYS A . n 
A 1 23 LYS 23 23 23 LYS LYS A . n 
A 1 24 ASN 24 24 24 ASN ASN A . n 
A 1 25 ASP 25 25 25 ASP ASP A . n 
A 1 26 ASP 26 26 26 ASP ASP A . n 
A 1 27 SER 27 27 27 SER SER A . n 
A 1 28 CYS 28 28 28 CYS CYS A . n 
A 1 29 PRO 29 29 29 PRO PRO A . n 
A 1 30 GLY 30 30 30 GLY GLY A . n 
A 1 31 GLN 31 31 31 GLN GLN A . n 
A 1 32 GLN 32 32 32 GLN GLN A . n 
A 1 33 LYS 33 33 33 LYS LYS A . n 
A 1 34 CYS 34 34 34 CYS CYS A . n 
A 1 35 CYS 35 35 35 CYS CYS A . n 
A 1 36 ASN 36 36 36 ASN ASN A . n 
A 1 37 TYR 37 37 37 TYR TYR A . n 
A 1 38 GLY 38 38 38 GLY GLY A . n 
A 1 39 CYS 39 39 39 CYS CYS A . n 
A 1 40 LYS 40 40 40 LYS LYS A . n 
A 1 41 ASP 41 41 41 ASP ASP A . n 
A 1 42 GLU 42 42 42 GLU GLU A . n 
A 1 43 CYS 43 43 43 CYS CYS A . n 
A 1 44 ARG 44 44 44 ARG ARG A . n 
A 1 45 ASP 45 45 45 ASP ASP A . n 
A 1 46 PRO 46 46 46 PRO PRO A . n 
A 1 47 ILE 47 47 47 ILE ILE A . n 
A 1 48 PHE 48 48 48 PHE PHE A . n 
A 1 49 VAL 49 49 49 VAL VAL A . n 
A 1 50 GLY 50 50 50 GLY GLY A . n 
B 1 1  LYS 1  1  ?  ?   ?   B . n 
B 1 2  ASP 2  2  ?  ?   ?   B . n 
B 1 3  ARG 3  3  3  ARG ARG B . n 
B 1 4  PRO 4  4  4  PRO PRO B . n 
B 1 5  LYS 5  5  5  LYS LYS B . n 
B 1 6  LYS 6  6  6  LYS LYS B . n 
B 1 7  PRO 7  7  7  PRO PRO B . n 
B 1 8  GLY 8  8  8  GLY GLY B . n 
B 1 9  LEU 9  9  9  LEU LEU B . n 
B 1 10 CYS 10 10 10 CYS CYS B . n 
B 1 11 PRO 11 11 11 PRO PRO B . n 
B 1 12 PRO 12 12 12 PRO PRO B . n 
B 1 13 ARG 13 13 13 ARG ARG B . n 
B 1 14 PRO 14 14 14 PRO PRO B . n 
B 1 15 GLN 15 15 15 GLN GLN B . n 
B 1 16 LYS 16 16 16 LYS LYS B . n 
B 1 17 PRO 17 17 17 PRO PRO B . n 
B 1 18 CYS 18 18 18 CYS CYS B . n 
B 1 19 VAL 19 19 19 VAL VAL B . n 
B 1 20 LYS 20 20 20 LYS LYS B . n 
B 1 21 GLU 21 21 21 GLU GLU B . n 
B 1 22 CYS 22 22 22 CYS CYS B . n 
B 1 23 LYS 23 23 23 LYS LYS B . n 
B 1 24 ASN 24 24 24 ASN ASN B . n 
B 1 25 ASP 25 25 25 ASP ASP B . n 
B 1 26 ASP 26 26 26 ASP ASP B . n 
B 1 27 SER 27 27 27 SER SER B . n 
B 1 28 CYS 28 28 28 CYS CYS B . n 
B 1 29 PRO 29 29 29 PRO PRO B . n 
B 1 30 GLY 30 30 30 GLY GLY B . n 
B 1 31 GLN 31 31 31 GLN GLN B . n 
B 1 32 GLN 32 32 32 GLN GLN B . n 
B 1 33 LYS 33 33 33 LYS LYS B . n 
B 1 34 CYS 34 34 34 CYS CYS B . n 
B 1 35 CYS 35 35 35 CYS CYS B . n 
B 1 36 ASN 36 36 36 ASN ASN B . n 
B 1 37 TYR 37 37 37 TYR TYR B . n 
B 1 38 GLY 38 38 38 GLY GLY B . n 
B 1 39 CYS 39 39 39 CYS CYS B . n 
B 1 40 LYS 40 40 40 LYS LYS B . n 
B 1 41 ASP 41 41 41 ASP ASP B . n 
B 1 42 GLU 42 42 42 GLU GLU B . n 
B 1 43 CYS 43 43 43 CYS CYS B . n 
B 1 44 ARG 44 44 44 ARG ARG B . n 
B 1 45 ASP 45 45 45 ASP ASP B . n 
B 1 46 PRO 46 46 46 PRO PRO B . n 
B 1 47 ILE 47 47 47 ILE ILE B . n 
B 1 48 PHE 48 48 48 PHE PHE B . n 
B 1 49 VAL 49 49 49 VAL VAL B . n 
B 1 50 GLY 50 50 50 GLY GLY B . n 
# 
loop_
_pdbx_nonpoly_scheme.asym_id 
_pdbx_nonpoly_scheme.entity_id 
_pdbx_nonpoly_scheme.mon_id 
_pdbx_nonpoly_scheme.ndb_seq_num 
_pdbx_nonpoly_scheme.pdb_seq_num 
_pdbx_nonpoly_scheme.auth_seq_num 
_pdbx_nonpoly_scheme.pdb_mon_id 
_pdbx_nonpoly_scheme.auth_mon_id 
_pdbx_nonpoly_scheme.pdb_strand_id 
_pdbx_nonpoly_scheme.pdb_ins_code 
C 2 HOH 1  51  51  HOH HOH A . 
C 2 HOH 2  52  52  HOH HOH A . 
C 2 HOH 3  53  53  HOH HOH A . 
C 2 HOH 4  54  1   HOH HOH A . 
C 2 HOH 5  55  5   HOH HOH A . 
C 2 HOH 6  56  7   HOH HOH A . 
C 2 HOH 7  57  8   HOH HOH A . 
C 2 HOH 8  58  58  HOH HOH A . 
C 2 HOH 9  59  10  HOH HOH A . 
C 2 HOH 10 60  12  HOH HOH A . 
C 2 HOH 11 61  15  HOH HOH A . 
C 2 HOH 12 62  16  HOH HOH A . 
C 2 HOH 13 63  21  HOH HOH A . 
C 2 HOH 14 64  64  HOH HOH A . 
C 2 HOH 15 65  65  HOH HOH A . 
C 2 HOH 16 66  22  HOH HOH A . 
C 2 HOH 17 67  67  HOH HOH A . 
C 2 HOH 18 68  25  HOH HOH A . 
C 2 HOH 19 69  32  HOH HOH A . 
C 2 HOH 20 70  33  HOH HOH A . 
C 2 HOH 21 71  71  HOH HOH A . 
C 2 HOH 22 72  39  HOH HOH A . 
C 2 HOH 23 73  73  HOH HOH A . 
C 2 HOH 24 74  40  HOH HOH A . 
C 2 HOH 25 75  75  HOH HOH A . 
C 2 HOH 26 76  41  HOH HOH A . 
C 2 HOH 27 77  77  HOH HOH A . 
C 2 HOH 28 78  42  HOH HOH A . 
C 2 HOH 29 79  79  HOH HOH A . 
C 2 HOH 30 80  80  HOH HOH A . 
C 2 HOH 31 81  81  HOH HOH A . 
C 2 HOH 32 82  47  HOH HOH A . 
C 2 HOH 33 83  48  HOH HOH A . 
C 2 HOH 34 84  49  HOH HOH A . 
C 2 HOH 35 87  87  HOH HOH A . 
C 2 HOH 36 88  88  HOH HOH A . 
C 2 HOH 37 89  89  HOH HOH A . 
C 2 HOH 38 90  90  HOH HOH A . 
C 2 HOH 39 91  91  HOH HOH A . 
C 2 HOH 40 92  92  HOH HOH A . 
C 2 HOH 41 93  93  HOH HOH A . 
C 2 HOH 42 94  94  HOH HOH A . 
C 2 HOH 43 95  95  HOH HOH A . 
C 2 HOH 44 96  96  HOH HOH A . 
C 2 HOH 45 97  97  HOH HOH A . 
C 2 HOH 46 98  98  HOH HOH A . 
C 2 HOH 47 99  99  HOH HOH A . 
C 2 HOH 48 102 102 HOH HOH A . 
C 2 HOH 49 103 103 HOH HOH A . 
C 2 HOH 50 104 104 HOH HOH A . 
C 2 HOH 51 106 106 HOH HOH A . 
C 2 HOH 52 108 108 HOH HOH A . 
C 2 HOH 53 109 109 HOH HOH A . 
C 2 HOH 54 110 110 HOH HOH A . 
C 2 HOH 55 111 111 HOH HOH A . 
C 2 HOH 56 114 114 HOH HOH A . 
C 2 HOH 57 115 115 HOH HOH A . 
C 2 HOH 58 117 117 HOH HOH A . 
C 2 HOH 59 118 118 HOH HOH A . 
C 2 HOH 60 124 124 HOH HOH A . 
C 2 HOH 61 127 127 HOH HOH A . 
C 2 HOH 62 132 132 HOH HOH A . 
C 2 HOH 63 135 135 HOH HOH A . 
C 2 HOH 64 140 140 HOH HOH A . 
C 2 HOH 65 143 143 HOH HOH A . 
D 2 HOH 1  51  2   HOH HOH B . 
D 2 HOH 2  52  3   HOH HOH B . 
D 2 HOH 3  53  4   HOH HOH B . 
D 2 HOH 4  54  54  HOH HOH B . 
D 2 HOH 5  55  55  HOH HOH B . 
D 2 HOH 6  56  6   HOH HOH B . 
D 2 HOH 7  57  57  HOH HOH B . 
D 2 HOH 8  58  9   HOH HOH B . 
D 2 HOH 9  59  59  HOH HOH B . 
D 2 HOH 10 60  60  HOH HOH B . 
D 2 HOH 11 61  61  HOH HOH B . 
D 2 HOH 12 62  62  HOH HOH B . 
D 2 HOH 13 63  63  HOH HOH B . 
D 2 HOH 14 64  11  HOH HOH B . 
D 2 HOH 15 65  13  HOH HOH B . 
D 2 HOH 16 66  66  HOH HOH B . 
D 2 HOH 17 67  14  HOH HOH B . 
D 2 HOH 18 68  17  HOH HOH B . 
D 2 HOH 19 69  69  HOH HOH B . 
D 2 HOH 20 70  70  HOH HOH B . 
D 2 HOH 21 71  18  HOH HOH B . 
D 2 HOH 22 72  72  HOH HOH B . 
D 2 HOH 23 73  19  HOH HOH B . 
D 2 HOH 24 74  74  HOH HOH B . 
D 2 HOH 25 75  20  HOH HOH B . 
D 2 HOH 26 76  76  HOH HOH B . 
D 2 HOH 27 77  23  HOH HOH B . 
D 2 HOH 28 78  78  HOH HOH B . 
D 2 HOH 29 79  24  HOH HOH B . 
D 2 HOH 30 80  26  HOH HOH B . 
D 2 HOH 31 81  27  HOH HOH B . 
D 2 HOH 32 82  82  HOH HOH B . 
D 2 HOH 33 83  28  HOH HOH B . 
D 2 HOH 34 84  29  HOH HOH B . 
D 2 HOH 35 85  85  HOH HOH B . 
D 2 HOH 36 86  30  HOH HOH B . 
D 2 HOH 37 87  31  HOH HOH B . 
D 2 HOH 38 88  34  HOH HOH B . 
D 2 HOH 39 89  35  HOH HOH B . 
D 2 HOH 40 90  36  HOH HOH B . 
D 2 HOH 41 91  37  HOH HOH B . 
D 2 HOH 42 92  38  HOH HOH B . 
D 2 HOH 43 93  43  HOH HOH B . 
D 2 HOH 44 94  44  HOH HOH B . 
D 2 HOH 45 95  45  HOH HOH B . 
D 2 HOH 46 96  46  HOH HOH B . 
D 2 HOH 47 97  50  HOH HOH B . 
D 2 HOH 48 100 100 HOH HOH B . 
D 2 HOH 49 101 101 HOH HOH B . 
D 2 HOH 50 105 105 HOH HOH B . 
D 2 HOH 51 107 107 HOH HOH B . 
D 2 HOH 52 112 112 HOH HOH B . 
D 2 HOH 53 113 113 HOH HOH B . 
D 2 HOH 54 116 116 HOH HOH B . 
D 2 HOH 55 119 119 HOH HOH B . 
D 2 HOH 56 120 120 HOH HOH B . 
D 2 HOH 57 121 121 HOH HOH B . 
D 2 HOH 58 122 122 HOH HOH B . 
D 2 HOH 59 123 123 HOH HOH B . 
D 2 HOH 60 125 125 HOH HOH B . 
D 2 HOH 61 128 128 HOH HOH B . 
D 2 HOH 62 129 129 HOH HOH B . 
D 2 HOH 63 131 131 HOH HOH B . 
D 2 HOH 64 133 133 HOH HOH B . 
D 2 HOH 65 136 136 HOH HOH B . 
D 2 HOH 66 137 137 HOH HOH B . 
D 2 HOH 67 138 138 HOH HOH B . 
D 2 HOH 68 139 139 HOH HOH B . 
D 2 HOH 69 141 141 HOH HOH B . 
D 2 HOH 70 142 142 HOH HOH B . 
D 2 HOH 71 144 144 HOH HOH B . 
D 2 HOH 72 145 145 HOH HOH B . 
D 2 HOH 73 146 146 HOH HOH B . 
D 2 HOH 74 147 147 HOH HOH B . 
D 2 HOH 75 148 148 HOH HOH B . 
# 
loop_
_pdbx_unobs_or_zero_occ_atoms.id 
_pdbx_unobs_or_zero_occ_atoms.PDB_model_num 
_pdbx_unobs_or_zero_occ_atoms.polymer_flag 
_pdbx_unobs_or_zero_occ_atoms.occupancy_flag 
_pdbx_unobs_or_zero_occ_atoms.auth_asym_id 
_pdbx_unobs_or_zero_occ_atoms.auth_comp_id 
_pdbx_unobs_or_zero_occ_atoms.auth_seq_id 
_pdbx_unobs_or_zero_occ_atoms.PDB_ins_code 
_pdbx_unobs_or_zero_occ_atoms.auth_atom_id 
_pdbx_unobs_or_zero_occ_atoms.label_alt_id 
_pdbx_unobs_or_zero_occ_atoms.label_asym_id 
_pdbx_unobs_or_zero_occ_atoms.label_comp_id 
_pdbx_unobs_or_zero_occ_atoms.label_seq_id 
_pdbx_unobs_or_zero_occ_atoms.label_atom_id 
1 1 Y 1 B ARG 3 ? CG  ? B ARG 3 CG  
2 1 Y 1 B ARG 3 ? CD  ? B ARG 3 CD  
3 1 Y 1 B ARG 3 ? NE  ? B ARG 3 NE  
4 1 Y 1 B ARG 3 ? CZ  ? B ARG 3 CZ  
5 1 Y 1 B ARG 3 ? NH1 ? B ARG 3 NH1 
6 1 Y 1 B ARG 3 ? NH2 ? B ARG 3 NH2 
# 
loop_
_software.name 
_software.classification 
_software.version 
_software.citation_id 
_software.pdbx_ordinal 
HKL-2000 'data collection' .        ? 1 
SHELXD   phasing           .        ? 2 
REFMAC   refinement        5.5.0072 ? 3 
HKL-2000 'data reduction'  .        ? 4 
HKL-2000 'data scaling'    .        ? 5 
# 
_cell.entry_id           3NGG 
_cell.length_a           44.090 
_cell.length_b           46.558 
_cell.length_c           39.650 
_cell.angle_alpha        90.00 
_cell.angle_beta         92.75 
_cell.angle_gamma        90.00 
_cell.Z_PDB              8 
_cell.pdbx_unique_axis   ? 
_cell.length_a_esd       ? 
_cell.length_b_esd       ? 
_cell.length_c_esd       ? 
_cell.angle_alpha_esd    ? 
_cell.angle_beta_esd     ? 
_cell.angle_gamma_esd    ? 
# 
_symmetry.entry_id                         3NGG 
_symmetry.space_group_name_H-M             'P 1 21/c 1' 
_symmetry.pdbx_full_space_group_name_H-M   ? 
_symmetry.cell_setting                     ? 
_symmetry.Int_Tables_number                14 
_symmetry.space_group_name_Hall            ? 
# 
_exptl.entry_id          3NGG 
_exptl.method            'X-RAY DIFFRACTION' 
_exptl.crystals_number   1 
# 
_exptl_crystal.id                    1 
_exptl_crystal.density_meas          ? 
_exptl_crystal.density_Matthews      1.81 
_exptl_crystal.density_percent_sol   31.96 
_exptl_crystal.description           ? 
_exptl_crystal.F_000                 ? 
_exptl_crystal.preparation           ? 
# 
_exptl_crystal_grow.crystal_id      1 
_exptl_crystal_grow.method          'VAPOR DIFFUSION, HANGING DROP' 
_exptl_crystal_grow.temp            292 
_exptl_crystal_grow.temp_details    ? 
_exptl_crystal_grow.pH              7 
_exptl_crystal_grow.pdbx_details    '61% Tacsimate, pH 7, VAPOR DIFFUSION, HANGING DROP, temperature 292K' 
_exptl_crystal_grow.pdbx_pH_range   ? 
# 
_diffrn.id                     1 
_diffrn.ambient_temp           100 
_diffrn.ambient_temp_details   ? 
_diffrn.crystal_id             1 
# 
_diffrn_detector.diffrn_id              1 
_diffrn_detector.detector               CCD 
_diffrn_detector.type                   'ADSC QUANTUM 315' 
_diffrn_detector.pdbx_collection_date   2009-08-08 
_diffrn_detector.details                ? 
# 
_diffrn_radiation.diffrn_id                        1 
_diffrn_radiation.wavelength_id                    1 
_diffrn_radiation.pdbx_monochromatic_or_laue_m_l   M 
_diffrn_radiation.monochromator                    'Si(220)' 
_diffrn_radiation.pdbx_diffrn_protocol             'SINGLE WAVELENGTH' 
_diffrn_radiation.pdbx_scattering_type             x-ray 
# 
_diffrn_radiation_wavelength.id           1 
_diffrn_radiation_wavelength.wavelength   0.9795 
_diffrn_radiation_wavelength.wt           1.0 
# 
_diffrn_source.diffrn_id                   1 
_diffrn_source.source                      SYNCHROTRON 
_diffrn_source.type                        'APS BEAMLINE 24-ID-E' 
_diffrn_source.pdbx_synchrotron_site       APS 
_diffrn_source.pdbx_synchrotron_beamline   24-ID-E 
_diffrn_source.pdbx_wavelength             ? 
_diffrn_source.pdbx_wavelength_list        0.9795 
# 
_reflns.entry_id                     3NGG 
_reflns.observed_criterion_sigma_I   -3.0 
_reflns.observed_criterion_sigma_F   ? 
_reflns.d_resolution_low             50 
_reflns.d_resolution_high            1.33 
_reflns.number_obs                   35749 
_reflns.number_all                   35749 
_reflns.percent_possible_obs         97.1 
_reflns.pdbx_Rmerge_I_obs            0.079 
_reflns.pdbx_Rsym_value              ? 
_reflns.pdbx_netI_over_sigmaI        25.5 
_reflns.B_iso_Wilson_estimate        ? 
_reflns.pdbx_redundancy              12.7 
_reflns.R_free_details               ? 
_reflns.limit_h_max                  ? 
_reflns.limit_h_min                  ? 
_reflns.limit_k_max                  ? 
_reflns.limit_k_min                  ? 
_reflns.limit_l_max                  ? 
_reflns.limit_l_min                  ? 
_reflns.observed_criterion_F_max     ? 
_reflns.observed_criterion_F_min     ? 
_reflns.pdbx_chi_squared             ? 
_reflns.pdbx_scaling_rejects         ? 
_reflns.pdbx_diffrn_id               1 
_reflns.pdbx_ordinal                 1 
# 
_reflns_shell.d_res_high             1.33 
_reflns_shell.d_res_low              1.38 
_reflns_shell.percent_possible_all   80.1 
_reflns_shell.Rmerge_I_obs           0.383 
_reflns_shell.pdbx_Rsym_value        ? 
_reflns_shell.meanI_over_sigI_obs    2.5 
_reflns_shell.pdbx_redundancy        6.3 
_reflns_shell.percent_possible_obs   ? 
_reflns_shell.number_unique_all      ? 
_reflns_shell.number_measured_all    ? 
_reflns_shell.number_measured_obs    ? 
_reflns_shell.number_unique_obs      ? 
_reflns_shell.pdbx_chi_squared       ? 
_reflns_shell.pdbx_diffrn_id         ? 
_reflns_shell.pdbx_ordinal           1 
# 
_refine.entry_id                                 3NGG 
_refine.ls_number_reflns_obs                     33231 
_refine.ls_number_reflns_all                     ? 
_refine.pdbx_ls_sigma_I                          ? 
_refine.pdbx_ls_sigma_F                          ? 
_refine.pdbx_data_cutoff_high_absF               ? 
_refine.pdbx_data_cutoff_low_absF                ? 
_refine.pdbx_data_cutoff_high_rms_absF           ? 
_refine.ls_d_res_low                             44.04 
_refine.ls_d_res_high                            1.33 
_refine.ls_percent_reflns_obs                    97.03 
_refine.ls_R_factor_obs                          0.17602 
_refine.ls_R_factor_all                          ? 
_refine.ls_R_factor_R_work                       0.17419 
_refine.ls_R_factor_R_free                       0.20979 
_refine.ls_R_factor_R_free_error                 ? 
_refine.ls_R_factor_R_free_error_details         ? 
_refine.ls_percent_reflns_R_free                 5.0 
_refine.ls_number_reflns_R_free                  1756 
_refine.ls_number_parameters                     ? 
_refine.ls_number_restraints                     ? 
_refine.occupancy_min                            ? 
_refine.occupancy_max                            ? 
_refine.correlation_coeff_Fo_to_Fc               0.970 
_refine.correlation_coeff_Fo_to_Fc_free          0.957 
_refine.B_iso_mean                               13.228 
_refine.aniso_B[1][1]                            -0.15 
_refine.aniso_B[2][2]                            -0.19 
_refine.aniso_B[3][3]                            0.31 
_refine.aniso_B[1][2]                            0.00 
_refine.aniso_B[1][3]                            -0.30 
_refine.aniso_B[2][3]                            0.00 
_refine.solvent_model_details                    MASK 
_refine.solvent_model_param_ksol                 ? 
_refine.solvent_model_param_bsol                 ? 
_refine.pdbx_solvent_vdw_probe_radii             1.40 
_refine.pdbx_solvent_ion_probe_radii             0.80 
_refine.pdbx_solvent_shrinkage_radii             0.80 
_refine.pdbx_ls_cross_valid_method               THROUGHOUT 
_refine.details                                  
;The structure is from Racemic Protein Crystal where both L- and D- Omwaprin present. The asymmetry unit contains two L-Omwaprin proteins that can be transformed to D-Omwaprin through space group P21/C. HYDROGENS HAVE BEEN ADDED IN THE RIDING POSITIONS.
;
_refine.pdbx_starting_model                      ? 
_refine.pdbx_method_to_determine_struct          'AB INITIO PHASING' 
_refine.pdbx_isotropic_thermal_model             ? 
_refine.pdbx_stereochemistry_target_values       'MAXIMUM LIKELIHOOD' 
_refine.pdbx_stereochem_target_val_spec_case     ? 
_refine.pdbx_R_Free_selection_details            RANDOM 
_refine.pdbx_overall_ESU_R_Free                  0.046 
_refine.overall_SU_ML                            0.018 
_refine.overall_SU_B                             0.924 
_refine.overall_SU_R_Cruickshank_DPI             ? 
_refine.ls_redundancy_reflns_obs                 ? 
_refine.B_iso_min                                ? 
_refine.B_iso_max                                ? 
_refine.overall_SU_R_free                        ? 
_refine.ls_wR_factor_R_free                      ? 
_refine.ls_wR_factor_R_work                      ? 
_refine.overall_FOM_free_R_set                   ? 
_refine.overall_FOM_work_R_set                   ? 
_refine.pdbx_overall_phase_error                 ? 
_refine.pdbx_refine_id                           'X-RAY DIFFRACTION' 
_refine.pdbx_overall_ESU_R                       ? 
_refine.pdbx_diffrn_id                           1 
_refine.pdbx_TLS_residual_ADP_flag               ? 
_refine.pdbx_overall_SU_R_free_Cruickshank_DPI   ? 
_refine.pdbx_overall_SU_R_Blow_DPI               ? 
_refine.pdbx_overall_SU_R_free_Blow_DPI          ? 
# 
_refine_hist.pdbx_refine_id                   'X-RAY DIFFRACTION' 
_refine_hist.cycle_id                         LAST 
_refine_hist.pdbx_number_atoms_protein        714 
_refine_hist.pdbx_number_atoms_nucleic_acid   0 
_refine_hist.pdbx_number_atoms_ligand         0 
_refine_hist.number_atoms_solvent             140 
_refine_hist.number_atoms_total               854 
_refine_hist.d_res_high                       1.33 
_refine_hist.d_res_low                        44.04 
# 
loop_
_refine_ls_restr.type 
_refine_ls_restr.dev_ideal 
_refine_ls_restr.dev_ideal_target 
_refine_ls_restr.weight 
_refine_ls_restr.number 
_refine_ls_restr.pdbx_refine_id 
_refine_ls_restr.pdbx_restraint_function 
r_bond_refined_d       0.020  0.022  ? 760  'X-RAY DIFFRACTION' ? 
r_bond_other_d         0.002  0.020  ? 590  'X-RAY DIFFRACTION' ? 
r_angle_refined_deg    1.947  2.031  ? 1030 'X-RAY DIFFRACTION' ? 
r_angle_other_deg      2.030  3.000  ? 1461 'X-RAY DIFFRACTION' ? 
r_dihedral_angle_1_deg 7.056  5.000  ? 98   'X-RAY DIFFRACTION' ? 
r_dihedral_angle_2_deg 34.392 26.129 ? 31   'X-RAY DIFFRACTION' ? 
r_dihedral_angle_3_deg 10.967 15.000 ? 144  'X-RAY DIFFRACTION' ? 
r_dihedral_angle_4_deg 9.082  15.000 ? 4    'X-RAY DIFFRACTION' ? 
r_chiral_restr         0.108  0.200  ? 97   'X-RAY DIFFRACTION' ? 
r_gen_planes_refined   0.011  0.022  ? 830  'X-RAY DIFFRACTION' ? 
r_gen_planes_other     0.009  0.020  ? 114  'X-RAY DIFFRACTION' ? 
r_mcbond_it            3.701  1.500  ? 486  'X-RAY DIFFRACTION' ? 
r_mcbond_other         3.125  1.500  ? 182  'X-RAY DIFFRACTION' ? 
r_mcangle_it           5.332  2.000  ? 794  'X-RAY DIFFRACTION' ? 
r_scbond_it            5.986  3.000  ? 274  'X-RAY DIFFRACTION' ? 
r_scangle_it           7.616  4.500  ? 233  'X-RAY DIFFRACTION' ? 
r_rigid_bond_restr     3.613  3.000  ? 1350 'X-RAY DIFFRACTION' ? 
r_sphericity_free      18.020 3.000  ? 140  'X-RAY DIFFRACTION' ? 
r_sphericity_bonded    8.065  3.000  ? 1322 'X-RAY DIFFRACTION' ? 
# 
_refine_ls_shell.pdbx_total_number_of_bins_used   20 
_refine_ls_shell.d_res_high                       1.331 
_refine_ls_shell.d_res_low                        1.366 
_refine_ls_shell.number_reflns_R_work             1954 
_refine_ls_shell.R_factor_R_work                  0.213 
_refine_ls_shell.percent_reflns_obs               77.54 
_refine_ls_shell.R_factor_R_free                  0.228 
_refine_ls_shell.R_factor_R_free_error            ? 
_refine_ls_shell.percent_reflns_R_free            ? 
_refine_ls_shell.number_reflns_R_free             110 
_refine_ls_shell.number_reflns_all                ? 
_refine_ls_shell.R_factor_all                     ? 
_refine_ls_shell.number_reflns_obs                ? 
_refine_ls_shell.redundancy_reflns_obs            ? 
_refine_ls_shell.pdbx_refine_id                   'X-RAY DIFFRACTION' 
# 
_struct.entry_id                  3NGG 
_struct.title                     'X-ray Structure of Omwaprin' 
_struct.pdbx_model_details        ? 
_struct.pdbx_CASP_flag            ? 
_struct.pdbx_model_type_details   ? 
# 
_struct_keywords.entry_id        3NGG 
_struct_keywords.pdbx_keywords   ANTIBIOTIC 
_struct_keywords.text            'Venom protein, racemic protein crystallography, Direct methods, ANTIBIOTIC' 
# 
loop_
_struct_asym.id 
_struct_asym.pdbx_blank_PDB_chainid_flag 
_struct_asym.pdbx_modified 
_struct_asym.entity_id 
_struct_asym.details 
A N N 1 ? 
B N N 1 ? 
C N N 2 ? 
D N N 2 ? 
# 
_struct_ref.id                         1 
_struct_ref.db_name                    UNP 
_struct_ref.db_code                    WAPA_OXYMI 
_struct_ref.pdbx_db_accession          P83952 
_struct_ref.entity_id                  1 
_struct_ref.pdbx_seq_one_letter_code   KDRPKKPGLCPPRPQKPCVKECKNDDSCPGQQKCCNYGCKDECRDPIFVG 
_struct_ref.pdbx_align_begin           1 
_struct_ref.pdbx_db_isoform            ? 
# 
loop_
_struct_ref_seq.align_id 
_struct_ref_seq.ref_id 
_struct_ref_seq.pdbx_PDB_id_code 
_struct_ref_seq.pdbx_strand_id 
_struct_ref_seq.seq_align_beg 
_struct_ref_seq.pdbx_seq_align_beg_ins_code 
_struct_ref_seq.seq_align_end 
_struct_ref_seq.pdbx_seq_align_end_ins_code 
_struct_ref_seq.pdbx_db_accession 
_struct_ref_seq.db_align_beg 
_struct_ref_seq.pdbx_db_align_beg_ins_code 
_struct_ref_seq.db_align_end 
_struct_ref_seq.pdbx_db_align_end_ins_code 
_struct_ref_seq.pdbx_auth_seq_align_beg 
_struct_ref_seq.pdbx_auth_seq_align_end 
1 1 3NGG A 1 ? 50 ? P83952 1 ? 50 ? 1 50 
2 1 3NGG B 1 ? 50 ? P83952 1 ? 50 ? 1 50 
# 
loop_
_pdbx_struct_assembly.id 
_pdbx_struct_assembly.details 
_pdbx_struct_assembly.method_details 
_pdbx_struct_assembly.oligomeric_details 
_pdbx_struct_assembly.oligomeric_count 
1 author_defined_assembly ? monomeric 1 
2 author_defined_assembly ? monomeric 1 
# 
loop_
_pdbx_struct_assembly_gen.assembly_id 
_pdbx_struct_assembly_gen.oper_expression 
_pdbx_struct_assembly_gen.asym_id_list 
1 1 A,C 
2 1 B,D 
# 
_pdbx_struct_oper_list.id                   1 
_pdbx_struct_oper_list.type                 'identity operation' 
_pdbx_struct_oper_list.name                 1_555 
_pdbx_struct_oper_list.symmetry_operation   x,y,z 
_pdbx_struct_oper_list.matrix[1][1]         1.0000000000 
_pdbx_struct_oper_list.matrix[1][2]         0.0000000000 
_pdbx_struct_oper_list.matrix[1][3]         0.0000000000 
_pdbx_struct_oper_list.vector[1]            0.0000000000 
_pdbx_struct_oper_list.matrix[2][1]         0.0000000000 
_pdbx_struct_oper_list.matrix[2][2]         1.0000000000 
_pdbx_struct_oper_list.matrix[2][3]         0.0000000000 
_pdbx_struct_oper_list.vector[2]            0.0000000000 
_pdbx_struct_oper_list.matrix[3][1]         0.0000000000 
_pdbx_struct_oper_list.matrix[3][2]         0.0000000000 
_pdbx_struct_oper_list.matrix[3][3]         1.0000000000 
_pdbx_struct_oper_list.vector[3]            0.0000000000 
# 
_struct_biol.id        1 
_struct_biol.details   ? 
# 
loop_
_struct_conf.conf_type_id 
_struct_conf.id 
_struct_conf.pdbx_PDB_helix_id 
_struct_conf.beg_label_comp_id 
_struct_conf.beg_label_asym_id 
_struct_conf.beg_label_seq_id 
_struct_conf.pdbx_beg_PDB_ins_code 
_struct_conf.end_label_comp_id 
_struct_conf.end_label_asym_id 
_struct_conf.end_label_seq_id 
_struct_conf.pdbx_end_PDB_ins_code 
_struct_conf.beg_auth_comp_id 
_struct_conf.beg_auth_asym_id 
_struct_conf.beg_auth_seq_id 
_struct_conf.end_auth_comp_id 
_struct_conf.end_auth_asym_id 
_struct_conf.end_auth_seq_id 
_struct_conf.pdbx_PDB_helix_class 
_struct_conf.details 
_struct_conf.pdbx_PDB_helix_length 
HELX_P HELX_P1 1 ASN A 24 ? CYS A 28 ? ASN A 24 CYS A 28 5 ? 5 
HELX_P HELX_P2 2 ASN B 24 ? CYS B 28 ? ASN B 24 CYS B 28 5 ? 5 
# 
_struct_conf_type.id          HELX_P 
_struct_conf_type.criteria    ? 
_struct_conf_type.reference   ? 
# 
loop_
_struct_conn.id 
_struct_conn.conn_type_id 
_struct_conn.pdbx_leaving_atom_flag 
_struct_conn.pdbx_PDB_id 
_struct_conn.ptnr1_label_asym_id 
_struct_conn.ptnr1_label_comp_id 
_struct_conn.ptnr1_label_seq_id 
_struct_conn.ptnr1_label_atom_id 
_struct_conn.pdbx_ptnr1_label_alt_id 
_struct_conn.pdbx_ptnr1_PDB_ins_code 
_struct_conn.pdbx_ptnr1_standard_comp_id 
_struct_conn.ptnr1_symmetry 
_struct_conn.ptnr2_label_asym_id 
_struct_conn.ptnr2_label_comp_id 
_struct_conn.ptnr2_label_seq_id 
_struct_conn.ptnr2_label_atom_id 
_struct_conn.pdbx_ptnr2_label_alt_id 
_struct_conn.pdbx_ptnr2_PDB_ins_code 
_struct_conn.ptnr1_auth_asym_id 
_struct_conn.ptnr1_auth_comp_id 
_struct_conn.ptnr1_auth_seq_id 
_struct_conn.ptnr2_auth_asym_id 
_struct_conn.ptnr2_auth_comp_id 
_struct_conn.ptnr2_auth_seq_id 
_struct_conn.ptnr2_symmetry 
_struct_conn.pdbx_ptnr3_label_atom_id 
_struct_conn.pdbx_ptnr3_label_seq_id 
_struct_conn.pdbx_ptnr3_label_comp_id 
_struct_conn.pdbx_ptnr3_label_asym_id 
_struct_conn.pdbx_ptnr3_label_alt_id 
_struct_conn.pdbx_ptnr3_PDB_ins_code 
_struct_conn.details 
_struct_conn.pdbx_dist_value 
_struct_conn.pdbx_value_order 
_struct_conn.pdbx_role 
disulf1 disulf ? ? A CYS 10 SG ? ? ? 1_555 A CYS 35 SG ? ? A CYS 10 A CYS 35 1_555 ? ? ? ? ? ? ? 2.071 ? ? 
disulf2 disulf ? ? A CYS 18 SG ? ? ? 1_555 A CYS 39 SG ? ? A CYS 18 A CYS 39 1_555 ? ? ? ? ? ? ? 2.035 ? ? 
disulf3 disulf ? ? A CYS 22 SG ? ? ? 1_555 A CYS 34 SG ? ? A CYS 22 A CYS 34 1_555 ? ? ? ? ? ? ? 2.117 ? ? 
disulf4 disulf ? ? A CYS 28 SG ? ? ? 1_555 A CYS 43 SG ? ? A CYS 28 A CYS 43 1_555 ? ? ? ? ? ? ? 2.095 ? ? 
disulf5 disulf ? ? B CYS 10 SG ? ? ? 1_555 B CYS 35 SG ? ? B CYS 10 B CYS 35 1_555 ? ? ? ? ? ? ? 2.072 ? ? 
disulf6 disulf ? ? B CYS 18 SG ? ? ? 1_555 B CYS 39 SG ? ? B CYS 18 B CYS 39 1_555 ? ? ? ? ? ? ? 2.004 ? ? 
disulf7 disulf ? ? B CYS 22 SG ? ? ? 1_555 B CYS 34 SG ? ? B CYS 22 B CYS 34 1_555 ? ? ? ? ? ? ? 2.094 ? ? 
disulf8 disulf ? ? B CYS 28 SG ? ? ? 1_555 B CYS 43 SG ? ? B CYS 28 B CYS 43 1_555 ? ? ? ? ? ? ? 2.105 ? ? 
# 
_struct_conn_type.id          disulf 
_struct_conn_type.criteria    ? 
_struct_conn_type.reference   ? 
# 
loop_
_pdbx_modification_feature.ordinal 
_pdbx_modification_feature.label_comp_id 
_pdbx_modification_feature.label_asym_id 
_pdbx_modification_feature.label_seq_id 
_pdbx_modification_feature.label_alt_id 
_pdbx_modification_feature.modified_residue_label_comp_id 
_pdbx_modification_feature.modified_residue_label_asym_id 
_pdbx_modification_feature.modified_residue_label_seq_id 
_pdbx_modification_feature.modified_residue_label_alt_id 
_pdbx_modification_feature.auth_comp_id 
_pdbx_modification_feature.auth_asym_id 
_pdbx_modification_feature.auth_seq_id 
_pdbx_modification_feature.PDB_ins_code 
_pdbx_modification_feature.symmetry 
_pdbx_modification_feature.modified_residue_auth_comp_id 
_pdbx_modification_feature.modified_residue_auth_asym_id 
_pdbx_modification_feature.modified_residue_auth_seq_id 
_pdbx_modification_feature.modified_residue_PDB_ins_code 
_pdbx_modification_feature.modified_residue_symmetry 
_pdbx_modification_feature.comp_id_linking_atom 
_pdbx_modification_feature.modified_residue_id_linking_atom 
_pdbx_modification_feature.modified_residue_id 
_pdbx_modification_feature.ref_pcm_id 
_pdbx_modification_feature.ref_comp_id 
_pdbx_modification_feature.type 
_pdbx_modification_feature.category 
1 CYS A 10 ? CYS A 35 ? CYS A 10 ? 1_555 CYS A 35 ? 1_555 SG SG . . . None 'Disulfide bridge' 
2 CYS A 18 ? CYS A 39 ? CYS A 18 ? 1_555 CYS A 39 ? 1_555 SG SG . . . None 'Disulfide bridge' 
3 CYS A 22 ? CYS A 34 ? CYS A 22 ? 1_555 CYS A 34 ? 1_555 SG SG . . . None 'Disulfide bridge' 
4 CYS A 28 ? CYS A 43 ? CYS A 28 ? 1_555 CYS A 43 ? 1_555 SG SG . . . None 'Disulfide bridge' 
5 CYS B 10 ? CYS B 35 ? CYS B 10 ? 1_555 CYS B 35 ? 1_555 SG SG . . . None 'Disulfide bridge' 
6 CYS B 18 ? CYS B 39 ? CYS B 18 ? 1_555 CYS B 39 ? 1_555 SG SG . . . None 'Disulfide bridge' 
7 CYS B 22 ? CYS B 34 ? CYS B 22 ? 1_555 CYS B 34 ? 1_555 SG SG . . . None 'Disulfide bridge' 
8 CYS B 28 ? CYS B 43 ? CYS B 28 ? 1_555 CYS B 43 ? 1_555 SG SG . . . None 'Disulfide bridge' 
# 
loop_
_struct_mon_prot_cis.pdbx_id 
_struct_mon_prot_cis.label_comp_id 
_struct_mon_prot_cis.label_seq_id 
_struct_mon_prot_cis.label_asym_id 
_struct_mon_prot_cis.label_alt_id 
_struct_mon_prot_cis.pdbx_PDB_ins_code 
_struct_mon_prot_cis.auth_comp_id 
_struct_mon_prot_cis.auth_seq_id 
_struct_mon_prot_cis.auth_asym_id 
_struct_mon_prot_cis.pdbx_label_comp_id_2 
_struct_mon_prot_cis.pdbx_label_seq_id_2 
_struct_mon_prot_cis.pdbx_label_asym_id_2 
_struct_mon_prot_cis.pdbx_PDB_ins_code_2 
_struct_mon_prot_cis.pdbx_auth_comp_id_2 
_struct_mon_prot_cis.pdbx_auth_seq_id_2 
_struct_mon_prot_cis.pdbx_auth_asym_id_2 
_struct_mon_prot_cis.pdbx_PDB_model_num 
_struct_mon_prot_cis.pdbx_omega_angle 
1 LYS 16 A . ? LYS 16 A PRO 17 A ? PRO 17 A 1 1.99  
2 LYS 16 B . ? LYS 16 B PRO 17 B ? PRO 17 B 1 -0.81 
# 
loop_
_struct_sheet.id 
_struct_sheet.type 
_struct_sheet.number_strands 
_struct_sheet.details 
A ? 2 ? 
B ? 2 ? 
# 
loop_
_struct_sheet_order.sheet_id 
_struct_sheet_order.range_id_1 
_struct_sheet_order.range_id_2 
_struct_sheet_order.offset 
_struct_sheet_order.sense 
A 1 2 ? anti-parallel 
B 1 2 ? anti-parallel 
# 
loop_
_struct_sheet_range.sheet_id 
_struct_sheet_range.id 
_struct_sheet_range.beg_label_comp_id 
_struct_sheet_range.beg_label_asym_id 
_struct_sheet_range.beg_label_seq_id 
_struct_sheet_range.pdbx_beg_PDB_ins_code 
_struct_sheet_range.end_label_comp_id 
_struct_sheet_range.end_label_asym_id 
_struct_sheet_range.end_label_seq_id 
_struct_sheet_range.pdbx_end_PDB_ins_code 
_struct_sheet_range.beg_auth_comp_id 
_struct_sheet_range.beg_auth_asym_id 
_struct_sheet_range.beg_auth_seq_id 
_struct_sheet_range.end_auth_comp_id 
_struct_sheet_range.end_auth_asym_id 
_struct_sheet_range.end_auth_seq_id 
A 1 LYS A 33 ? ASN A 36 ? LYS A 33 ASN A 36 
A 2 ASP A 41 ? ARG A 44 ? ASP A 41 ARG A 44 
B 1 LYS B 33 ? ASN B 36 ? LYS B 33 ASN B 36 
B 2 ASP B 41 ? ARG B 44 ? ASP B 41 ARG B 44 
# 
loop_
_pdbx_struct_sheet_hbond.sheet_id 
_pdbx_struct_sheet_hbond.range_id_1 
_pdbx_struct_sheet_hbond.range_id_2 
_pdbx_struct_sheet_hbond.range_1_label_atom_id 
_pdbx_struct_sheet_hbond.range_1_label_comp_id 
_pdbx_struct_sheet_hbond.range_1_label_asym_id 
_pdbx_struct_sheet_hbond.range_1_label_seq_id 
_pdbx_struct_sheet_hbond.range_1_PDB_ins_code 
_pdbx_struct_sheet_hbond.range_1_auth_atom_id 
_pdbx_struct_sheet_hbond.range_1_auth_comp_id 
_pdbx_struct_sheet_hbond.range_1_auth_asym_id 
_pdbx_struct_sheet_hbond.range_1_auth_seq_id 
_pdbx_struct_sheet_hbond.range_2_label_atom_id 
_pdbx_struct_sheet_hbond.range_2_label_comp_id 
_pdbx_struct_sheet_hbond.range_2_label_asym_id 
_pdbx_struct_sheet_hbond.range_2_label_seq_id 
_pdbx_struct_sheet_hbond.range_2_PDB_ins_code 
_pdbx_struct_sheet_hbond.range_2_auth_atom_id 
_pdbx_struct_sheet_hbond.range_2_auth_comp_id 
_pdbx_struct_sheet_hbond.range_2_auth_asym_id 
_pdbx_struct_sheet_hbond.range_2_auth_seq_id 
A 1 2 N CYS A 35 ? N CYS A 35 O GLU A 42 ? O GLU A 42 
B 1 2 N CYS B 35 ? N CYS B 35 O GLU B 42 ? O GLU B 42 
# 
_pdbx_entry_details.entry_id                   3NGG 
_pdbx_entry_details.compound_details           ? 
_pdbx_entry_details.source_details             ? 
_pdbx_entry_details.nonpolymer_details         ? 
_pdbx_entry_details.sequence_details           ? 
_pdbx_entry_details.has_ligand_of_interest     ? 
_pdbx_entry_details.has_protein_modification   Y 
# 
_pdbx_validate_rmsd_angle.id                         1 
_pdbx_validate_rmsd_angle.PDB_model_num              1 
_pdbx_validate_rmsd_angle.auth_atom_id_1             CB 
_pdbx_validate_rmsd_angle.auth_asym_id_1             A 
_pdbx_validate_rmsd_angle.auth_comp_id_1             ASP 
_pdbx_validate_rmsd_angle.auth_seq_id_1              26 
_pdbx_validate_rmsd_angle.PDB_ins_code_1             ? 
_pdbx_validate_rmsd_angle.label_alt_id_1             ? 
_pdbx_validate_rmsd_angle.auth_atom_id_2             CG 
_pdbx_validate_rmsd_angle.auth_asym_id_2             A 
_pdbx_validate_rmsd_angle.auth_comp_id_2             ASP 
_pdbx_validate_rmsd_angle.auth_seq_id_2              26 
_pdbx_validate_rmsd_angle.PDB_ins_code_2             ? 
_pdbx_validate_rmsd_angle.label_alt_id_2             ? 
_pdbx_validate_rmsd_angle.auth_atom_id_3             OD1 
_pdbx_validate_rmsd_angle.auth_asym_id_3             A 
_pdbx_validate_rmsd_angle.auth_comp_id_3             ASP 
_pdbx_validate_rmsd_angle.auth_seq_id_3              26 
_pdbx_validate_rmsd_angle.PDB_ins_code_3             ? 
_pdbx_validate_rmsd_angle.label_alt_id_3             ? 
_pdbx_validate_rmsd_angle.angle_value                123.97 
_pdbx_validate_rmsd_angle.angle_target_value         118.30 
_pdbx_validate_rmsd_angle.angle_deviation            5.67 
_pdbx_validate_rmsd_angle.angle_standard_deviation   0.90 
_pdbx_validate_rmsd_angle.linker_flag                N 
# 
_pdbx_validate_torsion.id              1 
_pdbx_validate_torsion.PDB_model_num   1 
_pdbx_validate_torsion.auth_comp_id    CYS 
_pdbx_validate_torsion.auth_asym_id    A 
_pdbx_validate_torsion.auth_seq_id     18 
_pdbx_validate_torsion.PDB_ins_code    ? 
_pdbx_validate_torsion.label_alt_id    ? 
_pdbx_validate_torsion.phi             -77.10 
_pdbx_validate_torsion.psi             46.60 
# 
loop_
_pdbx_unobs_or_zero_occ_residues.id 
_pdbx_unobs_or_zero_occ_residues.PDB_model_num 
_pdbx_unobs_or_zero_occ_residues.polymer_flag 
_pdbx_unobs_or_zero_occ_residues.occupancy_flag 
_pdbx_unobs_or_zero_occ_residues.auth_asym_id 
_pdbx_unobs_or_zero_occ_residues.auth_comp_id 
_pdbx_unobs_or_zero_occ_residues.auth_seq_id 
_pdbx_unobs_or_zero_occ_residues.PDB_ins_code 
_pdbx_unobs_or_zero_occ_residues.label_asym_id 
_pdbx_unobs_or_zero_occ_residues.label_comp_id 
_pdbx_unobs_or_zero_occ_residues.label_seq_id 
1 1 Y 1 A LYS 1 ? A LYS 1 
2 1 Y 1 A ASP 2 ? A ASP 2 
3 1 Y 1 A ARG 3 ? A ARG 3 
4 1 Y 1 A PRO 4 ? A PRO 4 
5 1 Y 1 B LYS 1 ? B LYS 1 
6 1 Y 1 B ASP 2 ? B ASP 2 
# 
loop_
_chem_comp_atom.comp_id 
_chem_comp_atom.atom_id 
_chem_comp_atom.type_symbol 
_chem_comp_atom.pdbx_aromatic_flag 
_chem_comp_atom.pdbx_stereo_config 
_chem_comp_atom.pdbx_ordinal 
ARG N    N N N 1   
ARG CA   C N S 2   
ARG C    C N N 3   
ARG O    O N N 4   
ARG CB   C N N 5   
ARG CG   C N N 6   
ARG CD   C N N 7   
ARG NE   N N N 8   
ARG CZ   C N N 9   
ARG NH1  N N N 10  
ARG NH2  N N N 11  
ARG OXT  O N N 12  
ARG H    H N N 13  
ARG H2   H N N 14  
ARG HA   H N N 15  
ARG HB2  H N N 16  
ARG HB3  H N N 17  
ARG HG2  H N N 18  
ARG HG3  H N N 19  
ARG HD2  H N N 20  
ARG HD3  H N N 21  
ARG HE   H N N 22  
ARG HH11 H N N 23  
ARG HH12 H N N 24  
ARG HH21 H N N 25  
ARG HH22 H N N 26  
ARG HXT  H N N 27  
ASN N    N N N 28  
ASN CA   C N S 29  
ASN C    C N N 30  
ASN O    O N N 31  
ASN CB   C N N 32  
ASN CG   C N N 33  
ASN OD1  O N N 34  
ASN ND2  N N N 35  
ASN OXT  O N N 36  
ASN H    H N N 37  
ASN H2   H N N 38  
ASN HA   H N N 39  
ASN HB2  H N N 40  
ASN HB3  H N N 41  
ASN HD21 H N N 42  
ASN HD22 H N N 43  
ASN HXT  H N N 44  
ASP N    N N N 45  
ASP CA   C N S 46  
ASP C    C N N 47  
ASP O    O N N 48  
ASP CB   C N N 49  
ASP CG   C N N 50  
ASP OD1  O N N 51  
ASP OD2  O N N 52  
ASP OXT  O N N 53  
ASP H    H N N 54  
ASP H2   H N N 55  
ASP HA   H N N 56  
ASP HB2  H N N 57  
ASP HB3  H N N 58  
ASP HD2  H N N 59  
ASP HXT  H N N 60  
CYS N    N N N 61  
CYS CA   C N R 62  
CYS C    C N N 63  
CYS O    O N N 64  
CYS CB   C N N 65  
CYS SG   S N N 66  
CYS OXT  O N N 67  
CYS H    H N N 68  
CYS H2   H N N 69  
CYS HA   H N N 70  
CYS HB2  H N N 71  
CYS HB3  H N N 72  
CYS HG   H N N 73  
CYS HXT  H N N 74  
GLN N    N N N 75  
GLN CA   C N S 76  
GLN C    C N N 77  
GLN O    O N N 78  
GLN CB   C N N 79  
GLN CG   C N N 80  
GLN CD   C N N 81  
GLN OE1  O N N 82  
GLN NE2  N N N 83  
GLN OXT  O N N 84  
GLN H    H N N 85  
GLN H2   H N N 86  
GLN HA   H N N 87  
GLN HB2  H N N 88  
GLN HB3  H N N 89  
GLN HG2  H N N 90  
GLN HG3  H N N 91  
GLN HE21 H N N 92  
GLN HE22 H N N 93  
GLN HXT  H N N 94  
GLU N    N N N 95  
GLU CA   C N S 96  
GLU C    C N N 97  
GLU O    O N N 98  
GLU CB   C N N 99  
GLU CG   C N N 100 
GLU CD   C N N 101 
GLU OE1  O N N 102 
GLU OE2  O N N 103 
GLU OXT  O N N 104 
GLU H    H N N 105 
GLU H2   H N N 106 
GLU HA   H N N 107 
GLU HB2  H N N 108 
GLU HB3  H N N 109 
GLU HG2  H N N 110 
GLU HG3  H N N 111 
GLU HE2  H N N 112 
GLU HXT  H N N 113 
GLY N    N N N 114 
GLY CA   C N N 115 
GLY C    C N N 116 
GLY O    O N N 117 
GLY OXT  O N N 118 
GLY H    H N N 119 
GLY H2   H N N 120 
GLY HA2  H N N 121 
GLY HA3  H N N 122 
GLY HXT  H N N 123 
HOH O    O N N 124 
HOH H1   H N N 125 
HOH H2   H N N 126 
ILE N    N N N 127 
ILE CA   C N S 128 
ILE C    C N N 129 
ILE O    O N N 130 
ILE CB   C N S 131 
ILE CG1  C N N 132 
ILE CG2  C N N 133 
ILE CD1  C N N 134 
ILE OXT  O N N 135 
ILE H    H N N 136 
ILE H2   H N N 137 
ILE HA   H N N 138 
ILE HB   H N N 139 
ILE HG12 H N N 140 
ILE HG13 H N N 141 
ILE HG21 H N N 142 
ILE HG22 H N N 143 
ILE HG23 H N N 144 
ILE HD11 H N N 145 
ILE HD12 H N N 146 
ILE HD13 H N N 147 
ILE HXT  H N N 148 
LEU N    N N N 149 
LEU CA   C N S 150 
LEU C    C N N 151 
LEU O    O N N 152 
LEU CB   C N N 153 
LEU CG   C N N 154 
LEU CD1  C N N 155 
LEU CD2  C N N 156 
LEU OXT  O N N 157 
LEU H    H N N 158 
LEU H2   H N N 159 
LEU HA   H N N 160 
LEU HB2  H N N 161 
LEU HB3  H N N 162 
LEU HG   H N N 163 
LEU HD11 H N N 164 
LEU HD12 H N N 165 
LEU HD13 H N N 166 
LEU HD21 H N N 167 
LEU HD22 H N N 168 
LEU HD23 H N N 169 
LEU HXT  H N N 170 
LYS N    N N N 171 
LYS CA   C N S 172 
LYS C    C N N 173 
LYS O    O N N 174 
LYS CB   C N N 175 
LYS CG   C N N 176 
LYS CD   C N N 177 
LYS CE   C N N 178 
LYS NZ   N N N 179 
LYS OXT  O N N 180 
LYS H    H N N 181 
LYS H2   H N N 182 
LYS HA   H N N 183 
LYS HB2  H N N 184 
LYS HB3  H N N 185 
LYS HG2  H N N 186 
LYS HG3  H N N 187 
LYS HD2  H N N 188 
LYS HD3  H N N 189 
LYS HE2  H N N 190 
LYS HE3  H N N 191 
LYS HZ1  H N N 192 
LYS HZ2  H N N 193 
LYS HZ3  H N N 194 
LYS HXT  H N N 195 
PHE N    N N N 196 
PHE CA   C N S 197 
PHE C    C N N 198 
PHE O    O N N 199 
PHE CB   C N N 200 
PHE CG   C Y N 201 
PHE CD1  C Y N 202 
PHE CD2  C Y N 203 
PHE CE1  C Y N 204 
PHE CE2  C Y N 205 
PHE CZ   C Y N 206 
PHE OXT  O N N 207 
PHE H    H N N 208 
PHE H2   H N N 209 
PHE HA   H N N 210 
PHE HB2  H N N 211 
PHE HB3  H N N 212 
PHE HD1  H N N 213 
PHE HD2  H N N 214 
PHE HE1  H N N 215 
PHE HE2  H N N 216 
PHE HZ   H N N 217 
PHE HXT  H N N 218 
PRO N    N N N 219 
PRO CA   C N S 220 
PRO C    C N N 221 
PRO O    O N N 222 
PRO CB   C N N 223 
PRO CG   C N N 224 
PRO CD   C N N 225 
PRO OXT  O N N 226 
PRO H    H N N 227 
PRO HA   H N N 228 
PRO HB2  H N N 229 
PRO HB3  H N N 230 
PRO HG2  H N N 231 
PRO HG3  H N N 232 
PRO HD2  H N N 233 
PRO HD3  H N N 234 
PRO HXT  H N N 235 
SER N    N N N 236 
SER CA   C N S 237 
SER C    C N N 238 
SER O    O N N 239 
SER CB   C N N 240 
SER OG   O N N 241 
SER OXT  O N N 242 
SER H    H N N 243 
SER H2   H N N 244 
SER HA   H N N 245 
SER HB2  H N N 246 
SER HB3  H N N 247 
SER HG   H N N 248 
SER HXT  H N N 249 
TYR N    N N N 250 
TYR CA   C N S 251 
TYR C    C N N 252 
TYR O    O N N 253 
TYR CB   C N N 254 
TYR CG   C Y N 255 
TYR CD1  C Y N 256 
TYR CD2  C Y N 257 
TYR CE1  C Y N 258 
TYR CE2  C Y N 259 
TYR CZ   C Y N 260 
TYR OH   O N N 261 
TYR OXT  O N N 262 
TYR H    H N N 263 
TYR H2   H N N 264 
TYR HA   H N N 265 
TYR HB2  H N N 266 
TYR HB3  H N N 267 
TYR HD1  H N N 268 
TYR HD2  H N N 269 
TYR HE1  H N N 270 
TYR HE2  H N N 271 
TYR HH   H N N 272 
TYR HXT  H N N 273 
VAL N    N N N 274 
VAL CA   C N S 275 
VAL C    C N N 276 
VAL O    O N N 277 
VAL CB   C N N 278 
VAL CG1  C N N 279 
VAL CG2  C N N 280 
VAL OXT  O N N 281 
VAL H    H N N 282 
VAL H2   H N N 283 
VAL HA   H N N 284 
VAL HB   H N N 285 
VAL HG11 H N N 286 
VAL HG12 H N N 287 
VAL HG13 H N N 288 
VAL HG21 H N N 289 
VAL HG22 H N N 290 
VAL HG23 H N N 291 
VAL HXT  H N N 292 
# 
loop_
_chem_comp_bond.comp_id 
_chem_comp_bond.atom_id_1 
_chem_comp_bond.atom_id_2 
_chem_comp_bond.value_order 
_chem_comp_bond.pdbx_aromatic_flag 
_chem_comp_bond.pdbx_stereo_config 
_chem_comp_bond.pdbx_ordinal 
ARG N   CA   sing N N 1   
ARG N   H    sing N N 2   
ARG N   H2   sing N N 3   
ARG CA  C    sing N N 4   
ARG CA  CB   sing N N 5   
ARG CA  HA   sing N N 6   
ARG C   O    doub N N 7   
ARG C   OXT  sing N N 8   
ARG CB  CG   sing N N 9   
ARG CB  HB2  sing N N 10  
ARG CB  HB3  sing N N 11  
ARG CG  CD   sing N N 12  
ARG CG  HG2  sing N N 13  
ARG CG  HG3  sing N N 14  
ARG CD  NE   sing N N 15  
ARG CD  HD2  sing N N 16  
ARG CD  HD3  sing N N 17  
ARG NE  CZ   sing N N 18  
ARG NE  HE   sing N N 19  
ARG CZ  NH1  sing N N 20  
ARG CZ  NH2  doub N N 21  
ARG NH1 HH11 sing N N 22  
ARG NH1 HH12 sing N N 23  
ARG NH2 HH21 sing N N 24  
ARG NH2 HH22 sing N N 25  
ARG OXT HXT  sing N N 26  
ASN N   CA   sing N N 27  
ASN N   H    sing N N 28  
ASN N   H2   sing N N 29  
ASN CA  C    sing N N 30  
ASN CA  CB   sing N N 31  
ASN CA  HA   sing N N 32  
ASN C   O    doub N N 33  
ASN C   OXT  sing N N 34  
ASN CB  CG   sing N N 35  
ASN CB  HB2  sing N N 36  
ASN CB  HB3  sing N N 37  
ASN CG  OD1  doub N N 38  
ASN CG  ND2  sing N N 39  
ASN ND2 HD21 sing N N 40  
ASN ND2 HD22 sing N N 41  
ASN OXT HXT  sing N N 42  
ASP N   CA   sing N N 43  
ASP N   H    sing N N 44  
ASP N   H2   sing N N 45  
ASP CA  C    sing N N 46  
ASP CA  CB   sing N N 47  
ASP CA  HA   sing N N 48  
ASP C   O    doub N N 49  
ASP C   OXT  sing N N 50  
ASP CB  CG   sing N N 51  
ASP CB  HB2  sing N N 52  
ASP CB  HB3  sing N N 53  
ASP CG  OD1  doub N N 54  
ASP CG  OD2  sing N N 55  
ASP OD2 HD2  sing N N 56  
ASP OXT HXT  sing N N 57  
CYS N   CA   sing N N 58  
CYS N   H    sing N N 59  
CYS N   H2   sing N N 60  
CYS CA  C    sing N N 61  
CYS CA  CB   sing N N 62  
CYS CA  HA   sing N N 63  
CYS C   O    doub N N 64  
CYS C   OXT  sing N N 65  
CYS CB  SG   sing N N 66  
CYS CB  HB2  sing N N 67  
CYS CB  HB3  sing N N 68  
CYS SG  HG   sing N N 69  
CYS OXT HXT  sing N N 70  
GLN N   CA   sing N N 71  
GLN N   H    sing N N 72  
GLN N   H2   sing N N 73  
GLN CA  C    sing N N 74  
GLN CA  CB   sing N N 75  
GLN CA  HA   sing N N 76  
GLN C   O    doub N N 77  
GLN C   OXT  sing N N 78  
GLN CB  CG   sing N N 79  
GLN CB  HB2  sing N N 80  
GLN CB  HB3  sing N N 81  
GLN CG  CD   sing N N 82  
GLN CG  HG2  sing N N 83  
GLN CG  HG3  sing N N 84  
GLN CD  OE1  doub N N 85  
GLN CD  NE2  sing N N 86  
GLN NE2 HE21 sing N N 87  
GLN NE2 HE22 sing N N 88  
GLN OXT HXT  sing N N 89  
GLU N   CA   sing N N 90  
GLU N   H    sing N N 91  
GLU N   H2   sing N N 92  
GLU CA  C    sing N N 93  
GLU CA  CB   sing N N 94  
GLU CA  HA   sing N N 95  
GLU C   O    doub N N 96  
GLU C   OXT  sing N N 97  
GLU CB  CG   sing N N 98  
GLU CB  HB2  sing N N 99  
GLU CB  HB3  sing N N 100 
GLU CG  CD   sing N N 101 
GLU CG  HG2  sing N N 102 
GLU CG  HG3  sing N N 103 
GLU CD  OE1  doub N N 104 
GLU CD  OE2  sing N N 105 
GLU OE2 HE2  sing N N 106 
GLU OXT HXT  sing N N 107 
GLY N   CA   sing N N 108 
GLY N   H    sing N N 109 
GLY N   H2   sing N N 110 
GLY CA  C    sing N N 111 
GLY CA  HA2  sing N N 112 
GLY CA  HA3  sing N N 113 
GLY C   O    doub N N 114 
GLY C   OXT  sing N N 115 
GLY OXT HXT  sing N N 116 
HOH O   H1   sing N N 117 
HOH O   H2   sing N N 118 
ILE N   CA   sing N N 119 
ILE N   H    sing N N 120 
ILE N   H2   sing N N 121 
ILE CA  C    sing N N 122 
ILE CA  CB   sing N N 123 
ILE CA  HA   sing N N 124 
ILE C   O    doub N N 125 
ILE C   OXT  sing N N 126 
ILE CB  CG1  sing N N 127 
ILE CB  CG2  sing N N 128 
ILE CB  HB   sing N N 129 
ILE CG1 CD1  sing N N 130 
ILE CG1 HG12 sing N N 131 
ILE CG1 HG13 sing N N 132 
ILE CG2 HG21 sing N N 133 
ILE CG2 HG22 sing N N 134 
ILE CG2 HG23 sing N N 135 
ILE CD1 HD11 sing N N 136 
ILE CD1 HD12 sing N N 137 
ILE CD1 HD13 sing N N 138 
ILE OXT HXT  sing N N 139 
LEU N   CA   sing N N 140 
LEU N   H    sing N N 141 
LEU N   H2   sing N N 142 
LEU CA  C    sing N N 143 
LEU CA  CB   sing N N 144 
LEU CA  HA   sing N N 145 
LEU C   O    doub N N 146 
LEU C   OXT  sing N N 147 
LEU CB  CG   sing N N 148 
LEU CB  HB2  sing N N 149 
LEU CB  HB3  sing N N 150 
LEU CG  CD1  sing N N 151 
LEU CG  CD2  sing N N 152 
LEU CG  HG   sing N N 153 
LEU CD1 HD11 sing N N 154 
LEU CD1 HD12 sing N N 155 
LEU CD1 HD13 sing N N 156 
LEU CD2 HD21 sing N N 157 
LEU CD2 HD22 sing N N 158 
LEU CD2 HD23 sing N N 159 
LEU OXT HXT  sing N N 160 
LYS N   CA   sing N N 161 
LYS N   H    sing N N 162 
LYS N   H2   sing N N 163 
LYS CA  C    sing N N 164 
LYS CA  CB   sing N N 165 
LYS CA  HA   sing N N 166 
LYS C   O    doub N N 167 
LYS C   OXT  sing N N 168 
LYS CB  CG   sing N N 169 
LYS CB  HB2  sing N N 170 
LYS CB  HB3  sing N N 171 
LYS CG  CD   sing N N 172 
LYS CG  HG2  sing N N 173 
LYS CG  HG3  sing N N 174 
LYS CD  CE   sing N N 175 
LYS CD  HD2  sing N N 176 
LYS CD  HD3  sing N N 177 
LYS CE  NZ   sing N N 178 
LYS CE  HE2  sing N N 179 
LYS CE  HE3  sing N N 180 
LYS NZ  HZ1  sing N N 181 
LYS NZ  HZ2  sing N N 182 
LYS NZ  HZ3  sing N N 183 
LYS OXT HXT  sing N N 184 
PHE N   CA   sing N N 185 
PHE N   H    sing N N 186 
PHE N   H2   sing N N 187 
PHE CA  C    sing N N 188 
PHE CA  CB   sing N N 189 
PHE CA  HA   sing N N 190 
PHE C   O    doub N N 191 
PHE C   OXT  sing N N 192 
PHE CB  CG   sing N N 193 
PHE CB  HB2  sing N N 194 
PHE CB  HB3  sing N N 195 
PHE CG  CD1  doub Y N 196 
PHE CG  CD2  sing Y N 197 
PHE CD1 CE1  sing Y N 198 
PHE CD1 HD1  sing N N 199 
PHE CD2 CE2  doub Y N 200 
PHE CD2 HD2  sing N N 201 
PHE CE1 CZ   doub Y N 202 
PHE CE1 HE1  sing N N 203 
PHE CE2 CZ   sing Y N 204 
PHE CE2 HE2  sing N N 205 
PHE CZ  HZ   sing N N 206 
PHE OXT HXT  sing N N 207 
PRO N   CA   sing N N 208 
PRO N   CD   sing N N 209 
PRO N   H    sing N N 210 
PRO CA  C    sing N N 211 
PRO CA  CB   sing N N 212 
PRO CA  HA   sing N N 213 
PRO C   O    doub N N 214 
PRO C   OXT  sing N N 215 
PRO CB  CG   sing N N 216 
PRO CB  HB2  sing N N 217 
PRO CB  HB3  sing N N 218 
PRO CG  CD   sing N N 219 
PRO CG  HG2  sing N N 220 
PRO CG  HG3  sing N N 221 
PRO CD  HD2  sing N N 222 
PRO CD  HD3  sing N N 223 
PRO OXT HXT  sing N N 224 
SER N   CA   sing N N 225 
SER N   H    sing N N 226 
SER N   H2   sing N N 227 
SER CA  C    sing N N 228 
SER CA  CB   sing N N 229 
SER CA  HA   sing N N 230 
SER C   O    doub N N 231 
SER C   OXT  sing N N 232 
SER CB  OG   sing N N 233 
SER CB  HB2  sing N N 234 
SER CB  HB3  sing N N 235 
SER OG  HG   sing N N 236 
SER OXT HXT  sing N N 237 
TYR N   CA   sing N N 238 
TYR N   H    sing N N 239 
TYR N   H2   sing N N 240 
TYR CA  C    sing N N 241 
TYR CA  CB   sing N N 242 
TYR CA  HA   sing N N 243 
TYR C   O    doub N N 244 
TYR C   OXT  sing N N 245 
TYR CB  CG   sing N N 246 
TYR CB  HB2  sing N N 247 
TYR CB  HB3  sing N N 248 
TYR CG  CD1  doub Y N 249 
TYR CG  CD2  sing Y N 250 
TYR CD1 CE1  sing Y N 251 
TYR CD1 HD1  sing N N 252 
TYR CD2 CE2  doub Y N 253 
TYR CD2 HD2  sing N N 254 
TYR CE1 CZ   doub Y N 255 
TYR CE1 HE1  sing N N 256 
TYR CE2 CZ   sing Y N 257 
TYR CE2 HE2  sing N N 258 
TYR CZ  OH   sing N N 259 
TYR OH  HH   sing N N 260 
TYR OXT HXT  sing N N 261 
VAL N   CA   sing N N 262 
VAL N   H    sing N N 263 
VAL N   H2   sing N N 264 
VAL CA  C    sing N N 265 
VAL CA  CB   sing N N 266 
VAL CA  HA   sing N N 267 
VAL C   O    doub N N 268 
VAL C   OXT  sing N N 269 
VAL CB  CG1  sing N N 270 
VAL CB  CG2  sing N N 271 
VAL CB  HB   sing N N 272 
VAL CG1 HG11 sing N N 273 
VAL CG1 HG12 sing N N 274 
VAL CG1 HG13 sing N N 275 
VAL CG2 HG21 sing N N 276 
VAL CG2 HG22 sing N N 277 
VAL CG2 HG23 sing N N 278 
VAL OXT HXT  sing N N 279 
# 
_atom_sites.entry_id                    3NGG 
_atom_sites.fract_transf_matrix[1][1]   -0.00505220 
_atom_sites.fract_transf_matrix[1][2]   -0.02091218 
_atom_sites.fract_transf_matrix[1][3]   -0.00726443 
_atom_sites.fract_transf_matrix[2][1]   -0.01765695 
_atom_sites.fract_transf_matrix[2][2]   0.00759563 
_atom_sites.fract_transf_matrix[2][3]   -0.00958572 
_atom_sites.fract_transf_matrix[3][1]   0.01294954 
_atom_sites.fract_transf_matrix[3][2]   0.00301230 
_atom_sites.fract_transf_matrix[3][3]   -0.02146621 
_atom_sites.fract_transf_vector[1]      0.747102 
_atom_sites.fract_transf_vector[2]      0.576346 
_atom_sites.fract_transf_vector[3]      0.007853 
# 
loop_
_atom_type.symbol 
C 
N 
O 
S 
# 
loop_
_atom_site.group_PDB 
_atom_site.id 
_atom_site.type_symbol 
_atom_site.label_atom_id 
_atom_site.label_alt_id 
_atom_site.label_comp_id 
_atom_site.label_asym_id 
_atom_site.label_entity_id 
_atom_site.label_seq_id 
_atom_site.pdbx_PDB_ins_code 
_atom_site.Cartn_x 
_atom_site.Cartn_y 
_atom_site.Cartn_z 
_atom_site.occupancy 
_atom_site.B_iso_or_equiv 
_atom_site.pdbx_formal_charge 
_atom_site.auth_seq_id 
_atom_site.auth_comp_id 
_atom_site.auth_asym_id 
_atom_site.auth_atom_id 
_atom_site.pdbx_PDB_model_num 
ATOM   1   N N   . LYS A 1 5  ? -11.541 11.116  1.023   1.00 30.25 ? 5   LYS A N   1 
ATOM   2   C CA  . LYS A 1 5  ? -10.577 10.784  2.083   1.00 23.34 ? 5   LYS A CA  1 
ATOM   3   C C   . LYS A 1 5  ? -11.114 11.408  3.353   1.00 18.80 ? 5   LYS A C   1 
ATOM   4   O O   . LYS A 1 5  ? -12.120 12.125  3.341   1.00 22.27 ? 5   LYS A O   1 
ATOM   5   C CB  . LYS A 1 5  ? -9.222  11.372  1.722   1.00 29.50 ? 5   LYS A CB  1 
ATOM   6   C CG  . LYS A 1 5  ? -9.219  12.875  1.552   1.00 39.44 ? 5   LYS A CG  1 
ATOM   7   C CD  . LYS A 1 5  ? -8.044  13.333  0.669   1.00 51.81 ? 5   LYS A CD  1 
ATOM   8   C CE  . LYS A 1 5  ? -7.559  14.724  1.069   1.00 58.22 ? 5   LYS A CE  1 
ATOM   9   N NZ  . LYS A 1 5  ? -7.171  14.745  2.510   1.00 60.79 ? 5   LYS A NZ  1 
ATOM   10  N N   . LYS A 1 6  ? -10.435 11.158  4.449   1.00 18.03 ? 6   LYS A N   1 
ATOM   11  C CA  . LYS A 1 6  ? -10.759 11.811  5.687   1.00 18.43 ? 6   LYS A CA  1 
ATOM   12  C C   . LYS A 1 6  ? -9.881  13.070  5.807   1.00 19.54 ? 6   LYS A C   1 
ATOM   13  O O   . LYS A 1 6  ? -8.806  13.157  5.247   1.00 18.32 ? 6   LYS A O   1 
ATOM   14  C CB  . LYS A 1 6  ? -10.546 10.844  6.851   1.00 19.61 ? 6   LYS A CB  1 
ATOM   15  C CG  . LYS A 1 6  ? -11.436 9.602   6.803   1.00 19.22 ? 6   LYS A CG  1 
ATOM   16  C CD  . LYS A 1 6  ? -11.156 8.704   8.001   1.00 19.17 ? 6   LYS A CD  1 
ATOM   17  C CE  . LYS A 1 6  ? -11.759 7.291   7.907   1.00 20.41 ? 6   LYS A CE  1 
ATOM   18  N NZ  . LYS A 1 6  ? -11.320 6.448   9.054   1.00 22.29 ? 6   LYS A NZ  1 
ATOM   19  N N   . PRO A 1 7  ? -10.384 14.095  6.491   1.00 23.13 ? 7   PRO A N   1 
ATOM   20  C CA  . PRO A 1 7  ? -9.594  15.327  6.640   1.00 22.43 ? 7   PRO A CA  1 
ATOM   21  C C   . PRO A 1 7  ? -8.455  15.197  7.645   1.00 20.89 ? 7   PRO A C   1 
ATOM   22  O O   . PRO A 1 7  ? -8.405  14.285  8.481   1.00 19.37 ? 7   PRO A O   1 
ATOM   23  C CB  . PRO A 1 7  ? -10.579 16.353  7.144   1.00 27.06 ? 7   PRO A CB  1 
ATOM   24  C CG  . PRO A 1 7  ? -11.509 15.531  7.898   1.00 26.52 ? 7   PRO A CG  1 
ATOM   25  C CD  . PRO A 1 7  ? -11.686 14.216  7.129   1.00 25.70 ? 7   PRO A CD  1 
ATOM   26  N N   . GLY A 1 8  ? -7.589  16.184  7.551   1.00 18.76 ? 8   GLY A N   1 
ATOM   27  C CA  . GLY A 1 8  ? -6.434  16.272  8.398   1.00 14.97 ? 8   GLY A CA  1 
ATOM   28  C C   . GLY A 1 8  ? -5.194  15.720  7.744   1.00 14.49 ? 8   GLY A C   1 
ATOM   29  O O   . GLY A 1 8  ? -5.229  15.129  6.674   1.00 15.92 ? 8   GLY A O   1 
ATOM   30  N N   . LEU A 1 9  ? -4.067  15.970  8.405   1.00 12.49 ? 9   LEU A N   1 
ATOM   31  C CA  . LEU A 1 9  ? -2.758  15.575  7.901   1.00 12.12 ? 9   LEU A CA  1 
ATOM   32  C C   . LEU A 1 9  ? -2.231  14.380  8.685   1.00 11.29 ? 9   LEU A C   1 
ATOM   33  O O   . LEU A 1 9  ? -2.459  14.196  9.873   1.00 14.12 ? 9   LEU A O   1 
ATOM   34  C CB  . LEU A 1 9  ? -1.797  16.739  8.043   1.00 13.36 ? 9   LEU A CB  1 
ATOM   35  C CG  . LEU A 1 9  ? -2.191  18.026  7.302   1.00 15.36 ? 9   LEU A CG  1 
ATOM   36  C CD1 . LEU A 1 9  ? -1.208  19.156  7.648   1.00 17.44 ? 9   LEU A CD1 1 
ATOM   37  C CD2 . LEU A 1 9  ? -2.335  17.762  5.823   1.00 18.84 ? 9   LEU A CD2 1 
ATOM   38  N N   . CYS A 1 10 ? -1.474  13.563  7.982   1.00 10.56 ? 10  CYS A N   1 
ATOM   39  C CA  . CYS A 1 10 ? -0.796  12.453  8.636   1.00 9.97  ? 10  CYS A CA  1 
ATOM   40  C C   . CYS A 1 10 ? 0.336   13.011  9.505   1.00 8.48  ? 10  CYS A C   1 
ATOM   41  O O   . CYS A 1 10 ? 1.031   13.946  9.102   1.00 9.58  ? 10  CYS A O   1 
ATOM   42  C CB  . CYS A 1 10 ? -0.208  11.553  7.578   1.00 9.41  ? 10  CYS A CB  1 
ATOM   43  S SG  . CYS A 1 10 ? -1.454  10.585  6.663   1.00 11.65 ? 10  CYS A SG  1 
ATOM   44  N N   . PRO A 1 11 ? 0.520   12.442  10.689  1.00 8.87  ? 11  PRO A N   1 
ATOM   45  C CA  . PRO A 1 11 ? 1.584   12.891  11.591  1.00 9.55  ? 11  PRO A CA  1 
ATOM   46  C C   . PRO A 1 11 ? 2.946   12.355  11.187  1.00 8.20  ? 11  PRO A C   1 
ATOM   47  O O   . PRO A 1 11 ? 3.036   11.332  10.518  1.00 8.86  ? 11  PRO A O   1 
ATOM   48  C CB  . PRO A 1 11 ? 1.134   12.309  12.927  1.00 11.15 ? 11  PRO A CB  1 
ATOM   49  C CG  . PRO A 1 11 ? 0.492   10.984  12.542  1.00 10.69 ? 11  PRO A CG  1 
ATOM   50  C CD  . PRO A 1 11 ? -0.251  11.333  11.276  1.00 10.62 ? 11  PRO A CD  1 
ATOM   51  N N   . PRO A 1 12 ? 4.018   12.989  11.626  1.00 8.74  ? 12  PRO A N   1 
ATOM   52  C CA  . PRO A 1 12 ? 5.336   12.490  11.263  1.00 8.51  ? 12  PRO A CA  1 
ATOM   53  C C   . PRO A 1 12 ? 5.591   11.135  11.955  1.00 9.79  ? 12  PRO A C   1 
ATOM   54  O O   . PRO A 1 12 ? 5.255   10.967  13.137  1.00 11.26 ? 12  PRO A O   1 
ATOM   55  C CB  . PRO A 1 12 ? 6.290   13.544  11.824  1.00 11.76 ? 12  PRO A CB  1 
ATOM   56  C CG  . PRO A 1 12 ? 5.499   14.397  12.662  1.00 16.27 ? 12  PRO A CG  1 
ATOM   57  C CD  . PRO A 1 12 ? 4.094   14.216  12.422  1.00 11.77 ? 12  PRO A CD  1 
ATOM   58  N N   . ARG A 1 13 ? 6.221   10.200  11.250  1.00 8.49  ? 13  ARG A N   1 
ATOM   59  C CA  . ARG A 1 13 ? 6.542   8.895   11.832  1.00 8.94  ? 13  ARG A CA  1 
ATOM   60  C C   . ARG A 1 13 ? 7.901   8.450   11.307  1.00 9.90  ? 13  ARG A C   1 
ATOM   61  O O   . ARG A 1 13 ? 8.315   8.841   10.226  1.00 12.32 ? 13  ARG A O   1 
ATOM   62  C CB  . ARG A 1 13 ? 5.490   7.854   11.475  1.00 8.83  ? 13  ARG A CB  1 
ATOM   63  C CG  . ARG A 1 13 ? 4.140   8.099   12.066  1.00 9.00  ? 13  ARG A CG  1 
ATOM   64  C CD  . ARG A 1 13 ? 4.069   7.816   13.539  1.00 10.72 ? 13  ARG A CD  1 
ATOM   65  N NE  . ARG A 1 13 ? 3.994   6.383   13.796  1.00 11.54 ? 13  ARG A NE  1 
ATOM   66  C CZ  . ARG A 1 13 ? 4.158   5.796   14.987  1.00 12.89 ? 13  ARG A CZ  1 
ATOM   67  N NH1 . ARG A 1 13 ? 4.535   6.484   16.068  1.00 16.50 ? 13  ARG A NH1 1 
ATOM   68  N NH2 . ARG A 1 13 ? 3.890   4.494   15.107  1.00 16.66 ? 13  ARG A NH2 1 
ATOM   69  N N   . PRO A 1 14 ? 8.559   7.574   12.083  1.00 10.96 ? 14  PRO A N   1 
ATOM   70  C CA  . PRO A 1 14 ? 9.700   6.900   11.527  1.00 11.15 ? 14  PRO A CA  1 
ATOM   71  C C   . PRO A 1 14 ? 9.277   6.036   10.328  1.00 10.92 ? 14  PRO A C   1 
ATOM   72  O O   . PRO A 1 14 ? 8.129   5.648   10.205  1.00 13.66 ? 14  PRO A O   1 
ATOM   73  C CB  . PRO A 1 14 ? 10.189  6.003   12.682  1.00 13.00 ? 14  PRO A CB  1 
ATOM   74  C CG  . PRO A 1 14 ? 9.483   6.429   13.863  1.00 19.83 ? 14  PRO A CG  1 
ATOM   75  C CD  . PRO A 1 14 ? 8.239   7.135   13.440  1.00 12.89 ? 14  PRO A CD  1 
ATOM   76  N N   . GLN A 1 15 ? 10.234  5.696   9.497   1.00 11.75 ? 15  GLN A N   1 
ATOM   77  C CA  . GLN A 1 15 ? 9.926   4.982   8.293   1.00 13.06 ? 15  GLN A CA  1 
ATOM   78  C C   . GLN A 1 15 ? 9.648   3.497   8.506   1.00 13.66 ? 15  GLN A C   1 
ATOM   79  O O   . GLN A 1 15 ? 8.893   2.911   7.764   1.00 22.35 ? 15  GLN A O   1 
ATOM   80  C CB  . GLN A 1 15 ? 11.034  5.232   7.257   1.00 15.17 ? 15  GLN A CB  1 
ATOM   81  C CG  . GLN A 1 15 ? 11.660  6.700   7.146   1.00 15.19 ? 15  GLN A CG  1 
ATOM   82  C CD  . GLN A 1 15 ? 10.798  7.888   6.713   1.00 15.18 ? 15  GLN A CD  1 
ATOM   83  O OE1 . GLN A 1 15 ? 11.159  9.013   6.986   1.00 15.39 ? 15  GLN A OE1 1 
ATOM   84  N NE2 . GLN A 1 15 ? 9.657   7.658   6.097   1.00 14.45 ? 15  GLN A NE2 1 
ATOM   85  N N   . LYS A 1 16 ? 10.240  2.881   9.512   1.00 13.46 ? 16  LYS A N   1 
ATOM   86  C CA  . LYS A 1 16 ? 10.080  1.475   9.806   1.00 14.99 ? 16  LYS A CA  1 
ATOM   87  C C   . LYS A 1 16 ? 9.280   1.375   11.073  1.00 21.23 ? 16  LYS A C   1 
ATOM   88  O O   . LYS A 1 16 ? 9.202   2.337   11.832  1.00 25.10 ? 16  LYS A O   1 
ATOM   89  C CB  . LYS A 1 16 ? 11.434  0.790   9.955   1.00 21.12 ? 16  LYS A CB  1 
ATOM   90  C CG  . LYS A 1 16 ? 12.196  0.810   8.658   1.00 23.92 ? 16  LYS A CG  1 
ATOM   91  C CD  . LYS A 1 16 ? 13.413  -0.042  8.759   1.00 31.49 ? 16  LYS A CD  1 
ATOM   92  C CE  . LYS A 1 16 ? 14.041  -0.163  7.415   1.00 31.39 ? 16  LYS A CE  1 
ATOM   93  N NZ  . LYS A 1 16 ? 15.001  -1.309  7.413   1.00 33.30 ? 16  LYS A NZ  1 
ATOM   94  N N   . PRO A 1 17 ? 8.663   0.232   11.323  1.00 22.04 ? 17  PRO A N   1 
ATOM   95  C CA  . PRO A 1 17 ? 8.646   -1.017  10.579  1.00 20.46 ? 17  PRO A CA  1 
ATOM   96  C C   . PRO A 1 17 ? 7.865   -0.965  9.262   1.00 17.91 ? 17  PRO A C   1 
ATOM   97  O O   . PRO A 1 17 ? 6.919   -0.225  9.159   1.00 18.34 ? 17  PRO A O   1 
ATOM   98  C CB  . PRO A 1 17 ? 7.985   -1.965  11.573  1.00 24.96 ? 17  PRO A CB  1 
ATOM   99  C CG  . PRO A 1 17 ? 7.098   -1.044  12.376  1.00 25.63 ? 17  PRO A CG  1 
ATOM   100 C CD  . PRO A 1 17 ? 7.821   0.190   12.536  1.00 27.10 ? 17  PRO A CD  1 
ATOM   101 N N   . CYS A 1 18 ? 8.226   -1.791  8.288   1.00 16.27 ? 18  CYS A N   1 
ATOM   102 C CA  . CYS A 1 18 ? 7.524   -1.842  6.995   1.00 16.28 ? 18  CYS A CA  1 
ATOM   103 C C   . CYS A 1 18 ? 6.139   -2.589  6.917   1.00 20.40 ? 18  CYS A C   1 
ATOM   104 O O   . CYS A 1 18 ? 5.778   -3.270  5.946   1.00 25.09 ? 18  CYS A O   1 
ATOM   105 C CB  . CYS A 1 18 ? 8.433   -2.415  5.904   1.00 16.37 ? 18  CYS A CB  1 
ATOM   106 S SG  . CYS A 1 18 ? 9.933   -1.489  5.602   1.00 15.55 ? 18  CYS A SG  1 
ATOM   107 N N   . VAL A 1 19 ? 5.287   -2.323  7.844   1.00 16.61 ? 19  VAL A N   1 
ATOM   108 C CA  . VAL A 1 19 ? 4.010   -2.995  7.953   1.00 15.17 ? 19  VAL A CA  1 
ATOM   109 C C   . VAL A 1 19 ? 2.997   -2.360  7.013   1.00 12.70 ? 19  VAL A C   1 
ATOM   110 O O   . VAL A 1 19 ? 3.137   -1.211  6.625   1.00 12.71 ? 19  VAL A O   1 
ATOM   111 C CB  . VAL A 1 19 ? 3.540   -2.892  9.385   1.00 17.76 ? 19  VAL A CB  1 
ATOM   112 C CG1 . VAL A 1 19 ? 3.337   -1.464  9.839   1.00 19.45 ? 19  VAL A CG1 1 
ATOM   113 C CG2 . VAL A 1 19 ? 2.308   -3.734  9.667   1.00 18.65 ? 19  VAL A CG2 1 
ATOM   114 N N   . LYS A 1 20 ? 1.972   -3.112  6.649   1.00 11.92 ? 20  LYS A N   1 
ATOM   115 C CA  . LYS A 1 20 ? 0.842   -2.565  5.935   1.00 10.69 ? 20  LYS A CA  1 
ATOM   116 C C   . LYS A 1 20 ? -0.406  -2.826  6.742   1.00 10.86 ? 20  LYS A C   1 
ATOM   117 O O   . LYS A 1 20 ? -0.827  -3.990  6.874   1.00 12.85 ? 20  LYS A O   1 
ATOM   118 C CB  . LYS A 1 20 ? 0.709   -3.154  4.546   1.00 11.79 ? 20  LYS A CB  1 
ATOM   119 C CG  . LYS A 1 20 ? -0.258  -2.424  3.647   1.00 14.87 ? 20  LYS A CG  1 
ATOM   120 C CD  . LYS A 1 20 ? -0.301  -2.934  2.151   1.00 15.23 ? 20  LYS A CD  1 
ATOM   121 C CE  . LYS A 1 20 ? -1.312  -2.257  1.321   1.00 18.34 ? 20  LYS A CE  1 
ATOM   122 N NZ  . LYS A 1 20 ? -1.330  -2.591  -0.140  1.00 24.81 ? 20  LYS A NZ  1 
ATOM   123 N N   . GLU A 1 21 ? -0.982  -1.812  7.352   1.00 11.05 ? 21  GLU A N   1 
ATOM   124 C CA  . GLU A 1 21 ? -2.125  -1.968  8.219   1.00 12.46 ? 21  GLU A CA  1 
ATOM   125 C C   . GLU A 1 21 ? -3.450  -1.697  7.540   1.00 12.79 ? 21  GLU A C   1 
ATOM   126 O O   . GLU A 1 21 ? -4.506  -1.963  8.125   1.00 17.98 ? 21  GLU A O   1 
ATOM   127 C CB  . GLU A 1 21 ? -2.045  -0.969  9.392   1.00 14.38 ? 21  GLU A CB  1 
ATOM   128 C CG  . GLU A 1 21 ? -0.841  -1.079  10.273  1.00 18.18 ? 21  GLU A CG  1 
ATOM   129 C CD  . GLU A 1 21 ? -0.928  -0.223  11.542  1.00 19.91 ? 21  GLU A CD  1 
ATOM   130 O OE1 . GLU A 1 21 ? -1.762  0.740   11.659  1.00 17.77 ? 21  GLU A OE1 1 
ATOM   131 O OE2 . GLU A 1 21 ? -0.093  -0.511  12.438  1.00 23.02 ? 21  GLU A OE2 1 
ATOM   132 N N   . CYS A 1 22 ? -3.419  -1.125  6.346   1.00 11.53 ? 22  CYS A N   1 
ATOM   133 C CA  . CYS A 1 22 ? -4.588  -0.502  5.757   1.00 11.66 ? 22  CYS A CA  1 
ATOM   134 C C   . CYS A 1 22 ? -4.422  -0.346  4.277   1.00 12.14 ? 22  CYS A C   1 
ATOM   135 O O   . CYS A 1 22 ? -3.312  -0.268  3.793   1.00 12.72 ? 22  CYS A O   1 
ATOM   136 C CB  . CYS A 1 22 ? -4.877  0.848   6.411   1.00 11.22 ? 22  CYS A CB  1 
ATOM   137 S SG  . CYS A 1 22 ? -3.443  1.961   6.540   1.00 11.59 ? 22  CYS A SG  1 
ATOM   138 N N   . LYS A 1 23 ? -5.572  -0.339  3.589   1.00 13.05 ? 23  LYS A N   1 
ATOM   139 C CA  . LYS A 1 23 ? -5.673  -0.055  2.163   1.00 13.82 ? 23  LYS A CA  1 
ATOM   140 C C   . LYS A 1 23 ? -5.899  1.444   1.908   1.00 13.39 ? 23  LYS A C   1 
ATOM   141 O O   . LYS A 1 23 ? -5.278  2.019   1.007   1.00 16.04 ? 23  LYS A O   1 
ATOM   142 C CB  . LYS A 1 23 ? -6.830  -0.903  1.574   1.00 15.85 ? 23  LYS A CB  1 
ATOM   143 C CG  . LYS A 1 23 ? -7.150  -0.686  0.117   1.00 19.09 ? 23  LYS A CG  1 
ATOM   144 C CD  . LYS A 1 23 ? -8.353  -1.524  -0.362  1.00 21.13 ? 23  LYS A CD  1 
ATOM   145 C CE  . LYS A 1 23 ? -8.509  -1.409  -1.865  1.00 23.89 ? 23  LYS A CE  1 
ATOM   146 N NZ  . LYS A 1 23 ? -9.753  -2.106  -2.346  1.00 25.77 ? 23  LYS A NZ  1 
ATOM   147 N N   . ASN A 1 24 ? -6.833  2.024   2.637   1.00 11.54 ? 24  ASN A N   1 
ATOM   148 C CA  . ASN A 1 24 ? -7.185  3.436   2.467   1.00 11.06 ? 24  ASN A CA  1 
ATOM   149 C C   . ASN A 1 24 ? -7.738  3.978   3.759   1.00 11.63 ? 24  ASN A C   1 
ATOM   150 O O   . ASN A 1 24 ? -7.773  3.252   4.757   1.00 11.94 ? 24  ASN A O   1 
ATOM   151 C CB  . ASN A 1 24 ? -8.137  3.593   1.263   1.00 12.92 ? 24  ASN A CB  1 
ATOM   152 C CG  . ASN A 1 24 ? -9.439  2.873   1.450   1.00 12.47 ? 24  ASN A CG  1 
ATOM   153 O OD1 . ASN A 1 24 ? -9.978  2.895   2.541   1.00 14.04 ? 24  ASN A OD1 1 
ATOM   154 N ND2 . ASN A 1 24 ? -9.949  2.245   0.387   1.00 14.49 ? 24  ASN A ND2 1 
ATOM   155 N N   . ASP A 1 25 ? -8.128  5.256   3.793   1.00 11.99 ? 25  ASP A N   1 
ATOM   156 C CA  . ASP A 1 25 ? -8.534  5.838   5.059   1.00 12.94 ? 25  ASP A CA  1 
ATOM   157 C C   . ASP A 1 25 ? -9.723  5.096   5.674   1.00 12.22 ? 25  ASP A C   1 
ATOM   158 O O   . ASP A 1 25 ? -9.869  5.018   6.892   1.00 14.35 ? 25  ASP A O   1 
ATOM   159 C CB  . ASP A 1 25 ? -8.914  7.303   4.918   1.00 13.90 ? 25  ASP A CB  1 
ATOM   160 C CG  . ASP A 1 25 ? -7.731  8.243   4.697   1.00 12.93 ? 25  ASP A CG  1 
ATOM   161 O OD1 . ASP A 1 25 ? -8.045  9.450   4.496   1.00 14.86 ? 25  ASP A OD1 1 
ATOM   162 O OD2 . ASP A 1 25 ? -6.565  7.801   4.750   1.00 11.87 ? 25  ASP A OD2 1 
ATOM   163 N N   . ASP A 1 26 ? -10.597 4.526   4.832   1.00 12.86 ? 26  ASP A N   1 
ATOM   164 C CA  . ASP A 1 26 ? -11.774 3.864   5.359   1.00 15.19 ? 26  ASP A CA  1 
ATOM   165 C C   . ASP A 1 26 ? -11.423 2.530   6.015   1.00 14.77 ? 26  ASP A C   1 
ATOM   166 O O   . ASP A 1 26 ? -12.215 2.002   6.805   1.00 18.42 ? 26  ASP A O   1 
ATOM   167 C CB  . ASP A 1 26 ? -12.871 3.724   4.294   1.00 17.39 ? 26  ASP A CB  1 
ATOM   168 C CG  . ASP A 1 26 ? -13.750 4.985   4.183   1.00 26.34 ? 26  ASP A CG  1 
ATOM   169 O OD1 . ASP A 1 26 ? -14.863 5.005   3.654   1.00 29.16 ? 26  ASP A OD1 1 
ATOM   170 O OD2 . ASP A 1 26 ? -13.454 5.992   4.810   1.00 28.67 ? 26  ASP A OD2 1 
ATOM   171 N N   . SER A 1 27 ? -10.251 1.985   5.715   1.00 13.48 ? 27  SER A N   1 
ATOM   172 C CA  . SER A 1 27 ? -9.760  0.828   6.418   1.00 15.04 ? 27  SER A CA  1 
ATOM   173 C C   . SER A 1 27 ? -9.583  1.092   7.912   1.00 15.88 ? 27  SER A C   1 
ATOM   174 O O   . SER A 1 27 ? -9.550  0.164   8.708   1.00 20.23 ? 27  SER A O   1 
ATOM   175 C CB  . SER A 1 27 ? -8.423  0.370   5.862   1.00 14.32 ? 27  SER A CB  1 
ATOM   176 O OG  . SER A 1 27 ? -8.433  0.214   4.462   1.00 13.69 ? 27  SER A OG  1 
ATOM   177 N N   . CYS A 1 28 ? -9.337  2.350   8.260   1.00 14.77 ? 28  CYS A N   1 
ATOM   178 C CA  . CYS A 1 28 ? -8.943  2.743   9.598   1.00 15.81 ? 28  CYS A CA  1 
ATOM   179 C C   . CYS A 1 28 ? -10.158 3.242   10.359  1.00 18.27 ? 28  CYS A C   1 
ATOM   180 O O   . CYS A 1 28 ? -11.060 3.832   9.774   1.00 20.50 ? 28  CYS A O   1 
ATOM   181 C CB  . CYS A 1 28 ? -7.885  3.851   9.529   1.00 14.62 ? 28  CYS A CB  1 
ATOM   182 S SG  . CYS A 1 28 ? -6.345  3.365   8.661   1.00 13.63 ? 28  CYS A SG  1 
ATOM   183 N N   . PRO A 1 29 ? -10.163 3.043   11.673  1.00 21.29 ? 29  PRO A N   1 
ATOM   184 C CA  . PRO A 1 29 ? -11.323 3.433   12.468  1.00 21.80 ? 29  PRO A CA  1 
ATOM   185 C C   . PRO A 1 29 ? -11.474 4.937   12.698  1.00 21.63 ? 29  PRO A C   1 
ATOM   186 O O   . PRO A 1 29 ? -10.499 5.688   12.752  1.00 22.47 ? 29  PRO A O   1 
ATOM   187 C CB  . PRO A 1 29 ? -11.079 2.704   13.782  1.00 23.58 ? 29  PRO A CB  1 
ATOM   188 C CG  . PRO A 1 29 ? -9.597  2.626   13.891  1.00 24.98 ? 29  PRO A CG  1 
ATOM   189 C CD  . PRO A 1 29 ? -9.124  2.395   12.482  1.00 21.43 ? 29  PRO A CD  1 
ATOM   190 N N   . GLY A 1 30 ? -12.713 5.379   12.881  1.00 25.02 ? 30  GLY A N   1 
ATOM   191 C CA  . GLY A 1 30 ? -12.968 6.756   13.256  1.00 24.66 ? 30  GLY A CA  1 
ATOM   192 C C   . GLY A 1 30 ? -12.354 7.778   12.309  1.00 23.03 ? 30  GLY A C   1 
ATOM   193 O O   . GLY A 1 30 ? -12.525 7.762   11.095  1.00 22.37 ? 30  GLY A O   1 
ATOM   194 N N   . GLN A 1 31 ? -11.655 8.719   12.916  1.00 21.71 ? 31  GLN A N   1 
ATOM   195 C CA  A GLN A 1 31 ? -11.044 9.792   12.109  0.50 19.57 ? 31  GLN A CA  1 
ATOM   196 C CA  B GLN A 1 31 ? -10.949 9.796   12.256  0.50 19.05 ? 31  GLN A CA  1 
ATOM   197 C C   . GLN A 1 31 ? -9.666  9.383   11.564  1.00 17.80 ? 31  GLN A C   1 
ATOM   198 O O   . GLN A 1 31 ? -9.055  10.176  10.870  1.00 17.15 ? 31  GLN A O   1 
ATOM   199 C CB  A GLN A 1 31 ? -10.930 11.106  12.910  0.50 19.49 ? 31  GLN A CB  1 
ATOM   200 C CB  B GLN A 1 31 ? -10.526 10.740  13.372  0.50 16.99 ? 31  GLN A CB  1 
ATOM   201 C CG  A GLN A 1 31 ? -9.985  10.958  14.115  0.50 23.23 ? 31  GLN A CG  1 
ATOM   202 C CG  B GLN A 1 31 ? -11.696 11.173  14.196  0.50 15.24 ? 31  GLN A CG  1 
ATOM   203 C CD  A GLN A 1 31 ? -9.734  12.207  14.947  0.50 29.41 ? 31  GLN A CD  1 
ATOM   204 C CD  B GLN A 1 31 ? -12.745 11.852  13.360  0.50 14.14 ? 31  GLN A CD  1 
ATOM   205 O OE1 A GLN A 1 31 ? -10.577 13.091  15.068  0.50 37.20 ? 31  GLN A OE1 1 
ATOM   206 O OE1 B GLN A 1 31 ? -13.898 11.915  13.760  0.50 17.54 ? 31  GLN A OE1 1 
ATOM   207 N NE2 A GLN A 1 31 ? -8.569  12.250  15.573  0.50 30.77 ? 31  GLN A NE2 1 
ATOM   208 N NE2 B GLN A 1 31 ? -12.326 12.454  12.236  0.50 12.49 ? 31  GLN A NE2 1 
ATOM   209 N N   . GLN A 1 32 ? -9.201  8.169   11.857  1.00 16.60 ? 32  GLN A N   1 
ATOM   210 C CA  . GLN A 1 32 ? -7.859  7.791   11.480  1.00 15.00 ? 32  GLN A CA  1 
ATOM   211 C C   . GLN A 1 32 ? -7.692  7.689   9.975   1.00 13.92 ? 32  GLN A C   1 
ATOM   212 O O   . GLN A 1 32 ? -8.572  7.210   9.240   1.00 15.10 ? 32  GLN A O   1 
ATOM   213 C CB  . GLN A 1 32 ? -7.424  6.501   12.154  1.00 15.44 ? 32  GLN A CB  1 
ATOM   214 C CG  . GLN A 1 32 ? -7.310  6.544   13.647  1.00 17.74 ? 32  GLN A CG  1 
ATOM   215 C CD  . GLN A 1 32 ? -6.465  5.408   14.176  1.00 21.08 ? 32  GLN A CD  1 
ATOM   216 O OE1 . GLN A 1 32 ? -6.489  4.317   13.641  1.00 21.83 ? 32  GLN A OE1 1 
ATOM   217 N NE2 . GLN A 1 32 ? -5.691  5.661   15.244  1.00 26.76 ? 32  GLN A NE2 1 
ATOM   218 N N   . LYS A 1 33 ? -6.500  8.074   9.525   1.00 11.31 ? 33  LYS A N   1 
ATOM   219 C CA  . LYS A 1 33 ? -6.111  8.005   8.134   1.00 10.56 ? 33  LYS A CA  1 
ATOM   220 C C   . LYS A 1 33 ? -5.105  6.891   7.910   1.00 9.45  ? 33  LYS A C   1 
ATOM   221 O O   . LYS A 1 33 ? -4.361  6.518   8.816   1.00 10.33 ? 33  LYS A O   1 
ATOM   222 C CB  . LYS A 1 33 ? -5.507  9.337   7.676   1.00 10.45 ? 33  LYS A CB  1 
ATOM   223 C CG  . LYS A 1 33 ? -6.529  10.468  7.655   1.00 13.03 ? 33  LYS A CG  1 
ATOM   224 C CD  . LYS A 1 33 ? -5.931  11.794  7.270   1.00 13.64 ? 33  LYS A CD  1 
ATOM   225 C CE  . LYS A 1 33 ? -5.399  11.832  5.848   1.00 13.28 ? 33  LYS A CE  1 
ATOM   226 N NZ  . LYS A 1 33 ? -6.442  11.703  4.801   1.00 14.54 ? 33  LYS A NZ  1 
ATOM   227 N N   . CYS A 1 34 ? -5.119  6.350   6.697   1.00 8.80  ? 34  CYS A N   1 
ATOM   228 C CA  . CYS A 1 34 ? -4.125  5.360   6.277   1.00 9.06  ? 34  CYS A CA  1 
ATOM   229 C C   . CYS A 1 34 ? -2.950  6.114   5.672   1.00 8.10  ? 34  CYS A C   1 
ATOM   230 O O   . CYS A 1 34 ? -3.009  6.627   4.572   1.00 11.40 ? 34  CYS A O   1 
ATOM   231 C CB  . CYS A 1 34 ? -4.743  4.396   5.258   1.00 9.46  ? 34  CYS A CB  1 
ATOM   232 S SG  . CYS A 1 34 ? -3.632  3.088   4.758   1.00 11.97 ? 34  CYS A SG  1 
ATOM   233 N N   . CYS A 1 35 ? -1.898  6.209   6.473   1.00 8.39  ? 35  CYS A N   1 
ATOM   234 C CA  . CYS A 1 35 ? -0.794  7.095   6.172   1.00 8.07  ? 35  CYS A CA  1 
ATOM   235 C C   . CYS A 1 35 ? 0.429   6.302   5.700   1.00 7.24  ? 35  CYS A C   1 
ATOM   236 O O   . CYS A 1 35 ? 0.878   5.342   6.340   1.00 8.18  ? 35  CYS A O   1 
ATOM   237 C CB  . CYS A 1 35 ? -0.407  7.871   7.421   1.00 9.02  ? 35  CYS A CB  1 
ATOM   238 S SG  . CYS A 1 35 ? -1.740  8.979   7.940   1.00 10.29 ? 35  CYS A SG  1 
ATOM   239 N N   . ASN A 1 36 ? 0.955   6.685   4.526   1.00 7.28  ? 36  ASN A N   1 
ATOM   240 C CA  . ASN A 1 36 ? 2.157   6.100   3.964   1.00 6.77  ? 36  ASN A CA  1 
ATOM   241 C C   . ASN A 1 36 ? 3.389   6.858   4.393   1.00 6.52  ? 36  ASN A C   1 
ATOM   242 O O   . ASN A 1 36 ? 3.444   8.085   4.346   1.00 7.26  ? 36  ASN A O   1 
ATOM   243 C CB  . ASN A 1 36 ? 2.089   6.065   2.422   1.00 7.71  ? 36  ASN A CB  1 
ATOM   244 C CG  . ASN A 1 36 ? 3.322   5.423   1.835   1.00 7.84  ? 36  ASN A CG  1 
ATOM   245 O OD1 . ASN A 1 36 ? 4.254   6.144   1.425   1.00 8.38  ? 36  ASN A OD1 1 
ATOM   246 N ND2 . ASN A 1 36 ? 3.390   4.078   1.880   1.00 9.15  ? 36  ASN A ND2 1 
ATOM   247 N N   . TYR A 1 37 ? 4.430   6.084   4.703   1.00 6.77  ? 37  TYR A N   1 
ATOM   248 C CA  . TYR A 1 37 ? 5.756   6.576   5.102   1.00 6.72  ? 37  TYR A CA  1 
ATOM   249 C C   . TYR A 1 37 ? 6.839   5.835   4.343   1.00 8.07  ? 37  TYR A C   1 
ATOM   250 O O   . TYR A 1 37 ? 7.959   5.673   4.840   1.00 10.77 ? 37  TYR A O   1 
ATOM   251 C CB  . TYR A 1 37 ? 5.940   6.443   6.626   1.00 7.55  ? 37  TYR A CB  1 
ATOM   252 C CG  . TYR A 1 37 ? 4.910   7.161   7.430   1.00 6.85  ? 37  TYR A CG  1 
ATOM   253 C CD1 . TYR A 1 37 ? 3.782   6.520   7.846   1.00 7.52  ? 37  TYR A CD1 1 
ATOM   254 C CD2 . TYR A 1 37 ? 5.042   8.493   7.732   1.00 6.97  ? 37  TYR A CD2 1 
ATOM   255 C CE1 . TYR A 1 37 ? 2.787   7.131   8.549   1.00 7.27  ? 37  TYR A CE1 1 
ATOM   256 C CE2 . TYR A 1 37 ? 4.035   9.134   8.433   1.00 7.19  ? 37  TYR A CE2 1 
ATOM   257 C CZ  . TYR A 1 37 ? 2.900   8.475   8.853   1.00 6.94  ? 37  TYR A CZ  1 
ATOM   258 O OH  . TYR A 1 37 ? 1.898   9.112   9.547   1.00 8.12  ? 37  TYR A OH  1 
ATOM   259 N N   . GLY A 1 38 ? 6.551   5.429   3.121   1.00 7.68  ? 38  GLY A N   1 
ATOM   260 C CA  . GLY A 1 38 ? 7.503   4.718   2.284   1.00 8.02  ? 38  GLY A CA  1 
ATOM   261 C C   . GLY A 1 38 ? 7.071   3.254   2.226   1.00 8.53  ? 38  GLY A C   1 
ATOM   262 O O   . GLY A 1 38 ? 6.133   2.894   1.521   1.00 9.23  ? 38  GLY A O   1 
ATOM   263 N N   . CYS A 1 39 ? 7.745   2.423   2.995   1.00 8.66  ? 39  CYS A N   1 
ATOM   264 C CA  . CYS A 1 39 ? 7.437   1.010   3.071   1.00 9.97  ? 39  CYS A CA  1 
ATOM   265 C C   . CYS A 1 39 ? 6.354   0.658   4.051   1.00 10.80 ? 39  CYS A C   1 
ATOM   266 O O   . CYS A 1 39 ? 5.999   -0.522  4.158   1.00 14.73 ? 39  CYS A O   1 
ATOM   267 C CB  . CYS A 1 39 ? 8.685   0.178   3.418   1.00 12.93 ? 39  CYS A CB  1 
ATOM   268 S SG  . CYS A 1 39 ? 9.248   0.365   5.115   1.00 13.21 ? 39  CYS A SG  1 
ATOM   269 N N   . LYS A 1 40 ? 5.846   1.655   4.755   1.00 8.87  ? 40  LYS A N   1 
ATOM   270 C CA  . LYS A 1 40 ? 4.886   1.476   5.789   1.00 8.44  ? 40  LYS A CA  1 
ATOM   271 C C   . LYS A 1 40 ? 3.573   2.184   5.439   1.00 8.05  ? 40  LYS A C   1 
ATOM   272 O O   . LYS A 1 40 ? 3.600   3.357   5.050   1.00 8.62  ? 40  LYS A O   1 
ATOM   273 C CB  . LYS A 1 40 ? 5.399   2.041   7.116   1.00 10.44 ? 40  LYS A CB  1 
ATOM   274 C CG  . LYS A 1 40 ? 4.417   2.039   8.251   1.00 12.17 ? 40  LYS A CG  1 
ATOM   275 C CD  . LYS A 1 40 ? 4.940   2.351   9.585   1.00 17.97 ? 40  LYS A CD  1 
ATOM   276 C CE  . LYS A 1 40 ? 5.672   3.645   9.618   1.00 14.55 ? 40  LYS A CE  1 
ATOM   277 N NZ  . LYS A 1 40 ? 6.127   3.868   11.016  1.00 25.41 ? 40  LYS A NZ  1 
ATOM   278 N N   . ASP A 1 41 ? 2.444   1.496   5.635   1.00 8.13  ? 41  ASP A N   1 
ATOM   279 C CA  . ASP A 1 41 ? 1.106   2.089   5.659   1.00 8.54  ? 41  ASP A CA  1 
ATOM   280 C C   . ASP A 1 41 ? 0.518   1.854   7.058   1.00 8.60  ? 41  ASP A C   1 
ATOM   281 O O   . ASP A 1 41 ? 0.373   0.683   7.462   1.00 11.00 ? 41  ASP A O   1 
ATOM   282 C CB  . ASP A 1 41 ? 0.187   1.501   4.586   1.00 9.37  ? 41  ASP A CB  1 
ATOM   283 C CG  . ASP A 1 41 ? 0.658   1.766   3.174   1.00 10.81 ? 41  ASP A CG  1 
ATOM   284 O OD1 . ASP A 1 41 ? 0.665   0.796   2.368   1.00 16.26 ? 41  ASP A OD1 1 
ATOM   285 O OD2 . ASP A 1 41 ? 0.971   2.905   2.845   1.00 12.58 ? 41  ASP A OD2 1 
ATOM   286 N N   . GLU A 1 42 ? 0.204   2.921   7.789   1.00 9.21  ? 42  GLU A N   1 
ATOM   287 C CA  . GLU A 1 42 ? -0.196  2.818   9.148   1.00 10.41 ? 42  GLU A CA  1 
ATOM   288 C C   . GLU A 1 42 ? -1.402  3.682   9.388   1.00 9.50  ? 42  GLU A C   1 
ATOM   289 O O   . GLU A 1 42 ? -1.481  4.808   8.926   1.00 9.80  ? 42  GLU A O   1 
ATOM   290 C CB  . GLU A 1 42 ? 1.011   3.381   10.000  1.00 18.47 ? 42  GLU A CB  1 
ATOM   291 C CG  . GLU A 1 42 ? 0.938   3.325   11.426  1.00 22.29 ? 42  GLU A CG  1 
ATOM   292 C CD  . GLU A 1 42 ? 2.229   3.813   12.063  1.00 16.62 ? 42  GLU A CD  1 
ATOM   293 O OE1 . GLU A 1 42 ? 2.409   3.258   13.104  1.00 20.70 ? 42  GLU A OE1 1 
ATOM   294 O OE2 . GLU A 1 42 ? 2.980   4.785   11.659  1.00 18.04 ? 42  GLU A OE2 1 
ATOM   295 N N   . CYS A 1 43 ? -2.340  3.173   10.156  1.00 9.62  ? 43  CYS A N   1 
ATOM   296 C CA  . CYS A 1 43 ? -3.467  3.980   10.608  1.00 10.40 ? 43  CYS A CA  1 
ATOM   297 C C   . CYS A 1 43 ? -3.011  4.963   11.686  1.00 10.45 ? 43  CYS A C   1 
ATOM   298 O O   . CYS A 1 43 ? -2.368  4.551   12.636  1.00 12.07 ? 43  CYS A O   1 
ATOM   299 C CB  . CYS A 1 43 ? -4.589  3.124   11.184  1.00 12.26 ? 43  CYS A CB  1 
ATOM   300 S SG  . CYS A 1 43 ? -5.449  2.034   10.008  1.00 14.96 ? 43  CYS A SG  1 
ATOM   301 N N   . ARG A 1 44 ? -3.339  6.250   11.515  1.00 9.99  ? 44  ARG A N   1 
ATOM   302 C CA  . ARG A 1 44 ? -2.893  7.289   12.454  1.00 10.10 ? 44  ARG A CA  1 
ATOM   303 C C   . ARG A 1 44 ? -4.028  8.253   12.713  1.00 11.41 ? 44  ARG A C   1 
ATOM   304 O O   . ARG A 1 44 ? -4.755  8.652   11.795  1.00 11.47 ? 44  ARG A O   1 
ATOM   305 C CB  . ARG A 1 44 ? -1.712  8.077   11.895  1.00 10.66 ? 44  ARG A CB  1 
ATOM   306 C CG  . ARG A 1 44 ? -0.437  7.325   11.702  1.00 10.70 ? 44  ARG A CG  1 
ATOM   307 C CD  . ARG A 1 44 ? 0.321   7.102   12.985  1.00 13.67 ? 44  ARG A CD  1 
ATOM   308 N NE  . ARG A 1 44 ? -0.138  5.974   13.755  1.00 13.50 ? 44  ARG A NE  1 
ATOM   309 C CZ  . ARG A 1 44 ? 0.293   5.653   14.971  1.00 15.49 ? 44  ARG A CZ  1 
ATOM   310 N NH1 . ARG A 1 44 ? 1.078   6.474   15.660  1.00 17.04 ? 44  ARG A NH1 1 
ATOM   311 N NH2 . ARG A 1 44 ? -0.117  4.524   15.511  1.00 20.23 ? 44  ARG A NH2 1 
ATOM   312 N N   . ASP A 1 45 ? -4.038  8.773   13.933  1.00 12.24 ? 45  ASP A N   1 
ATOM   313 C CA  . ASP A 1 45 ? -4.837  9.930   14.242  1.00 12.96 ? 45  ASP A CA  1 
ATOM   314 C C   . ASP A 1 45 ? -4.278  11.106  13.460  1.00 12.04 ? 45  ASP A C   1 
ATOM   315 O O   . ASP A 1 45 ? -3.083  11.353  13.457  1.00 12.78 ? 45  ASP A O   1 
ATOM   316 C CB  . ASP A 1 45 ? -4.755  10.293  15.716  1.00 15.79 ? 45  ASP A CB  1 
ATOM   317 C CG  . ASP A 1 45 ? -5.302  9.208   16.664  1.00 20.92 ? 45  ASP A CG  1 
ATOM   318 O OD1 . ASP A 1 45 ? -4.914  9.222   17.860  1.00 30.98 ? 45  ASP A OD1 1 
ATOM   319 O OD2 . ASP A 1 45 ? -6.144  8.394   16.256  1.00 27.44 ? 45  ASP A OD2 1 
ATOM   320 N N   . PRO A 1 46 ? -5.141  11.859  12.799  1.00 12.66 ? 46  PRO A N   1 
ATOM   321 C CA  . PRO A 1 46 ? -4.675  12.972  12.019  1.00 13.23 ? 46  PRO A CA  1 
ATOM   322 C C   . PRO A 1 46 ? -4.337  14.199  12.856  1.00 14.49 ? 46  PRO A C   1 
ATOM   323 O O   . PRO A 1 46 ? -4.833  14.344  13.975  1.00 16.36 ? 46  PRO A O   1 
ATOM   324 C CB  . PRO A 1 46 ? -5.883  13.262  11.096  1.00 19.64 ? 46  PRO A CB  1 
ATOM   325 C CG  . PRO A 1 46 ? -7.039  12.794  11.942  1.00 23.48 ? 46  PRO A CG  1 
ATOM   326 C CD  . PRO A 1 46 ? -6.569  11.605  12.601  1.00 17.25 ? 46  PRO A CD  1 
ATOM   327 N N   . ILE A 1 47 ? -3.548  15.085  12.268  1.00 13.60 ? 47  ILE A N   1 
ATOM   328 C CA  . ILE A 1 47 ? -3.375  16.444  12.780  1.00 15.42 ? 47  ILE A CA  1 
ATOM   329 C C   . ILE A 1 47 ? -4.264  17.387  12.008  1.00 15.83 ? 47  ILE A C   1 
ATOM   330 O O   . ILE A 1 47 ? -4.204  17.475  10.779  1.00 16.88 ? 47  ILE A O   1 
ATOM   331 C CB  . ILE A 1 47 ? -1.947  16.873  12.631  1.00 16.68 ? 47  ILE A CB  1 
ATOM   332 C CG1 . ILE A 1 47 ? -1.086  15.889  13.449  1.00 19.79 ? 47  ILE A CG1 1 
ATOM   333 C CG2 . ILE A 1 47 ? -1.767  18.350  13.065  1.00 23.32 ? 47  ILE A CG2 1 
ATOM   334 C CD1 . ILE A 1 47 ? 0.314   16.098  13.283  1.00 22.88 ? 47  ILE A CD1 1 
ATOM   335 N N   . PHE A 1 48 ? -5.139  18.070  12.738  1.00 16.83 ? 48  PHE A N   1 
ATOM   336 C CA  . PHE A 1 48 ? -5.979  19.069  12.145  1.00 17.13 ? 48  PHE A CA  1 
ATOM   337 C C   . PHE A 1 48 ? -5.332  20.436  12.214  1.00 17.24 ? 48  PHE A C   1 
ATOM   338 O O   . PHE A 1 48 ? -4.784  20.839  13.225  1.00 23.24 ? 48  PHE A O   1 
ATOM   339 C CB  . PHE A 1 48 ? -7.339  19.098  12.829  1.00 18.21 ? 48  PHE A CB  1 
ATOM   340 C CG  . PHE A 1 48 ? -8.075  17.764  12.810  1.00 18.09 ? 48  PHE A CG  1 
ATOM   341 C CD1 . PHE A 1 48 ? -8.280  17.074  11.623  1.00 19.81 ? 48  PHE A CD1 1 
ATOM   342 C CD2 . PHE A 1 48 ? -8.667  17.276  13.959  1.00 21.94 ? 48  PHE A CD2 1 
ATOM   343 C CE1 . PHE A 1 48 ? -8.930  15.852  11.609  1.00 21.88 ? 48  PHE A CE1 1 
ATOM   344 C CE2 . PHE A 1 48 ? -9.375  16.090  13.943  1.00 27.47 ? 48  PHE A CE2 1 
ATOM   345 C CZ  . PHE A 1 48 ? -9.494  15.373  12.768  1.00 22.71 ? 48  PHE A CZ  1 
ATOM   346 N N   . VAL A 1 49 ? -5.352  21.123  11.097  1.00 16.49 ? 49  VAL A N   1 
ATOM   347 C CA  . VAL A 1 49 ? -4.820  22.459  11.039  1.00 19.33 ? 49  VAL A CA  1 
ATOM   348 C C   . VAL A 1 49 ? -5.891  23.482  11.527  1.00 18.42 ? 49  VAL A C   1 
ATOM   349 O O   . VAL A 1 49 ? -6.737  23.876  10.779  1.00 20.75 ? 49  VAL A O   1 
ATOM   350 C CB  . VAL A 1 49 ? -4.335  22.729  9.592   1.00 23.88 ? 49  VAL A CB  1 
ATOM   351 C CG1 . VAL A 1 49 ? -3.744  24.105  9.464   1.00 27.65 ? 49  VAL A CG1 1 
ATOM   352 C CG2 . VAL A 1 49 ? -3.293  21.668  9.174   1.00 28.71 ? 49  VAL A CG2 1 
ATOM   353 N N   . GLY A 1 50 ? -5.864  23.814  12.828  1.00 22.83 ? 50  GLY A N   1 
ATOM   354 C CA  . GLY A 1 50 ? -6.900  24.579  13.561  1.00 24.87 ? 50  GLY A CA  1 
ATOM   355 C C   . GLY A 1 50 ? -6.394  25.715  14.430  1.00 28.01 ? 50  GLY A C   1 
ATOM   356 O O   . GLY A 1 50 ? -5.335  26.291  14.195  1.00 27.65 ? 50  GLY A O   1 
ATOM   357 O OXT . GLY A 1 50 ? -7.085  26.073  15.409  1.00 29.10 ? 50  GLY A OXT 1 
ATOM   358 N N   . ARG B 1 3  ? -10.323 2.307   -9.150  1.00 36.17 ? 3   ARG B N   1 
ATOM   359 C CA  . ARG B 1 3  ? -8.835  2.294   -9.348  1.00 34.05 ? 3   ARG B CA  1 
ATOM   360 C C   . ARG B 1 3  ? -8.430  1.257   -10.405 1.00 31.81 ? 3   ARG B C   1 
ATOM   361 O O   . ARG B 1 3  ? -8.770  0.090   -10.284 1.00 30.85 ? 3   ARG B O   1 
ATOM   362 C CB  . ARG B 1 3  ? -8.114  1.953   -8.044  1.00 35.25 ? 3   ARG B CB  1 
ATOM   363 N N   . PRO B 1 4  ? -7.675  1.666   -11.443 1.00 29.45 ? 4   PRO B N   1 
ATOM   364 C CA  . PRO B 1 4  ? -7.412  0.721   -12.530 1.00 27.25 ? 4   PRO B CA  1 
ATOM   365 C C   . PRO B 1 4  ? -6.532  -0.478  -12.090 1.00 24.42 ? 4   PRO B C   1 
ATOM   366 O O   . PRO B 1 4  ? -5.753  -0.372  -11.162 1.00 29.07 ? 4   PRO B O   1 
ATOM   367 C CB  . PRO B 1 4  ? -6.746  1.595   -13.609 1.00 28.11 ? 4   PRO B CB  1 
ATOM   368 C CG  . PRO B 1 4  ? -6.117  2.702   -12.852 1.00 27.32 ? 4   PRO B CG  1 
ATOM   369 C CD  . PRO B 1 4  ? -7.000  2.961   -11.651 1.00 29.88 ? 4   PRO B CD  1 
ATOM   370 N N   . LYS B 1 5  ? -6.768  -1.595  -12.751 1.00 20.91 ? 5   LYS B N   1 
ATOM   371 C CA  . LYS B 1 5  ? -6.176  -2.917  -12.524 1.00 18.31 ? 5   LYS B CA  1 
ATOM   372 C C   . LYS B 1 5  ? -5.839  -3.555  -13.843 1.00 15.76 ? 5   LYS B C   1 
ATOM   373 O O   . LYS B 1 5  ? -6.675  -3.691  -14.743 1.00 20.22 ? 5   LYS B O   1 
ATOM   374 C CB  . LYS B 1 5  ? -7.220  -3.781  -11.848 1.00 25.13 ? 5   LYS B CB  1 
ATOM   375 C CG  . LYS B 1 5  ? -6.900  -5.234  -11.718 1.00 35.27 ? 5   LYS B CG  1 
ATOM   376 C CD  . LYS B 1 5  ? -8.162  -6.084  -11.493 1.00 49.83 ? 5   LYS B CD  1 
ATOM   377 C CE  . LYS B 1 5  ? -8.907  -5.721  -10.211 1.00 56.88 ? 5   LYS B CE  1 
ATOM   378 N NZ  . LYS B 1 5  ? -9.984  -6.722  -9.896  1.00 61.60 ? 5   LYS B NZ  1 
ATOM   379 N N   . LYS B 1 6  ? -4.607  -3.955  -14.003 1.00 12.45 ? 6   LYS B N   1 
ATOM   380 C CA  . LYS B 1 6  ? -4.155  -4.603  -15.226 1.00 11.64 ? 6   LYS B CA  1 
ATOM   381 C C   . LYS B 1 6  ? -4.577  -6.075  -15.243 1.00 11.57 ? 6   LYS B C   1 
ATOM   382 O O   . LYS B 1 6  ? -4.781  -6.678  -14.191 1.00 13.70 ? 6   LYS B O   1 
ATOM   383 C CB  . LYS B 1 6  ? -2.639  -4.524  -15.340 1.00 11.18 ? 6   LYS B CB  1 
ATOM   384 C CG  . LYS B 1 6  ? -2.103  -3.150  -15.586 1.00 10.53 ? 6   LYS B CG  1 
ATOM   385 C CD  . LYS B 1 6  ? -0.566  -3.139  -15.556 1.00 11.09 ? 6   LYS B CD  1 
ATOM   386 C CE  . LYS B 1 6  ? 0.058   -1.760  -15.586 1.00 11.12 ? 6   LYS B CE  1 
ATOM   387 N NZ  . LYS B 1 6  ? 1.523   -1.798  -15.354 1.00 11.94 ? 6   LYS B NZ  1 
ATOM   388 N N   . PRO B 1 7  ? -4.678  -6.665  -16.442 1.00 11.90 ? 7   PRO B N   1 
ATOM   389 C CA  . PRO B 1 7  ? -4.988  -8.081  -16.566 1.00 13.68 ? 7   PRO B CA  1 
ATOM   390 C C   . PRO B 1 7  ? -3.915  -8.956  -15.933 1.00 12.63 ? 7   PRO B C   1 
ATOM   391 O O   . PRO B 1 7  ? -2.744  -8.623  -15.896 1.00 12.16 ? 7   PRO B O   1 
ATOM   392 C CB  . PRO B 1 7  ? -5.053  -8.285  -18.091 1.00 17.33 ? 7   PRO B CB  1 
ATOM   393 C CG  . PRO B 1 7  ? -4.619  -7.140  -18.688 1.00 20.39 ? 7   PRO B CG  1 
ATOM   394 C CD  . PRO B 1 7  ? -4.485  -6.033  -17.744 1.00 13.00 ? 7   PRO B CD  1 
ATOM   395 N N   . GLY B 1 8  ? -4.320  -10.158 -15.585 1.00 16.01 ? 8   GLY B N   1 
ATOM   396 C CA  . GLY B 1 8  ? -3.430  -11.199 -15.117 1.00 14.40 ? 8   GLY B CA  1 
ATOM   397 C C   . GLY B 1 8  ? -3.481  -11.441 -13.624 1.00 11.92 ? 8   GLY B C   1 
ATOM   398 O O   . GLY B 1 8  ? -4.055  -10.692 -12.844 1.00 15.10 ? 8   GLY B O   1 
ATOM   399 N N   . LEU B 1 9  ? -2.914  -12.584 -13.264 1.00 11.13 ? 9   LEU B N   1 
ATOM   400 C CA  . LEU B 1 9  ? -2.788  -13.000 -11.873 1.00 10.77 ? 9   LEU B CA  1 
ATOM   401 C C   . LEU B 1 9  ? -1.385  -12.679 -11.365 1.00 9.47  ? 9   LEU B C   1 
ATOM   402 O O   . LEU B 1 9  ? -0.413  -12.716 -12.083 1.00 12.63 ? 9   LEU B O   1 
ATOM   403 C CB  . LEU B 1 9  ? -3.041  -14.490 -11.760 1.00 11.87 ? 9   LEU B CB  1 
ATOM   404 C CG  . LEU B 1 9  ? -4.436  -14.983 -12.219 1.00 13.99 ? 9   LEU B CG  1 
ATOM   405 C CD1 . LEU B 1 9  ? -4.562  -16.519 -12.088 1.00 16.65 ? 9   LEU B CD1 1 
ATOM   406 C CD2 . LEU B 1 9  ? -5.547  -14.242 -11.517 1.00 17.65 ? 9   LEU B CD2 1 
ATOM   407 N N   . CYS B 1 10 ? -1.303  -12.407 -10.091 1.00 10.71 ? 10  CYS B N   1 
ATOM   408 C CA  . CYS B 1 10 ? -0.021  -12.226 -9.433  1.00 9.99  ? 10  CYS B CA  1 
ATOM   409 C C   . CYS B 1 10 ? 0.595   -13.574 -9.136  1.00 9.39  ? 10  CYS B C   1 
ATOM   410 O O   . CYS B 1 10 ? -0.113  -14.525 -8.799  1.00 10.70 ? 10  CYS B O   1 
ATOM   411 C CB  . CYS B 1 10 ? -0.239  -11.481 -8.120  1.00 10.53 ? 10  CYS B CB  1 
ATOM   412 S SG  . CYS B 1 10 ? -0.672  -9.730  -8.352  1.00 12.19 ? 10  CYS B SG  1 
ATOM   413 N N   . PRO B 1 11 ? 1.913   -13.685 -9.295  1.00 9.38  ? 11  PRO B N   1 
ATOM   414 C CA  . PRO B 1 11 ? 2.613   -14.939 -9.034  1.00 9.02  ? 11  PRO B CA  1 
ATOM   415 C C   . PRO B 1 11 ? 2.770   -15.176 -7.524  1.00 9.16  ? 11  PRO B C   1 
ATOM   416 O O   . PRO B 1 11 ? 2.731   -14.252 -6.733  1.00 9.30  ? 11  PRO B O   1 
ATOM   417 C CB  . PRO B 1 11 ? 3.935   -14.736 -9.733  1.00 11.32 ? 11  PRO B CB  1 
ATOM   418 C CG  . PRO B 1 11 ? 4.217   -13.246 -9.550  1.00 10.76 ? 11  PRO B CG  1 
ATOM   419 C CD  . PRO B 1 11 ? 2.847   -12.638 -9.751  1.00 10.96 ? 11  PRO B CD  1 
ATOM   420 N N   . PRO B 1 12 ? 3.001   -16.419 -7.121  1.00 10.14 ? 12  PRO B N   1 
ATOM   421 C CA  . PRO B 1 12 ? 3.189   -16.685 -5.704  1.00 10.00 ? 12  PRO B CA  1 
ATOM   422 C C   . PRO B 1 12 ? 4.513   -16.091 -5.233  1.00 10.23 ? 12  PRO B C   1 
ATOM   423 O O   . PRO B 1 12 ? 5.545   -16.225 -5.933  1.00 11.73 ? 12  PRO B O   1 
ATOM   424 C CB  . PRO B 1 12 ? 3.226   -18.206 -5.627  1.00 13.93 ? 12  PRO B CB  1 
ATOM   425 C CG  . PRO B 1 12 ? 3.520   -18.656 -6.941  1.00 16.21 ? 12  PRO B CG  1 
ATOM   426 C CD  . PRO B 1 12 ? 3.092   -17.643 -7.939  1.00 13.36 ? 12  PRO B CD  1 
ATOM   427 N N   . ARG B 1 13 ? 4.517   -15.485 -4.045  1.00 8.86  ? 13  ARG B N   1 
ATOM   428 C CA  . ARG B 1 13 ? 5.765   -14.872 -3.515  1.00 9.26  ? 13  ARG B CA  1 
ATOM   429 C C   . ARG B 1 13 ? 5.840   -15.096 -2.035  1.00 9.72  ? 13  ARG B C   1 
ATOM   430 O O   . ARG B 1 13 ? 4.827   -15.200 -1.354  1.00 11.25 ? 13  ARG B O   1 
ATOM   431 C CB  . ARG B 1 13 ? 5.818   -13.372 -3.810  1.00 9.02  ? 13  ARG B CB  1 
ATOM   432 C CG  . ARG B 1 13 ? 5.951   -13.035 -5.254  1.00 8.76  ? 13  ARG B CG  1 
ATOM   433 C CD  . ARG B 1 13 ? 7.320   -13.312 -5.790  1.00 10.39 ? 13  ARG B CD  1 
ATOM   434 N NE  . ARG B 1 13 ? 8.305   -12.359 -5.312  1.00 10.24 ? 13  ARG B NE  1 
ATOM   435 C CZ  . ARG B 1 13 ? 9.607   -12.450 -5.508  1.00 10.85 ? 13  ARG B CZ  1 
ATOM   436 N NH1 . ARG B 1 13 ? 10.151  -13.563 -5.946  1.00 14.95 ? 13  ARG B NH1 1 
ATOM   437 N NH2 . ARG B 1 13 ? 10.388  -11.417 -5.213  1.00 14.29 ? 13  ARG B NH2 1 
ATOM   438 N N   . PRO B 1 14 ? 7.063   -15.084 -1.512  1.00 10.12 ? 14  PRO B N   1 
ATOM   439 C CA  . PRO B 1 14 ? 7.221   -15.025 -0.081  1.00 10.20 ? 14  PRO B CA  1 
ATOM   440 C C   . PRO B 1 14 ? 6.719   -13.679 0.433   1.00 10.30 ? 14  PRO B C   1 
ATOM   441 O O   . PRO B 1 14 ? 6.775   -12.689 -0.266  1.00 12.84 ? 14  PRO B O   1 
ATOM   442 C CB  . PRO B 1 14 ? 8.725   -15.143 0.116   1.00 11.94 ? 14  PRO B CB  1 
ATOM   443 C CG  . PRO B 1 14 ? 9.290   -14.670 -1.112  1.00 13.48 ? 14  PRO B CG  1 
ATOM   444 C CD  . PRO B 1 14 ? 8.326   -15.038 -2.224  1.00 11.22 ? 14  PRO B CD  1 
ATOM   445 N N   . GLN B 1 15 ? 6.248   -13.645 1.673   1.00 11.30 ? 15  GLN B N   1 
ATOM   446 C CA  . GLN B 1 15 ? 5.764   -12.394 2.229   1.00 13.76 ? 15  GLN B CA  1 
ATOM   447 C C   . GLN B 1 15 ? 6.893   -11.447 2.553   1.00 14.37 ? 15  GLN B C   1 
ATOM   448 O O   . GLN B 1 15 ? 6.752   -10.232 2.380   1.00 22.78 ? 15  GLN B O   1 
ATOM   449 C CB  . GLN B 1 15 ? 4.917   -12.558 3.481   1.00 16.01 ? 15  GLN B CB  1 
ATOM   450 C CG  . GLN B 1 15 ? 4.629   -11.106 4.096   1.00 20.13 ? 15  GLN B CG  1 
ATOM   451 C CD  . GLN B 1 15 ? 3.838   -11.064 5.384   1.00 18.77 ? 15  GLN B CD  1 
ATOM   452 O OE1 . GLN B 1 15 ? 3.084   -10.104 5.540   1.00 20.66 ? 15  GLN B OE1 1 
ATOM   453 N NE2 . GLN B 1 15 ? 3.906   -12.038 6.214   1.00 18.81 ? 15  GLN B NE2 1 
ATOM   454 N N   . LYS B 1 16 ? 7.996   -11.953 3.057   1.00 12.09 ? 16  LYS B N   1 
ATOM   455 C CA  . LYS B 1 16 ? 9.067   -11.128 3.556   1.00 13.69 ? 16  LYS B CA  1 
ATOM   456 C C   . LYS B 1 16 ? 10.229  -11.292 2.619   1.00 15.59 ? 16  LYS B C   1 
ATOM   457 O O   . LYS B 1 16 ? 10.398  -12.323 1.970   1.00 18.49 ? 16  LYS B O   1 
ATOM   458 C CB  . LYS B 1 16 ? 9.469   -11.580 4.976   1.00 16.16 ? 16  LYS B CB  1 
ATOM   459 C CG  . LYS B 1 16 ? 8.304   -11.277 5.951   1.00 21.46 ? 16  LYS B CG  1 
ATOM   460 C CD  . LYS B 1 16 ? 8.592   -11.518 7.410   1.00 29.30 ? 16  LYS B CD  1 
ATOM   461 C CE  . LYS B 1 16 ? 9.088   -10.236 8.013   1.00 32.61 ? 16  LYS B CE  1 
ATOM   462 N NZ  . LYS B 1 16 ? 9.417   -10.499 9.423   1.00 37.28 ? 16  LYS B NZ  1 
ATOM   463 N N   . PRO B 1 17 ? 11.088  -10.301 2.575   1.00 16.75 ? 17  PRO B N   1 
ATOM   464 C CA  . PRO B 1 17 ? 11.077  -9.042  3.295   1.00 15.97 ? 17  PRO B CA  1 
ATOM   465 C C   . PRO B 1 17 ? 9.958   -8.071  2.859   1.00 14.04 ? 17  PRO B C   1 
ATOM   466 O O   . PRO B 1 17 ? 9.571   -8.008  1.676   1.00 16.81 ? 17  PRO B O   1 
ATOM   467 C CB  . PRO B 1 17 ? 12.503  -8.504  3.031   1.00 18.93 ? 17  PRO B CB  1 
ATOM   468 C CG  . PRO B 1 17 ? 12.884  -9.110  1.731   1.00 20.84 ? 17  PRO B CG  1 
ATOM   469 C CD  . PRO B 1 17 ? 12.349  -10.500 1.831   1.00 18.97 ? 17  PRO B CD  1 
ATOM   470 N N   . CYS B 1 18 ? 9.458   -7.307  3.820   1.00 14.34 ? 18  CYS B N   1 
ATOM   471 C CA  . CYS B 1 18 ? 8.453   -6.312  3.579   1.00 14.27 ? 18  CYS B CA  1 
ATOM   472 C C   . CYS B 1 18 ? 9.112   -5.157  2.836   1.00 14.76 ? 18  CYS B C   1 
ATOM   473 O O   . CYS B 1 18 ? 10.155  -4.664  3.217   1.00 18.05 ? 18  CYS B O   1 
ATOM   474 C CB  . CYS B 1 18 ? 7.832   -5.828  4.895   1.00 15.04 ? 18  CYS B CB  1 
ATOM   475 S SG  . CYS B 1 18 ? 7.104   -7.109  5.981   1.00 15.64 ? 18  CYS B SG  1 
ATOM   476 N N   . VAL B 1 19 ? 8.476   -4.727  1.785   1.00 13.05 ? 19  VAL B N   1 
ATOM   477 C CA  . VAL B 1 19 ? 8.852   -3.580  0.950   1.00 11.04 ? 19  VAL B CA  1 
ATOM   478 C C   . VAL B 1 19 ? 7.589   -3.102  0.267   1.00 9.48  ? 19  VAL B C   1 
ATOM   479 O O   . VAL B 1 19 ? 6.667   -3.864  0.087   1.00 11.19 ? 19  VAL B O   1 
ATOM   480 C CB  . VAL B 1 19 ? 9.908   -3.931  -0.126  1.00 13.59 ? 19  VAL B CB  1 
ATOM   481 C CG1 . VAL B 1 19 ? 9.459   -5.055  -1.060  1.00 17.21 ? 19  VAL B CG1 1 
ATOM   482 C CG2 . VAL B 1 19 ? 10.427  -2.719  -0.898  1.00 16.80 ? 19  VAL B CG2 1 
ATOM   483 N N   . LYS B 1 20 ? 7.556   -1.831  -0.097  1.00 9.66  ? 20  LYS B N   1 
ATOM   484 C CA  A LYS B 1 20 ? 6.477   -1.312  -0.924  0.25 9.08  ? 20  LYS B CA  1 
ATOM   485 C CA  B LYS B 1 20 ? 6.480   -1.292  -0.907  0.25 9.47  ? 20  LYS B CA  1 
ATOM   486 C CA  C LYS B 1 20 ? 6.487   -1.288  -0.902  0.50 8.58  ? 20  LYS B CA  1 
ATOM   487 C C   . LYS B 1 20 ? 7.072   -0.645  -2.149  1.00 8.74  ? 20  LYS B C   1 
ATOM   488 O O   . LYS B 1 20 ? 7.704   0.408   -2.060  1.00 11.50 ? 20  LYS B O   1 
ATOM   489 C CB  A LYS B 1 20 ? 5.546   -0.375  -0.157  0.25 9.18  ? 20  LYS B CB  1 
ATOM   490 C CB  B LYS B 1 20 ? 5.662   -0.278  -0.118  0.25 10.49 ? 20  LYS B CB  1 
ATOM   491 C CB  C LYS B 1 20 ? 5.634   -0.291  -0.124  0.50 9.95  ? 20  LYS B CB  1 
ATOM   492 C CG  A LYS B 1 20 ? 4.787   -1.094  0.956   0.25 7.82  ? 20  LYS B CG  1 
ATOM   493 C CG  B LYS B 1 20 ? 4.330   0.037   -0.742  0.25 12.92 ? 20  LYS B CG  1 
ATOM   494 C CG  C LYS B 1 20 ? 4.329   0.071   -0.792  0.50 11.23 ? 20  LYS B CG  1 
ATOM   495 C CD  A LYS B 1 20 ? 3.860   -0.204  1.788   0.25 9.06  ? 20  LYS B CD  1 
ATOM   496 C CD  B LYS B 1 20 ? 3.595   1.123   0.010   0.25 13.81 ? 20  LYS B CD  1 
ATOM   497 C CD  C LYS B 1 20 ? 3.412   1.056   -0.031  0.50 12.47 ? 20  LYS B CD  1 
ATOM   498 C CE  A LYS B 1 20 ? 3.124   -1.017  2.889   0.25 7.81  ? 20  LYS B CE  1 
ATOM   499 C CE  B LYS B 1 20 ? 2.279   1.441   -0.659  0.25 9.96  ? 20  LYS B CE  1 
ATOM   500 C CE  C LYS B 1 20 ? 2.078   1.255   -0.749  0.50 18.37 ? 20  LYS B CE  1 
ATOM   501 N NZ  A LYS B 1 20 ? 4.041   -1.886  3.733   0.25 11.82 ? 20  LYS B NZ  1 
ATOM   502 N NZ  B LYS B 1 20 ? 1.195   0.433   -0.305  0.25 8.76  ? 20  LYS B NZ  1 
ATOM   503 N NZ  C LYS B 1 20 ? 1.075   2.282   -0.148  0.50 17.59 ? 20  LYS B NZ  1 
ATOM   504 N N   . GLU B 1 21 ? 6.905   -1.263  -3.306  1.00 10.12 ? 21  GLU B N   1 
ATOM   505 C CA  . GLU B 1 21 ? 7.502   -0.806  -4.549  1.00 11.51 ? 21  GLU B CA  1 
ATOM   506 C C   . GLU B 1 21 ? 6.562   0.077   -5.334  1.00 11.73 ? 21  GLU B C   1 
ATOM   507 O O   . GLU B 1 21 ? 6.976   0.695   -6.310  1.00 15.94 ? 21  GLU B O   1 
ATOM   508 C CB  . GLU B 1 21 ? 7.902   -2.009  -5.434  1.00 12.58 ? 21  GLU B CB  1 
ATOM   509 C CG  . GLU B 1 21 ? 8.945   -2.897  -4.832  1.00 13.85 ? 21  GLU B CG  1 
ATOM   510 C CD  . GLU B 1 21 ? 9.427   -3.978  -5.759  1.00 15.72 ? 21  GLU B CD  1 
ATOM   511 O OE1 . GLU B 1 21 ? 8.787   -4.264  -6.792  1.00 15.32 ? 21  GLU B OE1 1 
ATOM   512 O OE2 . GLU B 1 21 ? 10.492  -4.547  -5.440  1.00 19.86 ? 21  GLU B OE2 1 
ATOM   513 N N   . CYS B 1 22 ? 5.293   0.070   -4.968  1.00 10.54 ? 22  CYS B N   1 
ATOM   514 C CA  . CYS B 1 22 ? 4.243   0.551   -5.851  1.00 11.17 ? 22  CYS B CA  1 
ATOM   515 C C   . CYS B 1 22 ? 2.983   0.807   -5.060  1.00 11.22 ? 22  CYS B C   1 
ATOM   516 O O   . CYS B 1 22 ? 2.779   0.248   -3.990  1.00 12.13 ? 22  CYS B O   1 
ATOM   517 C CB  . CYS B 1 22 ? 3.974   -0.493  -6.940  1.00 11.31 ? 22  CYS B CB  1 
ATOM   518 S SG  . CYS B 1 22 ? 3.716   -2.189  -6.339  1.00 10.73 ? 22  CYS B SG  1 
ATOM   519 N N   . LYS B 1 23 ? 2.152   1.683   -5.620  1.00 14.65 ? 23  LYS B N   1 
ATOM   520 C CA  . LYS B 1 23 ? 0.834   1.945   -5.065  1.00 17.03 ? 23  LYS B CA  1 
ATOM   521 C C   . LYS B 1 23 ? -0.264  1.147   -5.709  1.00 17.20 ? 23  LYS B C   1 
ATOM   522 O O   . LYS B 1 23 ? -1.150  0.684   -5.004  1.00 21.79 ? 23  LYS B O   1 
ATOM   523 C CB  . LYS B 1 23 ? 0.517   3.445   -5.019  1.00 21.00 ? 23  LYS B CB  1 
ATOM   524 C CG  . LYS B 1 23 ? 1.113   4.041   -3.728  1.00 30.68 ? 23  LYS B CG  1 
ATOM   525 C CD  . LYS B 1 23 ? 0.369   5.279   -3.221  1.00 34.92 ? 23  LYS B CD  1 
ATOM   526 C CE  . LYS B 1 23 ? 1.307   6.286   -2.540  1.00 34.63 ? 23  LYS B CE  1 
ATOM   527 N NZ  . LYS B 1 23 ? 1.187   6.276   -1.014  1.00 35.07 ? 23  LYS B NZ  1 
ATOM   528 N N   . ASN B 1 24 ? -0.272  1.113   -7.036  1.00 13.84 ? 24  ASN B N   1 
ATOM   529 C CA  . ASN B 1 24 ? -1.219  0.366   -7.814  1.00 14.94 ? 24  ASN B CA  1 
ATOM   530 C C   . ASN B 1 24 ? -0.581  -0.077  -9.121  1.00 11.09 ? 24  ASN B C   1 
ATOM   531 O O   . ASN B 1 24 ? 0.594   0.149   -9.351  1.00 10.92 ? 24  ASN B O   1 
ATOM   532 C CB  . ASN B 1 24 ? -2.470  1.171   -7.966  1.00 17.12 ? 24  ASN B CB  1 
ATOM   533 C CG  . ASN B 1 24 ? -2.241  2.375   -8.738  1.00 14.45 ? 24  ASN B CG  1 
ATOM   534 O OD1 . ASN B 1 24 ? -1.587  2.315   -9.733  1.00 17.49 ? 24  ASN B OD1 1 
ATOM   535 N ND2 . ASN B 1 24 ? -2.770  3.515   -8.281  1.00 24.99 ? 24  ASN B ND2 1 
ATOM   536 N N   . ASP B 1 25 ? -1.300  -0.853  -9.927  1.00 11.29 ? 25  ASP B N   1 
ATOM   537 C CA  . ASP B 1 25 ? -0.670  -1.484  -11.055 1.00 10.93 ? 25  ASP B CA  1 
ATOM   538 C C   . ASP B 1 25 ? -0.064  -0.463  -12.008 1.00 10.60 ? 25  ASP B C   1 
ATOM   539 O O   . ASP B 1 25 ? 0.954   -0.757  -12.633 1.00 10.69 ? 25  ASP B O   1 
ATOM   540 C CB  . ASP B 1 25 ? -1.652  -2.327  -11.859 1.00 10.65 ? 25  ASP B CB  1 
ATOM   541 C CG  . ASP B 1 25 ? -2.129  -3.590  -11.141 1.00 10.03 ? 25  ASP B CG  1 
ATOM   542 O OD1 . ASP B 1 25 ? -3.037  -4.249  -11.724 1.00 12.21 ? 25  ASP B OD1 1 
ATOM   543 O OD2 . ASP B 1 25 ? -1.635  -3.914  -10.048 1.00 10.44 ? 25  ASP B OD2 1 
ATOM   544 N N   . ASP B 1 26 ? -0.645  0.736   -12.130 1.00 11.17 ? 26  ASP B N   1 
ATOM   545 C CA  . ASP B 1 26 ? -0.097  1.717   -13.064 1.00 12.03 ? 26  ASP B CA  1 
ATOM   546 C C   . ASP B 1 26 ? 1.243   2.300   -12.603 1.00 10.81 ? 26  ASP B C   1 
ATOM   547 O O   . ASP B 1 26 ? 1.938   2.922   -13.395 1.00 13.97 ? 26  ASP B O   1 
ATOM   548 C CB  . ASP B 1 26 ? -1.123  2.808   -13.380 1.00 12.77 ? 26  ASP B CB  1 
ATOM   549 C CG  . ASP B 1 26 ? -2.159  2.347   -14.407 1.00 15.17 ? 26  ASP B CG  1 
ATOM   550 O OD1 . ASP B 1 26 ? -3.155  3.041   -14.638 1.00 16.32 ? 26  ASP B OD1 1 
ATOM   551 O OD2 . ASP B 1 26 ? -2.037  1.234   -14.942 1.00 18.58 ? 26  ASP B OD2 1 
ATOM   552 N N   . SER B 1 27 ? 1.595   2.069   -11.342 1.00 11.51 ? 27  SER B N   1 
ATOM   553 C CA  . SER B 1 27 ? 2.920   2.413   -10.807 1.00 12.06 ? 27  SER B CA  1 
ATOM   554 C C   . SER B 1 27 ? 4.024   1.517   -11.391 1.00 13.11 ? 27  SER B C   1 
ATOM   555 O O   . SER B 1 27 ? 5.207   1.861   -11.303 1.00 18.33 ? 27  SER B O   1 
ATOM   556 C CB  . SER B 1 27 ? 2.968   2.146   -9.261  1.00 16.14 ? 27  SER B CB  1 
ATOM   557 O OG  . SER B 1 27 ? 1.965   2.836   -8.568  1.00 18.45 ? 27  SER B OG  1 
ATOM   558 N N   . CYS B 1 28 ? 3.665   0.326   -11.855 1.00 11.99 ? 28  CYS B N   1 
ATOM   559 C CA  . CYS B 1 28 ? 4.627   -0.665  -12.257 1.00 11.39 ? 28  CYS B CA  1 
ATOM   560 C C   . CYS B 1 28 ? 4.788   -0.587  -13.780 1.00 11.91 ? 28  CYS B C   1 
ATOM   561 O O   . CYS B 1 28 ? 3.843   -0.288  -14.520 1.00 14.26 ? 28  CYS B O   1 
ATOM   562 C CB  . CYS B 1 28 ? 4.157   -2.067  -11.868 1.00 10.24 ? 28  CYS B CB  1 
ATOM   563 S SG  . CYS B 1 28 ? 4.041   -2.297  -10.075 1.00 11.22 ? 28  CYS B SG  1 
ATOM   564 N N   . PRO B 1 29 ? 6.004   -0.914  -14.278 1.00 12.80 ? 29  PRO B N   1 
ATOM   565 C CA  . PRO B 1 29 ? 6.242   -0.779  -15.711 1.00 15.07 ? 29  PRO B CA  1 
ATOM   566 C C   . PRO B 1 29 ? 5.568   -1.849  -16.553 1.00 15.13 ? 29  PRO B C   1 
ATOM   567 O O   . PRO B 1 29 ? 5.391   -2.987  -16.139 1.00 15.26 ? 29  PRO B O   1 
ATOM   568 C CB  . PRO B 1 29 ? 7.763   -0.915  -15.808 1.00 18.41 ? 29  PRO B CB  1 
ATOM   569 C CG  . PRO B 1 29 ? 8.142   -1.792  -14.641 1.00 19.57 ? 29  PRO B CG  1 
ATOM   570 C CD  . PRO B 1 29 ? 7.205   -1.342  -13.538 1.00 14.87 ? 29  PRO B CD  1 
ATOM   571 N N   . GLY B 1 30 ? 5.214   -1.481  -17.778 1.00 17.09 ? 30  GLY B N   1 
ATOM   572 C CA  . GLY B 1 30 ? 4.727   -2.424  -18.752 1.00 17.51 ? 30  GLY B CA  1 
ATOM   573 C C   . GLY B 1 30 ? 3.485   -3.149  -18.277 1.00 13.65 ? 30  GLY B C   1 
ATOM   574 O O   . GLY B 1 30 ? 2.513   -2.538  -17.823 1.00 16.03 ? 30  GLY B O   1 
ATOM   575 N N   . GLN B 1 31 ? 3.523   -4.475  -18.371 1.00 14.04 ? 31  GLN B N   1 
ATOM   576 C CA  . GLN B 1 31 ? 2.406   -5.326  -17.973 1.00 12.87 ? 31  GLN B CA  1 
ATOM   577 C C   . GLN B 1 31 ? 2.415   -5.656  -16.484 1.00 10.80 ? 31  GLN B C   1 
ATOM   578 O O   . GLN B 1 31 ? 1.519   -6.353  -16.006 1.00 11.11 ? 31  GLN B O   1 
ATOM   579 C CB  . GLN B 1 31 ? 2.410   -6.636  -18.765 1.00 13.78 ? 31  GLN B CB  1 
ATOM   580 C CG  . GLN B 1 31 ? 2.214   -6.430  -20.258 1.00 16.38 ? 31  GLN B CG  1 
ATOM   581 C CD  . GLN B 1 31 ? 2.062   -7.756  -20.998 1.00 20.27 ? 31  GLN B CD  1 
ATOM   582 O OE1 . GLN B 1 31 ? 1.104   -7.965  -21.737 1.00 27.14 ? 31  GLN B OE1 1 
ATOM   583 N NE2 . GLN B 1 31 ? 3.011   -8.623  -20.820 1.00 24.04 ? 31  GLN B NE2 1 
ATOM   584 N N   . GLN B 1 32 ? 3.422   -5.191  -15.750 1.00 10.79 ? 32  GLN B N   1 
ATOM   585 C CA  . GLN B 1 32 ? 3.549   -5.617  -14.361 1.00 9.91  ? 32  GLN B CA  1 
ATOM   586 C C   . GLN B 1 32 ? 2.421   -5.103  -13.470 1.00 9.06  ? 32  GLN B C   1 
ATOM   587 O O   . GLN B 1 32 ? 1.941   -3.972  -13.625 1.00 10.33 ? 32  GLN B O   1 
ATOM   588 C CB  . GLN B 1 32 ? 4.894   -5.188  -13.780 1.00 10.54 ? 32  GLN B CB  1 
ATOM   589 C CG  . GLN B 1 32 ? 6.084   -5.894  -14.419 1.00 12.14 ? 32  GLN B CG  1 
ATOM   590 C CD  . GLN B 1 32 ? 7.310   -5.730  -13.571 1.00 14.76 ? 32  GLN B CD  1 
ATOM   591 O OE1 . GLN B 1 32 ? 7.517   -4.724  -12.917 1.00 14.99 ? 32  GLN B OE1 1 
ATOM   592 N NE2 . GLN B 1 32 ? 8.110   -6.790  -13.535 1.00 18.05 ? 32  GLN B NE2 1 
ATOM   593 N N   . LYS B 1 33 ? 2.044   -5.928  -12.500 1.00 8.56  ? 33  LYS B N   1 
ATOM   594 C CA  . LYS B 1 33 ? 1.042   -5.629  -11.511 1.00 8.26  ? 33  LYS B CA  1 
ATOM   595 C C   . LYS B 1 33 ? 1.721   -5.296  -10.197 1.00 8.17  ? 33  LYS B C   1 
ATOM   596 O O   . LYS B 1 33 ? 2.799   -5.797  -9.887  1.00 9.23  ? 33  LYS B O   1 
ATOM   597 C CB  . LYS B 1 33 ? 0.075   -6.762  -11.351 1.00 8.50  ? 33  LYS B CB  1 
ATOM   598 C CG  . LYS B 1 33 ? -0.788  -6.973  -12.574 1.00 10.39 ? 33  LYS B CG  1 
ATOM   599 C CD  . LYS B 1 33 ? -1.709  -8.152  -12.439 1.00 11.96 ? 33  LYS B CD  1 
ATOM   600 C CE  . LYS B 1 33 ? -2.756  -8.015  -11.373 1.00 12.19 ? 33  LYS B CE  1 
ATOM   601 N NZ  . LYS B 1 33 ? -3.751  -6.929  -11.557 1.00 14.65 ? 33  LYS B NZ  1 
ATOM   602 N N   . CYS B 1 34 ? 1.050   -4.438  -9.432  1.00 8.18  ? 34  CYS B N   1 
ATOM   603 C CA  . CYS B 1 34 ? 1.447   -4.155  -8.053  1.00 8.04  ? 34  CYS B CA  1 
ATOM   604 C C   . CYS B 1 34 ? 0.743   -5.156  -7.157  1.00 8.34  ? 34  CYS B C   1 
ATOM   605 O O   . CYS B 1 34 ? -0.421  -5.027  -6.820  1.00 10.44 ? 34  CYS B O   1 
ATOM   606 C CB  . CYS B 1 34 ? 1.048   -2.716  -7.693  1.00 9.45  ? 34  CYS B CB  1 
ATOM   607 S SG  . CYS B 1 34 ? 1.641   -2.228  -6.061  1.00 11.40 ? 34  CYS B SG  1 
ATOM   608 N N   . CYS B 1 35 ? 1.494   -6.178  -6.798  1.00 8.19  ? 35  CYS B N   1 
ATOM   609 C CA  . CYS B 1 35 ? 0.921   -7.352  -6.140  1.00 8.42  ? 35  CYS B CA  1 
ATOM   610 C C   . CYS B 1 35 ? 1.165   -7.266  -4.649  1.00 8.18  ? 35  CYS B C   1 
ATOM   611 O O   . CYS B 1 35 ? 2.295   -7.042  -4.185  1.00 8.52  ? 35  CYS B O   1 
ATOM   612 C CB  . CYS B 1 35 ? 1.594   -8.602  -6.715  1.00 9.00  ? 35  CYS B CB  1 
ATOM   613 S SG  . CYS B 1 35 ? 1.197   -8.844  -8.462  1.00 10.67 ? 35  CYS B SG  1 
ATOM   614 N N   . ASN B 1 36 ? 0.099   -7.415  -3.864  1.00 8.36  ? 36  ASN B N   1 
ATOM   615 C CA  . ASN B 1 36 ? 0.159   -7.458  -2.416  1.00 7.40  ? 36  ASN B CA  1 
ATOM   616 C C   . ASN B 1 36 ? 0.338   -8.871  -1.917  1.00 7.63  ? 36  ASN B C   1 
ATOM   617 O O   . ASN B 1 36 ? -0.353  -9.800  -2.326  1.00 8.42  ? 36  ASN B O   1 
ATOM   618 C CB  . ASN B 1 36 ? -1.101  -6.855  -1.768  1.00 8.65  ? 36  ASN B CB  1 
ATOM   619 C CG  . ASN B 1 36 ? -1.020  -6.875  -0.270  1.00 8.49  ? 36  ASN B CG  1 
ATOM   620 O OD1 . ASN B 1 36 ? -1.591  -7.757  0.384   1.00 9.02  ? 36  ASN B OD1 1 
ATOM   621 N ND2 . ASN B 1 36 ? -0.237  -5.941  0.309   1.00 9.14  ? 36  ASN B ND2 1 
ATOM   622 N N   . TYR B 1 37 ? 1.215   -9.003  -0.926  1.00 8.01  ? 37  TYR B N   1 
ATOM   623 C CA  . TYR B 1 37 ? 1.506   -10.250 -0.221  1.00 8.21  ? 37  TYR B CA  1 
ATOM   624 C C   . TYR B 1 37 ? 1.479   -10.031 1.289   1.00 10.26 ? 37  TYR B C   1 
ATOM   625 O O   . TYR B 1 37 ? 2.194   -10.712 2.049   1.00 14.74 ? 37  TYR B O   1 
ATOM   626 C CB  . TYR B 1 37 ? 2.824   -10.831 -0.699  1.00 8.71  ? 37  TYR B CB  1 
ATOM   627 C CG  . TYR B 1 37 ? 2.885   -11.065 -2.178  1.00 7.93  ? 37  TYR B CG  1 
ATOM   628 C CD1 . TYR B 1 37 ? 3.416   -10.128 -3.033  1.00 8.05  ? 37  TYR B CD1 1 
ATOM   629 C CD2 . TYR B 1 37 ? 2.393   -12.231 -2.750  1.00 8.22  ? 37  TYR B CD2 1 
ATOM   630 C CE1 . TYR B 1 37 ? 3.459   -10.286 -4.401  1.00 8.01  ? 37  TYR B CE1 1 
ATOM   631 C CE2 . TYR B 1 37 ? 2.408   -12.406 -4.120  1.00 8.29  ? 37  TYR B CE2 1 
ATOM   632 C CZ  . TYR B 1 37 ? 2.935   -11.468 -4.947  1.00 7.60  ? 37  TYR B CZ  1 
ATOM   633 O OH  . TYR B 1 37 ? 2.992   -11.609 -6.316  1.00 8.41  ? 37  TYR B OH  1 
ATOM   634 N N   . GLY B 1 38 ? 0.638   -9.159  1.780   1.00 8.25  ? 38  GLY B N   1 
ATOM   635 C CA  . GLY B 1 38 ? 0.556   -8.861  3.190   1.00 9.17  ? 38  GLY B CA  1 
ATOM   636 C C   . GLY B 1 38 ? 1.191   -7.527  3.465   1.00 9.29  ? 38  GLY B C   1 
ATOM   637 O O   . GLY B 1 38 ? 0.672   -6.481  3.080   1.00 10.04 ? 38  GLY B O   1 
ATOM   638 N N   . CYS B 1 39 ? 2.357   -7.555  4.064   1.00 9.52  ? 39  CYS B N   1 
ATOM   639 C CA  . CYS B 1 39 ? 3.100   -6.330  4.303   1.00 10.60 ? 39  CYS B CA  1 
ATOM   640 C C   . CYS B 1 39 ? 3.779   -5.811  3.075   1.00 12.18 ? 39  CYS B C   1 
ATOM   641 O O   . CYS B 1 39 ? 4.246   -4.648  3.085   1.00 18.66 ? 39  CYS B O   1 
ATOM   642 C CB  . CYS B 1 39 ? 4.171   -6.548  5.385   1.00 12.54 ? 39  CYS B CB  1 
ATOM   643 S SG  . CYS B 1 39 ? 5.515   -7.693  4.908   1.00 15.67 ? 39  CYS B SG  1 
ATOM   644 N N   . LYS B 1 40 ? 3.883   -6.583  2.014   1.00 8.96  ? 40  LYS B N   1 
ATOM   645 C CA  . LYS B 1 40 ? 4.635   -6.222  0.843   1.00 8.90  ? 40  LYS B CA  1 
ATOM   646 C C   . LYS B 1 40 ? 3.743   -5.914  -0.343  1.00 8.16  ? 40  LYS B C   1 
ATOM   647 O O   . LYS B 1 40 ? 2.794   -6.653  -0.604  1.00 8.98  ? 40  LYS B O   1 
ATOM   648 C CB  . LYS B 1 40 ? 5.527   -7.394  0.470   1.00 10.60 ? 40  LYS B CB  1 
ATOM   649 C CG  . LYS B 1 40 ? 6.237   -7.229  -0.852  1.00 11.74 ? 40  LYS B CG  1 
ATOM   650 C CD  . LYS B 1 40 ? 7.304   -8.230  -1.138  1.00 12.44 ? 40  LYS B CD  1 
ATOM   651 C CE  . LYS B 1 40 ? 6.835   -9.643  -1.121  1.00 12.01 ? 40  LYS B CE  1 
ATOM   652 N NZ  . LYS B 1 40 ? 7.858   -10.559 -1.683  1.00 15.82 ? 40  LYS B NZ  1 
ATOM   653 N N   . ASP B 1 41 ? 4.079   -4.848  -1.071  1.00 8.17  ? 41  ASP B N   1 
ATOM   654 C CA  . ASP B 1 41 ? 3.572   -4.545  -2.400  1.00 8.21  ? 41  ASP B CA  1 
ATOM   655 C C   . ASP B 1 41 ? 4.762   -4.566  -3.370  1.00 8.76  ? 41  ASP B C   1 
ATOM   656 O O   . ASP B 1 41 ? 5.709   -3.812  -3.146  1.00 10.32 ? 41  ASP B O   1 
ATOM   657 C CB  . ASP B 1 41 ? 2.877   -3.179  -2.420  1.00 9.11  ? 41  ASP B CB  1 
ATOM   658 C CG  . ASP B 1 41 ? 1.650   -3.131  -1.532  1.00 10.83 ? 41  ASP B CG  1 
ATOM   659 O OD1 . ASP B 1 41 ? 1.553   -2.187  -0.705  1.00 15.97 ? 41  ASP B OD1 1 
ATOM   660 O OD2 . ASP B 1 41 ? 0.783   -4.023  -1.638  1.00 12.74 ? 41  ASP B OD2 1 
ATOM   661 N N   . GLU B 1 42 ? 4.717   -5.443  -4.375  1.00 8.70  ? 42  GLU B N   1 
ATOM   662 C CA  . GLU B 1 42 ? 5.835   -5.657  -5.241  1.00 9.85  ? 42  GLU B CA  1 
ATOM   663 C C   . GLU B 1 42 ? 5.355   -5.668  -6.686  1.00 8.50  ? 42  GLU B C   1 
ATOM   664 O O   . GLU B 1 42 ? 4.348   -6.313  -6.975  1.00 9.70  ? 42  GLU B O   1 
ATOM   665 C CB  . GLU B 1 42 ? 6.379   -7.120  -4.866  1.00 16.79 ? 42  GLU B CB  1 
ATOM   666 C CG  . GLU B 1 42 ? 7.548   -7.595  -5.524  1.00 20.81 ? 42  GLU B CG  1 
ATOM   667 C CD  . GLU B 1 42 ? 8.081   -8.857  -4.912  1.00 14.56 ? 42  GLU B CD  1 
ATOM   668 O OE1 . GLU B 1 42 ? 9.312   -8.889  -4.975  1.00 20.72 ? 42  GLU B OE1 1 
ATOM   669 O OE2 . GLU B 1 42 ? 7.344   -9.829  -4.463  1.00 14.79 ? 42  GLU B OE2 1 
ATOM   670 N N   . CYS B 1 43 ? 6.101   -5.042  -7.576  1.00 8.86  ? 43  CYS B N   1 
ATOM   671 C CA  . CYS B 1 43 ? 5.791   -5.141  -8.986  1.00 8.33  ? 43  CYS B CA  1 
ATOM   672 C C   . CYS B 1 43 ? 6.197   -6.518  -9.502  1.00 9.11  ? 43  CYS B C   1 
ATOM   673 O O   . CYS B 1 43 ? 7.328   -6.954  -9.264  1.00 10.62 ? 43  CYS B O   1 
ATOM   674 C CB  . CYS B 1 43 ? 6.547   -4.096  -9.789  1.00 10.13 ? 43  CYS B CB  1 
ATOM   675 S SG  . CYS B 1 43 ? 6.058   -2.363  -9.477  1.00 12.04 ? 43  CYS B SG  1 
ATOM   676 N N   . ARG B 1 44 ? 5.291   -7.183  -10.223 1.00 8.86  ? 44  ARG B N   1 
ATOM   677 C CA  . ARG B 1 44 ? 5.539   -8.532  -10.701 1.00 9.05  ? 44  ARG B CA  1 
ATOM   678 C C   . ARG B 1 44 ? 4.982   -8.700  -12.107 1.00 9.19  ? 44  ARG B C   1 
ATOM   679 O O   . ARG B 1 44 ? 3.922   -8.165  -12.454 1.00 9.83  ? 44  ARG B O   1 
ATOM   680 C CB  . ARG B 1 44 ? 4.846   -9.563  -9.828  1.00 9.65  ? 44  ARG B CB  1 
ATOM   681 C CG  . ARG B 1 44 ? 5.313   -9.734  -8.394  1.00 9.61  ? 44  ARG B CG  1 
ATOM   682 C CD  . ARG B 1 44 ? 6.636   -10.470 -8.237  1.00 11.17 ? 44  ARG B CD  1 
ATOM   683 N NE  . ARG B 1 44 ? 7.792   -9.647  -8.486  1.00 11.47 ? 44  ARG B NE  1 
ATOM   684 C CZ  . ARG B 1 44 ? 9.031   -10.105 -8.565  1.00 12.85 ? 44  ARG B CZ  1 
ATOM   685 N NH1 . ARG B 1 44 ? 9.277   -11.407 -8.577  1.00 13.63 ? 44  ARG B NH1 1 
ATOM   686 N NH2 . ARG B 1 44 ? 10.025  -9.239  -8.652  1.00 15.53 ? 44  ARG B NH2 1 
ATOM   687 N N   . ASP B 1 45 ? 5.666   -9.532  -12.888 1.00 10.08 ? 45  ASP B N   1 
ATOM   688 C CA  . ASP B 1 45 ? 5.105   -9.990  -14.137 1.00 10.33 ? 45  ASP B CA  1 
ATOM   689 C C   . ASP B 1 45 ? 3.873   -10.832 -13.836 1.00 10.02 ? 45  ASP B C   1 
ATOM   690 O O   . ASP B 1 45 ? 3.903   -11.710 -12.992 1.00 11.85 ? 45  ASP B O   1 
ATOM   691 C CB  . ASP B 1 45 ? 6.119   -10.858 -14.884 1.00 12.22 ? 45  ASP B CB  1 
ATOM   692 C CG  . ASP B 1 45 ? 7.374   -10.143 -15.345 1.00 14.83 ? 45  ASP B CG  1 
ATOM   693 O OD1 . ASP B 1 45 ? 8.382   -10.831 -15.572 1.00 21.61 ? 45  ASP B OD1 1 
ATOM   694 O OD2 . ASP B 1 45 ? 7.380   -8.927  -15.498 1.00 15.81 ? 45  ASP B OD2 1 
ATOM   695 N N   . PRO B 1 46 ? 2.798   -10.624 -14.584 1.00 10.66 ? 46  PRO B N   1 
ATOM   696 C CA  . PRO B 1 46 ? 1.585   -11.381 -14.338 1.00 11.29 ? 46  PRO B CA  1 
ATOM   697 C C   . PRO B 1 46 ? 1.621   -12.770 -14.961 1.00 11.34 ? 46  PRO B C   1 
ATOM   698 O O   . PRO B 1 46 ? 2.375   -13.032 -15.894 1.00 12.80 ? 46  PRO B O   1 
ATOM   699 C CB  . PRO B 1 46 ? 0.518   -10.579 -15.064 1.00 13.85 ? 46  PRO B CB  1 
ATOM   700 C CG  . PRO B 1 46 ? 1.289   -9.789  -16.077 1.00 20.04 ? 46  PRO B CG  1 
ATOM   701 C CD  . PRO B 1 46 ? 2.597   -9.546  -15.550 1.00 12.21 ? 46  PRO B CD  1 
ATOM   702 N N   . ILE B 1 47 ? 0.742   -13.612 -14.459 1.00 11.07 ? 47  ILE B N   1 
ATOM   703 C CA  . ILE B 1 47 ? 0.426   -14.900 -15.070 1.00 11.67 ? 47  ILE B CA  1 
ATOM   704 C C   . ILE B 1 47 ? -0.906  -14.727 -15.818 1.00 11.75 ? 47  ILE B C   1 
ATOM   705 O O   . ILE B 1 47 ? -1.901  -14.302 -15.262 1.00 13.24 ? 47  ILE B O   1 
ATOM   706 C CB  . ILE B 1 47 ? 0.289   -16.021 -14.015 1.00 12.38 ? 47  ILE B CB  1 
ATOM   707 C CG1 . ILE B 1 47 ? 1.619   -16.219 -13.290 1.00 13.50 ? 47  ILE B CG1 1 
ATOM   708 C CG2 . ILE B 1 47 ? -0.165  -17.330 -14.679 1.00 15.38 ? 47  ILE B CG2 1 
ATOM   709 C CD1 . ILE B 1 47 ? 1.549   -17.136 -12.059 1.00 16.16 ? 47  ILE B CD1 1 
ATOM   710 N N   . PHE B 1 48 ? -0.885  -15.082 -17.095 1.00 12.87 ? 48  PHE B N   1 
ATOM   711 C CA  . PHE B 1 48 ? -2.103  -15.072 -17.899 1.00 14.29 ? 48  PHE B CA  1 
ATOM   712 C C   . PHE B 1 48 ? -2.548  -16.499 -18.148 1.00 13.92 ? 48  PHE B C   1 
ATOM   713 O O   . PHE B 1 48 ? -1.735  -17.330 -18.517 1.00 16.68 ? 48  PHE B O   1 
ATOM   714 C CB  . PHE B 1 48 ? -1.835  -14.459 -19.247 1.00 15.67 ? 48  PHE B CB  1 
ATOM   715 C CG  . PHE B 1 48 ? -1.320  -13.037 -19.165 1.00 16.85 ? 48  PHE B CG  1 
ATOM   716 C CD1 . PHE B 1 48 ? -1.948  -12.087 -18.410 1.00 19.55 ? 48  PHE B CD1 1 
ATOM   717 C CD2 . PHE B 1 48 ? -0.193  -12.662 -19.863 1.00 24.50 ? 48  PHE B CD2 1 
ATOM   718 C CE1 . PHE B 1 48 ? -1.475  -10.769 -18.369 1.00 19.69 ? 48  PHE B CE1 1 
ATOM   719 C CE2 . PHE B 1 48 ? 0.267   -11.362 -19.810 1.00 25.77 ? 48  PHE B CE2 1 
ATOM   720 C CZ  . PHE B 1 48 ? -0.406  -10.430 -19.067 1.00 23.35 ? 48  PHE B CZ  1 
ATOM   721 N N   . VAL B 1 49 ? -3.831  -16.750 -17.951 1.00 15.11 ? 49  VAL B N   1 
ATOM   722 C CA  . VAL B 1 49 ? -4.427  -18.083 -18.135 1.00 17.07 ? 49  VAL B CA  1 
ATOM   723 C C   . VAL B 1 49 ? -5.049  -18.147 -19.546 1.00 16.85 ? 49  VAL B C   1 
ATOM   724 O O   . VAL B 1 49 ? -6.229  -17.892 -19.741 1.00 18.43 ? 49  VAL B O   1 
ATOM   725 C CB  . VAL B 1 49 ? -5.475  -18.352 -17.066 1.00 20.14 ? 49  VAL B CB  1 
ATOM   726 C CG1 . VAL B 1 49 ? -5.991  -19.759 -17.206 1.00 25.16 ? 49  VAL B CG1 1 
ATOM   727 C CG2 . VAL B 1 49 ? -4.889  -18.121 -15.706 1.00 25.43 ? 49  VAL B CG2 1 
ATOM   728 N N   . GLY B 1 50 ? -4.207  -18.467 -20.525 1.00 19.86 ? 50  GLY B N   1 
ATOM   729 C CA  . GLY B 1 50 ? -4.609  -18.606 -21.929 1.00 23.91 ? 50  GLY B CA  1 
ATOM   730 C C   . GLY B 1 50 ? -4.518  -20.056 -22.396 1.00 26.17 ? 50  GLY B C   1 
ATOM   731 O O   . GLY B 1 50 ? -4.493  -21.026 -21.602 1.00 26.02 ? 50  GLY B O   1 
ATOM   732 O OXT . GLY B 1 50 ? -4.453  -20.284 -23.612 1.00 29.00 ? 50  GLY B OXT 1 
HETATM 733 O O   . HOH C 2 .  ? -5.875  1.811   14.410  1.00 32.41 ? 51  HOH A O   1 
HETATM 734 O O   . HOH C 2 .  ? 10.417  -3.584  8.695   1.00 31.62 ? 52  HOH A O   1 
HETATM 735 O O   . HOH C 2 .  ? 3.395   2.993   17.645  1.00 31.89 ? 53  HOH A O   1 
HETATM 736 O O   . HOH C 2 .  ? 1.104   -6.087  6.879   1.00 12.51 ? 54  HOH A O   1 
HETATM 737 O O   . HOH C 2 .  ? 1.436   9.370   15.483  1.00 18.49 ? 55  HOH A O   1 
HETATM 738 O O   . HOH C 2 .  ? -1.363  13.951  5.153   1.00 20.18 ? 56  HOH A O   1 
HETATM 739 O O   . HOH C 2 .  ? -10.011 12.537  9.915   1.00 21.92 ? 57  HOH A O   1 
HETATM 740 O O   . HOH C 2 .  ? 7.739   11.226  14.815  1.00 33.97 ? 58  HOH A O   1 
HETATM 741 O O   . HOH C 2 .  ? -4.320  9.140   3.960   1.00 20.44 ? 59  HOH A O   1 
HETATM 742 O O   . HOH C 2 .  ? 9.472   3.482   4.930   1.00 18.83 ? 60  HOH A O   1 
HETATM 743 O O   . HOH C 2 .  ? 3.661   11.100  15.288  1.00 20.57 ? 61  HOH A O   1 
HETATM 744 O O   . HOH C 2 .  ? -2.057  7.921   15.806  1.00 22.19 ? 62  HOH A O   1 
HETATM 745 O O   . HOH C 2 .  ? -7.977  7.073   1.654   1.00 24.99 ? 63  HOH A O   1 
HETATM 746 O O   . HOH C 2 .  ? -0.937  10.435  16.205  1.00 37.34 ? 64  HOH A O   1 
HETATM 747 O O   . HOH C 2 .  ? -6.227  -5.341  7.601   1.00 34.58 ? 65  HOH A O   1 
HETATM 748 O O   . HOH C 2 .  ? -11.822 -0.590  -1.258  1.00 27.08 ? 66  HOH A O   1 
HETATM 749 O O   . HOH C 2 .  ? 4.526   1.556   12.973  1.00 36.65 ? 67  HOH A O   1 
HETATM 750 O O   . HOH C 2 .  ? 12.883  6.615   10.332  1.00 25.73 ? 68  HOH A O   1 
HETATM 751 O O   . HOH C 2 .  ? -8.489  2.345   -2.147  1.00 28.20 ? 69  HOH A O   1 
HETATM 752 O O   . HOH C 2 .  ? -12.625 12.712  9.623   1.00 21.62 ? 70  HOH A O   1 
HETATM 753 O O   . HOH C 2 .  ? -4.529  5.985   2.117   1.00 37.58 ? 71  HOH A O   1 
HETATM 754 O O   . HOH C 2 .  ? -1.711  2.323   14.065  1.00 24.60 ? 72  HOH A O   1 
HETATM 755 O O   . HOH C 2 .  ? -7.436  -5.064  -4.665  1.00 46.32 ? 73  HOH A O   1 
HETATM 756 O O   . HOH C 2 .  ? -2.301  1.335   1.605   1.00 25.95 ? 74  HOH A O   1 
HETATM 757 O O   . HOH C 2 .  ? 3.622   -0.948  14.034  1.00 39.52 ? 75  HOH A O   1 
HETATM 758 O O   . HOH C 2 .  ? 5.447   9.223   16.344  1.00 28.53 ? 76  HOH A O   1 
HETATM 759 O O   . HOH C 2 .  ? 12.356  10.168  8.978   1.00 43.41 ? 77  HOH A O   1 
HETATM 760 O O   . HOH C 2 .  ? -5.100  18.039  15.614  1.00 30.02 ? 78  HOH A O   1 
HETATM 761 O O   . HOH C 2 .  ? -14.960 6.651   10.201  1.00 39.82 ? 79  HOH A O   1 
HETATM 762 O O   . HOH C 2 .  ? -4.282  -0.066  12.644  1.00 39.33 ? 80  HOH A O   1 
HETATM 763 O O   . HOH C 2 .  ? -6.054  -1.773  10.831  1.00 45.36 ? 81  HOH A O   1 
HETATM 764 O O   . HOH C 2 .  ? -6.981  -2.993  6.698   1.00 30.28 ? 82  HOH A O   1 
HETATM 765 O O   . HOH C 2 .  ? 1.879   5.384   18.328  1.00 30.03 ? 83  HOH A O   1 
HETATM 766 O O   . HOH C 2 .  ? -1.371  4.699   2.442   1.00 30.81 ? 84  HOH A O   1 
HETATM 767 O O   . HOH C 2 .  ? 6.241   3.761   13.382  1.00 39.94 ? 87  HOH A O   1 
HETATM 768 O O   . HOH C 2 .  ? -5.331  -6.232  9.981   1.00 38.19 ? 88  HOH A O   1 
HETATM 769 O O   . HOH C 2 .  ? -14.784 4.021   10.399  1.00 50.97 ? 89  HOH A O   1 
HETATM 770 O O   . HOH C 2 .  ? -13.409 8.606   3.825   1.00 37.30 ? 90  HOH A O   1 
HETATM 771 O O   . HOH C 2 .  ? -9.405  -1.955  -5.301  1.00 43.56 ? 91  HOH A O   1 
HETATM 772 O O   . HOH C 2 .  ? 1.695   0.931   16.382  1.00 39.21 ? 92  HOH A O   1 
HETATM 773 O O   . HOH C 2 .  ? -2.959  1.504   15.875  1.00 40.13 ? 93  HOH A O   1 
HETATM 774 O O   . HOH C 2 .  ? -3.589  3.892   16.290  1.00 52.40 ? 94  HOH A O   1 
HETATM 775 O O   . HOH C 2 .  ? -0.045  3.524   18.329  1.00 47.36 ? 95  HOH A O   1 
HETATM 776 O O   . HOH C 2 .  ? -4.301  23.032  15.301  1.00 46.30 ? 96  HOH A O   1 
HETATM 777 O O   . HOH C 2 .  ? -2.781  16.888  16.942  1.00 44.55 ? 97  HOH A O   1 
HETATM 778 O O   . HOH C 2 .  ? -6.856  16.055  17.038  1.00 43.66 ? 98  HOH A O   1 
HETATM 779 O O   . HOH C 2 .  ? -6.945  6.804   18.405  1.00 45.33 ? 99  HOH A O   1 
HETATM 780 O O   . HOH C 2 .  ? -11.504 -0.286  10.767  1.00 37.26 ? 102 HOH A O   1 
HETATM 781 O O   . HOH C 2 .  ? -9.729  -4.862  -1.162  1.00 21.18 ? 103 HOH A O   1 
HETATM 782 O O   . HOH C 2 .  ? -5.705  15.364  4.129   1.00 28.51 ? 104 HOH A O   1 
HETATM 783 O O   . HOH C 2 .  ? -13.666 4.325   8.375   1.00 35.19 ? 106 HOH A O   1 
HETATM 784 O O   . HOH C 2 .  ? -4.531  11.560  2.576   1.00 26.94 ? 108 HOH A O   1 
HETATM 785 O O   . HOH C 2 .  ? -6.588  13.503  15.902  1.00 33.43 ? 109 HOH A O   1 
HETATM 786 O O   . HOH C 2 .  ? 1.231   1.074   14.076  1.00 32.34 ? 110 HOH A O   1 
HETATM 787 O O   . HOH C 2 .  ? -3.276  14.073  3.262   1.00 24.19 ? 111 HOH A O   1 
HETATM 788 O O   . HOH C 2 .  ? 1.457   -2.643  13.011  1.00 34.10 ? 114 HOH A O   1 
HETATM 789 O O   . HOH C 2 .  ? -3.357  14.236  16.422  1.00 31.96 ? 115 HOH A O   1 
HETATM 790 O O   . HOH C 2 .  ? -10.618 8.032   15.873  1.00 31.65 ? 117 HOH A O   1 
HETATM 791 O O   . HOH C 2 .  ? -14.884 3.497   13.201  1.00 42.29 ? 118 HOH A O   1 
HETATM 792 O O   . HOH C 2 .  ? -2.434  24.594  13.171  1.00 39.41 ? 124 HOH A O   1 
HETATM 793 O O   . HOH C 2 .  ? -1.611  12.476  15.387  1.00 26.14 ? 127 HOH A O   1 
HETATM 794 O O   . HOH C 2 .  ? -2.567  6.184   17.415  1.00 38.60 ? 132 HOH A O   1 
HETATM 795 O O   . HOH C 2 .  ? -14.831 7.978   5.956   1.00 41.93 ? 135 HOH A O   1 
HETATM 796 O O   . HOH C 2 .  ? -14.859 7.009   1.580   1.00 44.96 ? 140 HOH A O   1 
HETATM 797 O O   . HOH C 2 .  ? -2.257  25.571  15.908  1.00 47.34 ? 143 HOH A O   1 
HETATM 798 O O   . HOH D 2 .  ? -0.890  -7.060  -17.291 1.00 11.96 ? 51  HOH B O   1 
HETATM 799 O O   . HOH D 2 .  ? 7.904   -10.843 -11.733 1.00 18.43 ? 52  HOH B O   1 
HETATM 800 O O   . HOH D 2 .  ? 6.942   -16.202 -8.190  1.00 18.23 ? 53  HOH B O   1 
HETATM 801 O O   . HOH D 2 .  ? 7.073   -18.627 -4.853  1.00 26.35 ? 54  HOH B O   1 
HETATM 802 O O   . HOH D 2 .  ? 4.065   4.025   -6.504  1.00 35.73 ? 55  HOH B O   1 
HETATM 803 O O   . HOH D 2 .  ? -0.232  -3.149  -19.124 1.00 19.49 ? 56  HOH B O   1 
HETATM 804 O O   . HOH D 2 .  ? -5.999  -8.871  -12.285 1.00 30.60 ? 57  HOH B O   1 
HETATM 805 O O   . HOH D 2 .  ? 12.113  -14.583 0.710   1.00 20.73 ? 58  HOH B O   1 
HETATM 806 O O   . HOH D 2 .  ? 1.306   -2.816  -21.472 1.00 36.83 ? 59  HOH B O   1 
HETATM 807 O O   . HOH D 2 .  ? 8.017   -4.657  -17.346 1.00 37.64 ? 60  HOH B O   1 
HETATM 808 O O   . HOH D 2 .  ? -1.294  -18.982 -21.111 1.00 37.13 ? 61  HOH B O   1 
HETATM 809 O O   . HOH D 2 .  ? 0.974   -10.358 -23.423 1.00 33.72 ? 62  HOH B O   1 
HETATM 810 O O   . HOH D 2 .  ? -5.126  3.904   -16.560 1.00 27.50 ? 63  HOH B O   1 
HETATM 811 O O   . HOH D 2 .  ? 7.780   -13.806 -9.353  1.00 19.09 ? 64  HOH B O   1 
HETATM 812 O O   . HOH D 2 .  ? -3.986  -1.570  -9.433  1.00 22.94 ? 65  HOH B O   1 
HETATM 813 O O   . HOH D 2 .  ? -2.790  -21.250 -19.333 1.00 36.19 ? 66  HOH B O   1 
HETATM 814 O O   . HOH D 2 .  ? 10.748  -7.278  6.430   1.00 22.87 ? 67  HOH B O   1 
HETATM 815 O O   . HOH D 2 .  ? 1.532   -16.165 -18.356 1.00 23.53 ? 68  HOH B O   1 
HETATM 816 O O   . HOH D 2 .  ? 3.399   -17.332 -16.620 1.00 36.52 ? 69  HOH B O   1 
HETATM 817 O O   . HOH D 2 .  ? 3.413   -14.186 -19.706 1.00 36.56 ? 70  HOH B O   1 
HETATM 818 O O   . HOH D 2 .  ? 10.257  -9.618  -0.593  1.00 20.07 ? 71  HOH B O   1 
HETATM 819 O O   . HOH D 2 .  ? 7.222   -18.474 -0.534  1.00 31.61 ? 72  HOH B O   1 
HETATM 820 O O   . HOH D 2 .  ? 4.108   -12.165 -17.799 1.00 22.20 ? 73  HOH B O   1 
HETATM 821 O O   . HOH D 2 .  ? 5.519   -19.005 -2.661  1.00 41.29 ? 74  HOH B O   1 
HETATM 822 O O   . HOH D 2 .  ? -2.585  -6.120  -8.481  1.00 22.00 ? 75  HOH B O   1 
HETATM 823 O O   . HOH D 2 .  ? -1.941  8.575   -1.612  1.00 38.43 ? 76  HOH B O   1 
HETATM 824 O O   . HOH D 2 .  ? 5.464   -7.945  -17.212 1.00 21.82 ? 77  HOH B O   1 
HETATM 825 O O   . HOH D 2 .  ? -4.130  3.370   -5.819  1.00 41.63 ? 78  HOH B O   1 
HETATM 826 O O   . HOH D 2 .  ? 12.035  -12.105 -8.722  1.00 24.79 ? 79  HOH B O   1 
HETATM 827 O O   . HOH D 2 .  ? 5.999   -5.846  -18.869 1.00 23.17 ? 80  HOH B O   1 
HETATM 828 O O   . HOH D 2 .  ? -0.789  -3.955  -4.041  1.00 21.01 ? 81  HOH B O   1 
HETATM 829 O O   . HOH D 2 .  ? -9.988  -1.856  -8.673  1.00 46.54 ? 82  HOH B O   1 
HETATM 830 O O   . HOH D 2 .  ? 4.939   -14.219 -13.037 1.00 20.05 ? 83  HOH B O   1 
HETATM 831 O O   . HOH D 2 .  ? 11.114  -8.202  -2.747  1.00 25.79 ? 84  HOH B O   1 
HETATM 832 O O   . HOH D 2 .  ? -2.508  -7.832  -5.116  1.00 19.88 ? 85  HOH B O   1 
HETATM 833 O O   . HOH D 2 .  ? 9.813   -6.200  -8.592  1.00 23.68 ? 86  HOH B O   1 
HETATM 834 O O   . HOH D 2 .  ? -3.260  0.145   -17.114 1.00 21.52 ? 87  HOH B O   1 
HETATM 835 O O   . HOH D 2 .  ? 13.045  -11.202 -6.325  1.00 27.08 ? 88  HOH B O   1 
HETATM 836 O O   . HOH D 2 .  ? 7.437   -13.666 -12.016 1.00 22.26 ? 89  HOH B O   1 
HETATM 837 O O   . HOH D 2 .  ? 9.770   -3.807  -11.782 1.00 26.65 ? 90  HOH B O   1 
HETATM 838 O O   . HOH D 2 .  ? 9.105   -16.250 -6.440  1.00 26.25 ? 91  HOH B O   1 
HETATM 839 O O   . HOH D 2 .  ? 4.432   -14.929 -15.629 1.00 26.71 ? 92  HOH B O   1 
HETATM 840 O O   . HOH D 2 .  ? 4.555   -9.789  -18.913 1.00 25.54 ? 93  HOH B O   1 
HETATM 841 O O   . HOH D 2 .  ? -9.352  -1.732  -14.385 1.00 26.61 ? 94  HOH B O   1 
HETATM 842 O O   . HOH D 2 .  ? 12.470  -4.439  -3.521  1.00 26.72 ? 95  HOH B O   1 
HETATM 843 O O   . HOH D 2 .  ? 11.697  -4.801  5.472   1.00 30.60 ? 96  HOH B O   1 
HETATM 844 O O   . HOH D 2 .  ? 10.431  -10.114 -12.164 1.00 33.25 ? 97  HOH B O   1 
HETATM 845 O O   . HOH D 2 .  ? 8.433   -14.707 3.972   1.00 33.61 ? 100 HOH B O   1 
HETATM 846 O O   . HOH D 2 .  ? 9.215   0.849   0.242   1.00 12.13 ? 101 HOH B O   1 
HETATM 847 O O   . HOH D 2 .  ? 10.840  -7.090  -6.188  1.00 33.20 ? 105 HOH B O   1 
HETATM 848 O O   . HOH D 2 .  ? 9.219   -7.640  -16.848 1.00 35.68 ? 107 HOH B O   1 
HETATM 849 O O   . HOH D 2 .  ? 5.655   1.119   -18.922 1.00 40.48 ? 112 HOH B O   1 
HETATM 850 O O   . HOH D 2 .  ? -5.193  -6.755  -9.076  1.00 33.29 ? 113 HOH B O   1 
HETATM 851 O O   . HOH D 2 .  ? -2.546  -2.926  -6.946  1.00 36.12 ? 116 HOH B O   1 
HETATM 852 O O   . HOH D 2 .  ? 10.680  -7.361  -12.028 1.00 37.55 ? 119 HOH B O   1 
HETATM 853 O O   . HOH D 2 .  ? 10.858  -10.116 -15.199 1.00 42.45 ? 120 HOH B O   1 
HETATM 854 O O   . HOH D 2 .  ? -0.357  -19.642 -17.720 1.00 38.67 ? 121 HOH B O   1 
HETATM 855 O O   . HOH D 2 .  ? 9.745   -2.658  -8.966  1.00 35.96 ? 122 HOH B O   1 
HETATM 856 O O   . HOH D 2 .  ? 11.352  -5.549  -10.324 1.00 33.38 ? 123 HOH B O   1 
HETATM 857 O O   . HOH D 2 .  ? 6.196   -16.127 3.141   1.00 33.19 ? 125 HOH B O   1 
HETATM 858 O O   . HOH D 2 .  ? 10.562  3.667   -6.929  1.00 43.29 ? 128 HOH B O   1 
HETATM 859 O O   . HOH D 2 .  ? 8.014   3.807   -6.115  1.00 35.07 ? 129 HOH B O   1 
HETATM 860 O O   . HOH D 2 .  ? -1.128  0.641   -1.734  1.00 37.43 ? 131 HOH B O   1 
HETATM 861 O O   . HOH D 2 .  ? 8.674   -13.459 -15.395 1.00 41.35 ? 133 HOH B O   1 
HETATM 862 O O   . HOH D 2 .  ? 8.129   0.874   -10.370 1.00 40.80 ? 136 HOH B O   1 
HETATM 863 O O   . HOH D 2 .  ? 9.747   -1.213  -10.989 1.00 44.35 ? 137 HOH B O   1 
HETATM 864 O O   . HOH D 2 .  ? 6.410   3.928   -9.831  1.00 38.35 ? 138 HOH B O   1 
HETATM 865 O O   . HOH D 2 .  ? 5.994   -6.828  -21.437 1.00 43.55 ? 139 HOH B O   1 
HETATM 866 O O   . HOH D 2 .  ? -10.896 -4.818  -7.970  1.00 50.48 ? 141 HOH B O   1 
HETATM 867 O O   . HOH D 2 .  ? 12.896  -9.290  -9.074  1.00 46.14 ? 142 HOH B O   1 
HETATM 868 O O   . HOH D 2 .  ? 3.123   -13.840 0.670   1.00 27.24 ? 144 HOH B O   1 
HETATM 869 O O   . HOH D 2 .  ? 0.983   -12.894 2.459   1.00 34.02 ? 145 HOH B O   1 
HETATM 870 O O   . HOH D 2 .  ? 9.186   -8.581  -19.371 1.00 45.16 ? 146 HOH B O   1 
HETATM 871 O O   . HOH D 2 .  ? 8.970   -10.913 -18.259 1.00 46.94 ? 147 HOH B O   1 
HETATM 872 O O   . HOH D 2 .  ? 6.943   -10.328 -20.007 1.00 48.41 ? 148 HOH B O   1 
# 
loop_
_atom_site_anisotrop.id 
_atom_site_anisotrop.type_symbol 
_atom_site_anisotrop.pdbx_label_atom_id 
_atom_site_anisotrop.pdbx_label_alt_id 
_atom_site_anisotrop.pdbx_label_comp_id 
_atom_site_anisotrop.pdbx_label_asym_id 
_atom_site_anisotrop.pdbx_label_seq_id 
_atom_site_anisotrop.pdbx_PDB_ins_code 
_atom_site_anisotrop.U[1][1] 
_atom_site_anisotrop.U[2][2] 
_atom_site_anisotrop.U[3][3] 
_atom_site_anisotrop.U[1][2] 
_atom_site_anisotrop.U[1][3] 
_atom_site_anisotrop.U[2][3] 
_atom_site_anisotrop.pdbx_auth_seq_id 
_atom_site_anisotrop.pdbx_auth_comp_id 
_atom_site_anisotrop.pdbx_auth_asym_id 
_atom_site_anisotrop.pdbx_auth_atom_id 
1   N N   . LYS A 5  ? 0.3740 0.4192 0.3559 0.0155  -0.0332 0.0086  5   LYS A N   
2   C CA  . LYS A 5  ? 0.2311 0.3339 0.3217 0.0415  -0.0268 -0.0208 5   LYS A CA  
3   C C   . LYS A 5  ? 0.1252 0.2985 0.2906 0.0018  -0.0244 -0.0275 5   LYS A C   
4   O O   . LYS A 5  ? 0.1678 0.3807 0.2973 0.0430  -0.0292 0.0111  5   LYS A O   
5   C CB  . LYS A 5  ? 0.3027 0.4270 0.3910 0.0150  0.0130  0.0049  5   LYS A CB  
6   C CG  . LYS A 5  ? 0.4769 0.4945 0.5268 0.0026  -0.0083 -0.0031 5   LYS A CG  
7   C CD  . LYS A 5  ? 0.6394 0.6796 0.6492 -0.0151 0.0318  -0.0034 5   LYS A CD  
8   C CE  . LYS A 5  ? 0.7289 0.7281 0.7549 -0.0283 -0.0027 -0.0015 5   LYS A CE  
9   N NZ  . LYS A 5  ? 0.7611 0.7836 0.7648 -0.0366 -0.0087 -0.0093 5   LYS A NZ  
10  N N   . LYS A 6  ? 0.1315 0.2487 0.3045 0.0403  -0.0429 -0.0611 6   LYS A N   
11  C CA  . LYS A 6  ? 0.0992 0.2824 0.3185 0.0158  -0.0412 -0.0879 6   LYS A CA  
12  C C   . LYS A 6  ? 0.1242 0.2662 0.3522 0.0622  -0.0904 -0.1212 6   LYS A C   
13  O O   . LYS A 6  ? 0.1328 0.1995 0.3638 0.0505  -0.0864 -0.0699 6   LYS A O   
14  C CB  . LYS A 6  ? 0.1262 0.3006 0.3184 0.0148  -0.0255 -0.1163 6   LYS A CB  
15  C CG  . LYS A 6  ? 0.1050 0.3027 0.3224 -0.0435 -0.0034 -0.0842 6   LYS A CG  
16  C CD  . LYS A 6  ? 0.1169 0.2905 0.3208 -0.0136 0.0085  -0.0993 6   LYS A CD  
17  C CE  . LYS A 6  ? 0.1450 0.3196 0.3106 -0.0827 0.0521  -0.1060 6   LYS A CE  
18  N NZ  . LYS A 6  ? 0.1953 0.2919 0.3594 -0.0453 0.0655  -0.0995 6   LYS A NZ  
19  N N   . PRO A 7  ? 0.1251 0.3201 0.4335 0.0776  -0.1046 -0.1605 7   PRO A N   
20  C CA  . PRO A 7  ? 0.1902 0.2640 0.3981 0.0951  -0.1166 -0.1128 7   PRO A CA  
21  C C   . PRO A 7  ? 0.1550 0.2589 0.3798 0.0939  -0.1022 -0.0949 7   PRO A C   
22  O O   . PRO A 7  ? 0.1136 0.2140 0.4082 0.0406  -0.0902 -0.1151 7   PRO A O   
23  C CB  . PRO A 7  ? 0.2204 0.3513 0.4565 0.0979  -0.1271 -0.1090 7   PRO A CB  
24  C CG  . PRO A 7  ? 0.2239 0.3447 0.4388 0.1246  -0.0089 -0.1525 7   PRO A CG  
25  C CD  . PRO A 7  ? 0.1570 0.3803 0.4391 0.0655  -0.0959 -0.1736 7   PRO A CD  
26  N N   . GLY A 8  ? 0.1935 0.1946 0.3245 0.0616  -0.0864 -0.0520 8   GLY A N   
27  C CA  . GLY A 8  ? 0.1392 0.1676 0.2620 0.0380  -0.0791 -0.0411 8   GLY A CA  
28  C C   . GLY A 8  ? 0.1725 0.1276 0.2500 0.0368  -0.0449 -0.0535 8   GLY A C   
29  O O   . GLY A 8  ? 0.1824 0.1481 0.2740 0.0390  -0.0801 -0.0588 8   GLY A O   
30  N N   . LEU A 9  ? 0.1405 0.1320 0.2019 0.0343  -0.0494 -0.0257 9   LEU A N   
31  C CA  . LEU A 9  ? 0.1558 0.1196 0.1849 0.0387  -0.0357 -0.0315 9   LEU A CA  
32  C C   . LEU A 9  ? 0.1462 0.1318 0.1509 0.0384  -0.0161 -0.0310 9   LEU A C   
33  O O   . LEU A 9  ? 0.2002 0.1567 0.1793 0.0743  0.0102  -0.0242 9   LEU A O   
34  C CB  . LEU A 9  ? 0.1513 0.1329 0.2233 0.0458  -0.0061 -0.0290 9   LEU A CB  
35  C CG  . LEU A 9  ? 0.1773 0.1489 0.2573 0.0387  0.0113  -0.0009 9   LEU A CG  
36  C CD1 . LEU A 9  ? 0.1738 0.1743 0.3143 -0.0268 -0.0193 0.0118  9   LEU A CD1 
37  C CD2 . LEU A 9  ? 0.2596 0.2235 0.2326 -0.0095 -0.0423 0.0400  9   LEU A CD2 
38  N N   . CYS A 10 ? 0.1392 0.1197 0.1420 0.0252  -0.0247 -0.0227 10  CYS A N   
39  C CA  . CYS A 10 ? 0.1073 0.1094 0.1617 0.0079  -0.0302 -0.0188 10  CYS A CA  
40  C C   . CYS A 10 ? 0.1085 0.0709 0.1427 0.0114  0.0033  -0.0064 10  CYS A C   
41  O O   . CYS A 10 ? 0.1220 0.0743 0.1675 -0.0062 -0.0142 -0.0162 10  CYS A O   
42  C CB  . CYS A 10 ? 0.0945 0.0733 0.1896 -0.0172 -0.0253 -0.0148 10  CYS A CB  
43  S SG  . CYS A 10 ? 0.1077 0.1223 0.2123 -0.0025 -0.0320 -0.0316 10  CYS A SG  
44  N N   . PRO A 11 ? 0.1033 0.0824 0.1511 -0.0017 -0.0146 -0.0083 11  PRO A N   
45  C CA  . PRO A 11 ? 0.1311 0.0957 0.1358 -0.0013 -0.0061 -0.0211 11  PRO A CA  
46  C C   . PRO A 11 ? 0.0999 0.0716 0.1400 -0.0161 -0.0217 -0.0011 11  PRO A C   
47  O O   . PRO A 11 ? 0.1150 0.0688 0.1527 -0.0148 -0.0189 -0.0245 11  PRO A O   
48  C CB  . PRO A 11 ? 0.1329 0.1320 0.1588 0.0086  -0.0022 -0.0416 11  PRO A CB  
49  C CG  . PRO A 11 ? 0.1360 0.1038 0.1664 -0.0139 -0.0184 -0.0105 11  PRO A CG  
50  C CD  . PRO A 11 ? 0.1162 0.0967 0.1903 0.0052  -0.0050 -0.0029 11  PRO A CD  
51  N N   . PRO A 12 ? 0.1034 0.0838 0.1447 -0.0244 -0.0286 -0.0245 12  PRO A N   
52  C CA  . PRO A 12 ? 0.0988 0.0796 0.1446 -0.0369 -0.0309 -0.0034 12  PRO A CA  
53  C C   . PRO A 12 ? 0.1137 0.1279 0.1300 0.0005  -0.0164 -0.0113 12  PRO A C   
54  O O   . PRO A 12 ? 0.1672 0.1186 0.1420 0.0164  -0.0283 -0.0083 12  PRO A O   
55  C CB  . PRO A 12 ? 0.1331 0.1107 0.2028 -0.0265 -0.0410 -0.0146 12  PRO A CB  
56  C CG  . PRO A 12 ? 0.1618 0.1678 0.2883 -0.0267 -0.0441 -0.1034 12  PRO A CG  
57  C CD  . PRO A 12 ? 0.1714 0.0854 0.1902 -0.0230 -0.0446 -0.0358 12  PRO A CD  
58  N N   . ARG A 13 ? 0.0970 0.1016 0.1240 0.0030  -0.0185 -0.0034 13  ARG A N   
59  C CA  . ARG A 13 ? 0.1135 0.0878 0.1384 -0.0138 -0.0369 0.0016  13  ARG A CA  
60  C C   . ARG A 13 ? 0.1136 0.0889 0.1735 -0.0143 -0.0372 -0.0157 13  ARG A C   
61  O O   . ARG A 13 ? 0.1357 0.1364 0.1957 0.0281  -0.0162 0.0239  13  ARG A O   
62  C CB  . ARG A 13 ? 0.1171 0.0860 0.1325 0.0004  -0.0362 0.0060  13  ARG A CB  
63  C CG  . ARG A 13 ? 0.1088 0.0971 0.1359 -0.0183 -0.0275 0.0035  13  ARG A CG  
64  C CD  . ARG A 13 ? 0.1324 0.1387 0.1360 -0.0198 -0.0057 -0.0018 13  ARG A CD  
65  N NE  . ARG A 13 ? 0.1702 0.1302 0.1378 -0.0196 -0.0196 0.0263  13  ARG A NE  
66  C CZ  . ARG A 13 ? 0.1647 0.1539 0.1710 -0.0307 -0.0217 0.0291  13  ARG A CZ  
67  N NH1 . ARG A 13 ? 0.2271 0.2516 0.1479 -0.0434 -0.0450 0.0086  13  ARG A NH1 
68  N NH2 . ARG A 13 ? 0.2581 0.1745 0.2005 -0.0536 -0.0513 0.0561  13  ARG A NH2 
69  N N   . PRO A 14 ? 0.1320 0.1410 0.1434 0.0163  -0.0341 -0.0098 14  PRO A N   
70  C CA  . PRO A 14 ? 0.1180 0.1479 0.1574 -0.0072 -0.0541 -0.0211 14  PRO A CA  
71  C C   . PRO A 14 ? 0.1132 0.1268 0.1747 0.0201  -0.0419 -0.0102 14  PRO A C   
72  O O   . PRO A 14 ? 0.1194 0.1922 0.2073 -0.0078 -0.0332 -0.0568 14  PRO A O   
73  C CB  . PRO A 14 ? 0.1820 0.1506 0.1612 0.0268  -0.0641 -0.0082 14  PRO A CB  
74  C CG  . PRO A 14 ? 0.2498 0.2946 0.2088 0.1123  -0.0680 0.0392  14  PRO A CG  
75  C CD  . PRO A 14 ? 0.1887 0.1352 0.1656 0.0334  -0.0356 -0.0280 14  PRO A CD  
76  N N   . GLN A 15 ? 0.1453 0.1426 0.1583 0.0349  -0.0460 -0.0060 15  GLN A N   
77  C CA  . GLN A 15 ? 0.1648 0.1600 0.1713 0.0432  -0.0507 -0.0081 15  GLN A CA  
78  C C   . GLN A 15 ? 0.1788 0.1385 0.2016 0.0056  -0.0668 -0.0268 15  GLN A C   
79  O O   . GLN A 15 ? 0.3101 0.1637 0.3752 0.0151  -0.1863 -0.0876 15  GLN A O   
80  C CB  . GLN A 15 ? 0.1923 0.1898 0.1941 0.0388  -0.0132 -0.0240 15  GLN A CB  
81  C CG  . GLN A 15 ? 0.1278 0.2454 0.2039 0.0024  -0.0249 -0.0182 15  GLN A CG  
82  C CD  . GLN A 15 ? 0.1123 0.1933 0.2710 0.0567  -0.0781 -0.0331 15  GLN A CD  
83  O OE1 . GLN A 15 ? 0.1915 0.1593 0.2339 -0.0048 -0.0359 0.0423  15  GLN A OE1 
84  N NE2 . GLN A 15 ? 0.1495 0.1199 0.2795 -0.0108 -0.0793 0.0157  15  GLN A NE2 
85  N N   . LYS A 16 ? 0.2174 0.1365 0.1574 0.0284  -0.0608 -0.0037 16  LYS A N   
86  C CA  . LYS A 16 ? 0.2092 0.1482 0.2120 0.0384  -0.0271 0.0208  16  LYS A CA  
87  C C   . LYS A 16 ? 0.3589 0.2230 0.2244 0.0478  -0.0332 0.0569  16  LYS A C   
88  O O   . LYS A 16 ? 0.5235 0.2371 0.1930 0.0960  0.0408  0.0608  16  LYS A O   
89  C CB  . LYS A 16 ? 0.2737 0.1954 0.3333 0.0428  0.0019  0.0051  16  LYS A CB  
90  C CG  . LYS A 16 ? 0.2441 0.2566 0.4077 0.0297  0.0404  -0.0156 16  LYS A CG  
91  C CD  . LYS A 16 ? 0.3734 0.3906 0.4324 0.0406  0.0193  0.0137  16  LYS A CD  
92  C CE  . LYS A 16 ? 0.3830 0.4470 0.3624 0.0633  0.0137  0.0015  16  LYS A CE  
93  N NZ  . LYS A 16 ? 0.3714 0.4277 0.4660 0.1097  0.0428  0.0540  16  LYS A NZ  
94  N N   . PRO A 17 ? 0.3260 0.2934 0.2177 0.0589  -0.0008 0.0983  17  PRO A N   
95  C CA  . PRO A 17 ? 0.2753 0.2230 0.2790 0.0179  -0.0225 0.1187  17  PRO A CA  
96  C C   . PRO A 17 ? 0.2192 0.1908 0.2705 0.0043  -0.0064 0.0919  17  PRO A C   
97  O O   . PRO A 17 ? 0.1969 0.1949 0.3050 0.0084  0.0115  0.0970  17  PRO A O   
98  C CB  . PRO A 17 ? 0.3523 0.2874 0.3086 0.0278  0.0200  0.1456  17  PRO A CB  
99  C CG  . PRO A 17 ? 0.3274 0.3487 0.2974 -0.0012 0.0347  0.1263  17  PRO A CG  
100 C CD  . PRO A 17 ? 0.3940 0.3158 0.3196 0.0462  0.0085  0.1247  17  PRO A CD  
101 N N   . CYS A 18 ? 0.1816 0.1479 0.2885 0.0209  -0.0194 0.0929  18  CYS A N   
102 C CA  . CYS A 18 ? 0.1740 0.1678 0.2768 -0.0221 -0.0111 0.0650  18  CYS A CA  
103 C C   . CYS A 18 ? 0.2805 0.1289 0.3657 -0.0308 0.0114  0.0716  18  CYS A C   
104 O O   . CYS A 18 ? 0.2433 0.2189 0.4908 -0.0275 -0.0262 0.0859  18  CYS A O   
105 C CB  . CYS A 18 ? 0.1766 0.1345 0.3106 -0.0255 -0.0810 0.0586  18  CYS A CB  
106 S SG  . CYS A 18 ? 0.1384 0.1437 0.3084 -0.0094 -0.0514 0.0511  18  CYS A SG  
107 N N   . VAL A 19 ? 0.1657 0.1407 0.3245 -0.0187 -0.0482 0.0648  19  VAL A N   
108 C CA  . VAL A 19 ? 0.1703 0.0991 0.3068 -0.0256 -0.0306 0.0469  19  VAL A CA  
109 C C   . VAL A 19 ? 0.1418 0.0898 0.2508 -0.0193 -0.0418 0.0695  19  VAL A C   
110 O O   . VAL A 19 ? 0.1322 0.0725 0.2781 -0.0196 -0.0349 0.0492  19  VAL A O   
111 C CB  . VAL A 19 ? 0.1879 0.1992 0.2875 -0.0395 -0.0528 0.0426  19  VAL A CB  
112 C CG1 . VAL A 19 ? 0.2660 0.2112 0.2620 -0.0421 -0.0280 0.0269  19  VAL A CG1 
113 C CG2 . VAL A 19 ? 0.2071 0.2271 0.2742 -0.0831 -0.0416 0.0363  19  VAL A CG2 
114 N N   . LYS A 20 ? 0.1323 0.0748 0.2455 -0.0218 -0.0253 0.0394  20  LYS A N   
115 C CA  . LYS A 20 ? 0.1354 0.0495 0.2210 -0.0163 -0.0092 0.0168  20  LYS A CA  
116 C C   . LYS A 20 ? 0.1334 0.0940 0.1849 -0.0321 -0.0275 -0.0003 20  LYS A C   
117 O O   . LYS A 20 ? 0.1624 0.0790 0.2467 -0.0507 0.0111  0.0005  20  LYS A O   
118 C CB  . LYS A 20 ? 0.1410 0.0935 0.2132 -0.0057 -0.0149 0.0164  20  LYS A CB  
119 C CG  . LYS A 20 ? 0.1851 0.1136 0.2661 -0.0273 -0.0077 -0.0221 20  LYS A CG  
120 C CD  . LYS A 20 ? 0.1602 0.0996 0.3188 -0.0249 0.0108  -0.0095 20  LYS A CD  
121 C CE  . LYS A 20 ? 0.1920 0.2116 0.2933 0.0316  -0.0085 -0.0095 20  LYS A CE  
122 N NZ  . LYS A 20 ? 0.3031 0.2817 0.3578 0.0013  0.0095  -0.0665 20  LYS A NZ  
123 N N   . GLU A 21 ? 0.1342 0.0887 0.1967 -0.0257 0.0015  -0.0062 21  GLU A N   
124 C CA  . GLU A 21 ? 0.1603 0.1107 0.2020 -0.0156 0.0087  0.0038  21  GLU A CA  
125 C C   . GLU A 21 ? 0.1545 0.1345 0.1968 -0.0318 -0.0034 0.0089  21  GLU A C   
126 O O   . GLU A 21 ? 0.1691 0.2442 0.2699 -0.0731 0.0048  0.0629  21  GLU A O   
127 C CB  . GLU A 21 ? 0.1744 0.1722 0.1996 -0.0331 0.0121  0.0202  21  GLU A CB  
128 C CG  . GLU A 21 ? 0.2442 0.2049 0.2417 -0.0507 -0.0246 0.0252  21  GLU A CG  
129 C CD  . GLU A 21 ? 0.3420 0.1856 0.2285 -0.0387 -0.0416 0.0084  21  GLU A CD  
130 O OE1 . GLU A 21 ? 0.3264 0.1351 0.2134 -0.0305 -0.0212 0.0337  21  GLU A OE1 
131 O OE2 . GLU A 21 ? 0.3562 0.2300 0.2883 -0.0413 -0.0886 0.0286  21  GLU A OE2 
132 N N   . CYS A 22 ? 0.1284 0.1123 0.1975 -0.0376 -0.0153 -0.0149 22  CYS A N   
133 C CA  . CYS A 22 ? 0.1176 0.1123 0.2130 -0.0516 -0.0143 -0.0272 22  CYS A CA  
134 C C   . CYS A 22 ? 0.1358 0.1168 0.2087 -0.0028 0.0004  -0.0339 22  CYS A C   
135 O O   . CYS A 22 ? 0.1374 0.1337 0.2123 -0.0110 -0.0125 -0.0266 22  CYS A O   
136 C CB  . CYS A 22 ? 0.1247 0.1173 0.1842 -0.0473 -0.0085 -0.0124 22  CYS A CB  
137 S SG  . CYS A 22 ? 0.1190 0.1163 0.2048 -0.0269 -0.0194 -0.0162 22  CYS A SG  
138 N N   . LYS A 23 ? 0.1219 0.1752 0.1987 -0.0256 -0.0072 -0.0059 23  LYS A N   
139 C CA  . LYS A 23 ? 0.1648 0.1671 0.1929 -0.0116 0.0011  -0.0144 23  LYS A CA  
140 C C   . LYS A 23 ? 0.1140 0.2089 0.1858 -0.0227 -0.0155 -0.0410 23  LYS A C   
141 O O   . LYS A 23 ? 0.1525 0.2233 0.2337 -0.0061 0.0171  -0.0212 23  LYS A O   
142 C CB  . LYS A 23 ? 0.2048 0.1741 0.2233 -0.0222 -0.0275 -0.0581 23  LYS A CB  
143 C CG  . LYS A 23 ? 0.2236 0.2120 0.2897 -0.0244 -0.0235 -0.0390 23  LYS A CG  
144 C CD  . LYS A 23 ? 0.2816 0.2195 0.3017 -0.0464 -0.0564 -0.0678 23  LYS A CD  
145 C CE  . LYS A 23 ? 0.2770 0.3305 0.3002 -0.0219 -0.0510 -0.0467 23  LYS A CE  
146 N NZ  . LYS A 23 ? 0.3164 0.2902 0.3725 -0.0350 -0.0405 -0.0695 23  LYS A NZ  
147 N N   . ASN A 24 ? 0.1091 0.1487 0.1806 -0.0281 -0.0164 -0.0118 24  ASN A N   
148 C CA  . ASN A 24 ? 0.0839 0.1345 0.2017 -0.0441 -0.0113 -0.0167 24  ASN A CA  
149 C C   . ASN A 24 ? 0.0715 0.1579 0.2124 -0.0395 -0.0168 -0.0096 24  ASN A C   
150 O O   . ASN A 24 ? 0.0976 0.1346 0.2211 -0.0470 -0.0343 -0.0107 24  ASN A O   
151 C CB  . ASN A 24 ? 0.1119 0.1542 0.2245 -0.0361 -0.0275 -0.0111 24  ASN A CB  
152 C CG  . ASN A 24 ? 0.1287 0.1773 0.1675 -0.0417 -0.0087 -0.0172 24  ASN A CG  
153 O OD1 . ASN A 24 ? 0.1230 0.2011 0.2092 -0.0784 -0.0204 -0.0348 24  ASN A OD1 
154 N ND2 . ASN A 24 ? 0.1600 0.1961 0.1943 -0.0229 -0.0549 -0.0341 24  ASN A ND2 
155 N N   . ASP A 25 ? 0.1007 0.1319 0.2226 -0.0350 -0.0319 -0.0119 25  ASP A N   
156 C CA  . ASP A 25 ? 0.1083 0.1470 0.2362 -0.0361 -0.0207 -0.0293 25  ASP A CA  
157 C C   . ASP A 25 ? 0.1145 0.1385 0.2112 -0.0333 -0.0117 -0.0468 25  ASP A C   
158 O O   . ASP A 25 ? 0.1164 0.2064 0.2224 -0.0584 -0.0001 -0.0556 25  ASP A O   
159 C CB  . ASP A 25 ? 0.1180 0.1545 0.2555 -0.0231 -0.0405 -0.0496 25  ASP A CB  
160 C CG  . ASP A 25 ? 0.1338 0.1337 0.2235 -0.0096 -0.0636 -0.0304 25  ASP A CG  
161 O OD1 . ASP A 25 ? 0.1344 0.1454 0.2847 0.0090  -0.0445 -0.0254 25  ASP A OD1 
162 O OD2 . ASP A 25 ? 0.1066 0.1338 0.2104 -0.0160 -0.0471 -0.0010 25  ASP A OD2 
163 N N   . ASP A 26 ? 0.0844 0.1618 0.2424 -0.0392 -0.0152 -0.0495 26  ASP A N   
164 C CA  . ASP A 26 ? 0.0978 0.1948 0.2844 -0.0325 -0.0213 -0.0549 26  ASP A CA  
165 C C   . ASP A 26 ? 0.1120 0.1739 0.2752 -0.0518 0.0003  -0.0649 26  ASP A C   
166 O O   . ASP A 26 ? 0.1105 0.2639 0.3255 -0.0656 0.0190  -0.0142 26  ASP A O   
167 C CB  . ASP A 26 ? 0.1150 0.2092 0.3364 -0.0480 -0.0469 -0.0583 26  ASP A CB  
168 C CG  . ASP A 26 ? 0.2578 0.1666 0.5764 -0.0212 -0.1491 -0.1071 26  ASP A CG  
169 O OD1 . ASP A 26 ? 0.2565 0.3144 0.5368 -0.0143 -0.0647 -0.0724 26  ASP A OD1 
170 O OD2 . ASP A 26 ? 0.2141 0.2629 0.6121 -0.0135 -0.0705 -0.0672 26  ASP A OD2 
171 N N   . SER A 27 ? 0.0987 0.1699 0.2434 -0.0352 0.0041  -0.0336 27  SER A N   
172 C CA  . SER A 27 ? 0.1425 0.1967 0.2321 -0.0556 -0.0068 -0.0182 27  SER A CA  
173 C C   . SER A 27 ? 0.1588 0.2100 0.2346 -0.0923 0.0274  -0.0126 27  SER A C   
174 O O   . SER A 27 ? 0.2876 0.2409 0.2398 -0.1118 0.0012  0.0119  27  SER A O   
175 C CB  . SER A 27 ? 0.1133 0.1657 0.2651 -0.0387 -0.0156 -0.0041 27  SER A CB  
176 O OG  . SER A 27 ? 0.1442 0.1484 0.2273 -0.0373 -0.0239 -0.0065 27  SER A OG  
177 N N   . CYS A 28 ? 0.1480 0.1902 0.2229 -0.0722 0.0035  -0.0175 28  CYS A N   
178 C CA  . CYS A 28 ? 0.1528 0.2216 0.2263 -0.0878 0.0170  -0.0269 28  CYS A CA  
179 C C   . CYS A 28 ? 0.1793 0.2725 0.2423 -0.1099 0.0253  -0.0286 28  CYS A C   
180 O O   . CYS A 28 ? 0.1348 0.3635 0.2806 -0.0895 0.0278  -0.0491 28  CYS A O   
181 C CB  . CYS A 28 ? 0.1362 0.2096 0.2093 -0.0567 0.0116  -0.0292 28  CYS A CB  
182 S SG  . CYS A 28 ? 0.1471 0.1676 0.2030 -0.0685 -0.0015 -0.0119 28  CYS A SG  
183 N N   . PRO A 29 ? 0.2128 0.3256 0.2703 -0.1065 0.0594  -0.0460 29  PRO A N   
184 C CA  . PRO A 29 ? 0.2384 0.3470 0.2427 -0.0935 0.0657  -0.0305 29  PRO A CA  
185 C C   . PRO A 29 ? 0.2104 0.3571 0.2545 -0.0778 0.0868  -0.0649 29  PRO A C   
186 O O   . PRO A 29 ? 0.2121 0.3600 0.2816 -0.1434 0.0588  -0.0402 29  PRO A O   
187 C CB  . PRO A 29 ? 0.2790 0.3385 0.2782 -0.1096 0.0696  0.0036  29  PRO A CB  
188 C CG  . PRO A 29 ? 0.3035 0.3702 0.2754 -0.0961 0.0645  -0.0170 29  PRO A CG  
189 C CD  . PRO A 29 ? 0.2755 0.2864 0.2520 -0.1269 0.0519  -0.0341 29  PRO A CD  
190 N N   . GLY A 30 ? 0.2224 0.3783 0.3497 -0.1036 0.0906  -0.0499 30  GLY A N   
191 C CA  . GLY A 30 ? 0.2168 0.3867 0.3334 -0.0860 0.0660  -0.0754 30  GLY A CA  
192 C C   . GLY A 30 ? 0.1698 0.3825 0.3224 -0.0661 0.0717  -0.0860 30  GLY A C   
193 O O   . GLY A 30 ? 0.1338 0.3514 0.3648 -0.0222 0.0197  -0.1131 30  GLY A O   
194 N N   . GLN A 31 ? 0.1829 0.3527 0.2891 -0.0590 0.0614  -0.1241 31  GLN A N   
195 C CA  A GLN A 31 ? 0.1699 0.3024 0.2710 -0.0363 0.0336  -0.0946 31  GLN A CA  
196 C CA  B GLN A 31 ? 0.1623 0.3039 0.2575 -0.0301 0.0259  -0.0815 31  GLN A CA  
197 C C   . GLN A 31 ? 0.1275 0.2938 0.2550 -0.0311 0.0292  -0.0867 31  GLN A C   
198 O O   . GLN A 31 ? 0.1213 0.2917 0.2383 -0.0432 0.0143  -0.0690 31  GLN A O   
199 C CB  A GLN A 31 ? 0.1705 0.2914 0.2783 -0.0422 0.0537  -0.0953 31  GLN A CB  
200 C CB  B GLN A 31 ? 0.1647 0.3032 0.1773 0.0049  0.0099  -0.0645 31  GLN A CB  
201 C CG  A GLN A 31 ? 0.2295 0.3289 0.3242 -0.0276 0.0176  -0.0252 31  GLN A CG  
202 C CG  B GLN A 31 ? 0.1732 0.2098 0.1959 0.0168  0.0259  -0.0345 31  GLN A CG  
203 C CD  A GLN A 31 ? 0.3156 0.4087 0.3929 0.0116  -0.0190 -0.0684 31  GLN A CD  
204 C CD  B GLN A 31 ? 0.2318 0.1165 0.1889 -0.0191 -0.0819 0.0305  31  GLN A CD  
205 O OE1 A GLN A 31 ? 0.4513 0.4497 0.5123 0.0324  0.0035  -0.0963 31  GLN A OE1 
206 O OE1 B GLN A 31 ? 0.1544 0.2256 0.2861 0.0672  -0.0598 -0.0468 31  GLN A OE1 
207 N NE2 A GLN A 31 ? 0.3461 0.3960 0.4269 -0.0266 -0.0142 -0.0965 31  GLN A NE2 
208 N NE2 B GLN A 31 ? 0.1035 0.1020 0.2691 0.0381  -0.0330 -0.0268 31  GLN A NE2 
209 N N   . GLN A 32 ? 0.1163 0.2988 0.2154 -0.0825 0.0404  -0.0612 32  GLN A N   
210 C CA  . GLN A 32 ? 0.1051 0.2533 0.2115 -0.0566 0.0337  -0.0481 32  GLN A CA  
211 C C   . GLN A 32 ? 0.1272 0.2099 0.1918 -0.0551 0.0233  -0.0331 32  GLN A C   
212 O O   . GLN A 32 ? 0.1033 0.2505 0.2199 -0.0556 0.0179  -0.0527 32  GLN A O   
213 C CB  . GLN A 32 ? 0.1505 0.2430 0.1930 -0.0795 0.0281  -0.0400 32  GLN A CB  
214 C CG  . GLN A 32 ? 0.1981 0.3072 0.1685 -0.0932 0.0399  -0.0422 32  GLN A CG  
215 C CD  . GLN A 32 ? 0.2807 0.3537 0.1666 -0.1040 0.0032  -0.0035 32  GLN A CD  
216 O OE1 . GLN A 32 ? 0.3123 0.3066 0.2104 -0.0947 0.0354  -0.0230 32  GLN A OE1 
217 N NE2 . GLN A 32 ? 0.3944 0.3489 0.2733 -0.1056 -0.0349 0.0131  32  GLN A NE2 
218 N N   . LYS A 33 ? 0.0885 0.1627 0.1782 -0.0433 0.0036  -0.0251 33  LYS A N   
219 C CA  . LYS A 33 ? 0.0885 0.1470 0.1656 -0.0230 -0.0127 -0.0084 33  LYS A CA  
220 C C   . LYS A 33 ? 0.0766 0.1342 0.1481 -0.0191 -0.0122 -0.0113 33  LYS A C   
221 O O   . LYS A 33 ? 0.1245 0.1101 0.1580 -0.0300 -0.0213 -0.0166 33  LYS A O   
222 C CB  . LYS A 33 ? 0.0866 0.1317 0.1786 -0.0099 -0.0035 -0.0216 33  LYS A CB  
223 C CG  . LYS A 33 ? 0.1129 0.1443 0.2378 0.0014  0.0041  -0.0306 33  LYS A CG  
224 C CD  . LYS A 33 ? 0.1247 0.1394 0.2539 0.0274  -0.0341 -0.0396 33  LYS A CD  
225 C CE  . LYS A 33 ? 0.1514 0.0868 0.2662 0.0105  -0.0314 -0.0197 33  LYS A CE  
226 N NZ  . LYS A 33 ? 0.1456 0.1401 0.2663 0.0156  -0.0686 -0.0123 33  LYS A NZ  
227 N N   . CYS A 34 ? 0.0773 0.1034 0.1535 -0.0258 -0.0199 -0.0066 34  CYS A N   
228 C CA  . CYS A 34 ? 0.0915 0.1009 0.1517 -0.0267 -0.0084 0.0089  34  CYS A CA  
229 C C   . CYS A 34 ? 0.0826 0.1024 0.1226 -0.0267 -0.0013 -0.0071 34  CYS A C   
230 O O   . CYS A 34 ? 0.1054 0.1869 0.1407 -0.0675 -0.0274 0.0218  34  CYS A O   
231 C CB  . CYS A 34 ? 0.0941 0.1099 0.1552 -0.0275 -0.0248 -0.0179 34  CYS A CB  
232 S SG  . CYS A 34 ? 0.0970 0.1430 0.2147 -0.0327 -0.0160 -0.0436 34  CYS A SG  
233 N N   . CYS A 35 ? 0.0880 0.0678 0.1631 -0.0238 -0.0380 0.0039  35  CYS A N   
234 C CA  . CYS A 35 ? 0.0825 0.0642 0.1597 -0.0229 -0.0254 -0.0090 35  CYS A CA  
235 C C   . CYS A 35 ? 0.0678 0.0681 0.1388 -0.0251 -0.0085 -0.0149 35  CYS A C   
236 O O   . CYS A 35 ? 0.0968 0.0651 0.1488 -0.0115 -0.0153 0.0024  35  CYS A O   
237 C CB  . CYS A 35 ? 0.0673 0.1084 0.1671 -0.0203 -0.0237 -0.0210 35  CYS A CB  
238 S SG  . CYS A 35 ? 0.0864 0.1061 0.1984 -0.0115 -0.0108 -0.0306 35  CYS A SG  
239 N N   . ASN A 36 ? 0.0723 0.0641 0.1402 -0.0142 -0.0164 0.0000  36  ASN A N   
240 C CA  . ASN A 36 ? 0.0720 0.0672 0.1178 -0.0196 -0.0222 0.0082  36  ASN A CA  
241 C C   . ASN A 36 ? 0.0886 0.0402 0.1187 -0.0109 -0.0200 -0.0082 36  ASN A C   
242 O O   . ASN A 36 ? 0.0822 0.0513 0.1423 -0.0115 -0.0148 -0.0004 36  ASN A O   
243 C CB  . ASN A 36 ? 0.0769 0.0615 0.1545 -0.0290 -0.0387 0.0121  36  ASN A CB  
244 C CG  . ASN A 36 ? 0.0542 0.1216 0.1219 -0.0175 -0.0270 -0.0170 36  ASN A CG  
245 O OD1 . ASN A 36 ? 0.0894 0.0817 0.1473 -0.0181 -0.0214 0.0005  36  ASN A OD1 
246 N ND2 . ASN A 36 ? 0.1498 0.0479 0.1499 -0.0068 -0.0352 -0.0162 36  ASN A ND2 
247 N N   . TYR A 37 ? 0.0850 0.0347 0.1375 -0.0129 -0.0137 -0.0057 37  TYR A N   
248 C CA  . TYR A 37 ? 0.0837 0.0483 0.1231 -0.0170 -0.0249 -0.0021 37  TYR A CA  
249 C C   . TYR A 37 ? 0.0964 0.0865 0.1233 0.0011  -0.0193 -0.0141 37  TYR A C   
250 O O   . TYR A 37 ? 0.1012 0.1401 0.1677 0.0184  -0.0429 -0.0334 37  TYR A O   
251 C CB  . TYR A 37 ? 0.0843 0.0647 0.1376 -0.0216 -0.0308 -0.0034 37  TYR A CB  
252 C CG  . TYR A 37 ? 0.0695 0.0744 0.1161 -0.0165 -0.0152 -0.0026 37  TYR A CG  
253 C CD1 . TYR A 37 ? 0.0983 0.0478 0.1397 -0.0078 -0.0235 -0.0135 37  TYR A CD1 
254 C CD2 . TYR A 37 ? 0.0823 0.0583 0.1240 -0.0228 -0.0365 -0.0037 37  TYR A CD2 
255 C CE1 . TYR A 37 ? 0.0876 0.0667 0.1218 -0.0241 -0.0248 -0.0163 37  TYR A CE1 
256 C CE2 . TYR A 37 ? 0.0803 0.0687 0.1240 -0.0088 -0.0222 0.0011  37  TYR A CE2 
257 C CZ  . TYR A 37 ? 0.0613 0.0871 0.1152 -0.0136 -0.0071 -0.0080 37  TYR A CZ  
258 O OH  . TYR A 37 ? 0.0815 0.0879 0.1389 -0.0144 -0.0129 -0.0122 37  TYR A OH  
259 N N   . GLY A 38 ? 0.0788 0.0748 0.1383 -0.0123 -0.0246 -0.0101 38  GLY A N   
260 C CA  . GLY A 38 ? 0.0906 0.0774 0.1366 -0.0045 -0.0075 -0.0124 38  GLY A CA  
261 C C   . GLY A 38 ? 0.0801 0.1021 0.1417 0.0057  -0.0338 -0.0074 38  GLY A C   
262 O O   . GLY A 38 ? 0.1031 0.0878 0.1599 0.0069  -0.0364 -0.0117 38  GLY A O   
263 N N   . CYS A 39 ? 0.0995 0.0803 0.1492 -0.0079 -0.0290 0.0013  39  CYS A N   
264 C CA  . CYS A 39 ? 0.1170 0.0832 0.1787 0.0059  -0.0220 -0.0058 39  CYS A CA  
265 C C   . CYS A 39 ? 0.1137 0.1118 0.1847 -0.0264 -0.0096 0.0086  39  CYS A C   
266 O O   . CYS A 39 ? 0.2095 0.0893 0.2609 -0.0359 0.0175  0.0004  39  CYS A O   
267 C CB  . CYS A 39 ? 0.1644 0.1133 0.2133 0.0279  -0.0148 -0.0004 39  CYS A CB  
268 S SG  . CYS A 39 ? 0.1516 0.1220 0.2283 -0.0085 -0.0547 0.0217  39  CYS A SG  
269 N N   . LYS A 40 ? 0.1118 0.0758 0.1493 -0.0112 -0.0031 0.0026  40  LYS A N   
270 C CA  . LYS A 40 ? 0.1072 0.0631 0.1503 -0.0009 -0.0279 0.0128  40  LYS A CA  
271 C C   . LYS A 40 ? 0.1134 0.0656 0.1269 -0.0316 -0.0150 0.0047  40  LYS A C   
272 O O   . LYS A 40 ? 0.1065 0.0588 0.1622 -0.0224 -0.0219 0.0179  40  LYS A O   
273 C CB  . LYS A 40 ? 0.1256 0.1469 0.1239 0.0033  -0.0204 0.0278  40  LYS A CB  
274 C CG  . LYS A 40 ? 0.1860 0.1225 0.1536 -0.0102 -0.0307 0.0070  40  LYS A CG  
275 C CD  . LYS A 40 ? 0.1982 0.2989 0.1854 -0.0511 0.0044  -0.0080 40  LYS A CD  
276 C CE  . LYS A 40 ? 0.1765 0.1787 0.1975 -0.0205 -0.0696 0.0006  40  LYS A CE  
277 N NZ  . LYS A 40 ? 0.2509 0.4706 0.2437 -0.1567 -0.0597 -0.0047 40  LYS A NZ  
278 N N   . ASP A 41 ? 0.0994 0.0476 0.1618 -0.0233 -0.0201 0.0106  41  ASP A N   
279 C CA  . ASP A 41 ? 0.1151 0.0555 0.1536 -0.0202 -0.0022 -0.0122 41  ASP A CA  
280 C C   . ASP A 41 ? 0.1067 0.0845 0.1355 -0.0041 -0.0070 0.0032  41  ASP A C   
281 O O   . ASP A 41 ? 0.1749 0.0682 0.1747 -0.0300 -0.0040 0.0211  41  ASP A O   
282 C CB  . ASP A 41 ? 0.1216 0.0753 0.1590 -0.0209 -0.0243 0.0048  41  ASP A CB  
283 C CG  . ASP A 41 ? 0.1330 0.1307 0.1471 -0.0086 -0.0379 0.0094  41  ASP A CG  
284 O OD1 . ASP A 41 ? 0.2656 0.1748 0.1772 -0.0337 0.0173  -0.0133 41  ASP A OD1 
285 O OD2 . ASP A 41 ? 0.1675 0.1278 0.1824 -0.0589 -0.0314 0.0301  41  ASP A OD2 
286 N N   . GLU A 42 ? 0.1246 0.0757 0.1492 -0.0135 -0.0003 -0.0085 42  GLU A N   
287 C CA  . GLU A 42 ? 0.1314 0.1199 0.1441 -0.0059 -0.0006 -0.0016 42  GLU A CA  
288 C C   . GLU A 42 ? 0.1226 0.1270 0.1111 -0.0523 -0.0093 0.0176  42  GLU A C   
289 O O   . GLU A 42 ? 0.1256 0.1005 0.1463 -0.0240 -0.0036 0.0172  42  GLU A O   
290 C CB  . GLU A 42 ? 0.1817 0.3320 0.1878 0.1036  -0.0141 -0.0020 42  GLU A CB  
291 C CG  . GLU A 42 ? 0.2649 0.2603 0.3216 0.0535  -0.0418 -0.0293 42  GLU A CG  
292 C CD  . GLU A 42 ? 0.1621 0.2151 0.2542 0.0039  -0.1171 -0.0476 42  GLU A CD  
293 O OE1 . GLU A 42 ? 0.2691 0.1964 0.3209 -0.0119 -0.0839 0.0038  42  GLU A OE1 
294 O OE2 . GLU A 42 ? 0.3110 0.1750 0.1993 -0.0255 -0.1062 -0.0030 42  GLU A OE2 
295 N N   . CYS A 43 ? 0.1465 0.0769 0.1420 -0.0369 -0.0004 0.0009  43  CYS A N   
296 C CA  . CYS A 43 ? 0.1389 0.1122 0.1439 -0.0506 0.0046  0.0004  43  CYS A CA  
297 C C   . CYS A 43 ? 0.1158 0.1306 0.1504 -0.0344 0.0006  -0.0032 43  CYS A C   
298 O O   . CYS A 43 ? 0.1765 0.1258 0.1563 -0.0222 -0.0234 0.0049  43  CYS A O   
299 C CB  . CYS A 43 ? 0.1725 0.1152 0.1779 -0.0443 -0.0092 0.0017  43  CYS A CB  
300 S SG  . CYS A 43 ? 0.1824 0.1710 0.2146 -0.0878 0.0061  -0.0086 43  CYS A SG  
301 N N   . ARG A 44 ? 0.1124 0.1199 0.1469 -0.0177 -0.0078 -0.0088 44  ARG A N   
302 C CA  . ARG A 44 ? 0.1157 0.1382 0.1296 -0.0139 -0.0066 -0.0143 44  ARG A CA  
303 C C   . ARG A 44 ? 0.1336 0.1244 0.1755 -0.0404 -0.0004 -0.0128 44  ARG A C   
304 O O   . ARG A 44 ? 0.1282 0.1372 0.1702 -0.0146 -0.0034 -0.0244 44  ARG A O   
305 C CB  . ARG A 44 ? 0.0962 0.1394 0.1690 -0.0421 0.0036  0.0018  44  ARG A CB  
306 C CG  . ARG A 44 ? 0.1177 0.1264 0.1624 -0.0458 0.0015  -0.0045 44  ARG A CG  
307 C CD  . ARG A 44 ? 0.1337 0.1732 0.2124 -0.0219 -0.0040 0.0063  44  ARG A CD  
308 N NE  . ARG A 44 ? 0.1568 0.1674 0.1884 -0.0161 -0.0299 0.0120  44  ARG A NE  
309 C CZ  . ARG A 44 ? 0.1963 0.2119 0.1799 -0.0214 -0.0179 0.0130  44  ARG A CZ  
310 N NH1 . ARG A 44 ? 0.2009 0.2644 0.1818 -0.0345 -0.0521 0.0119  44  ARG A NH1 
311 N NH2 . ARG A 44 ? 0.2492 0.2705 0.2489 -0.0614 -0.0432 0.0446  44  ARG A NH2 
312 N N   . ASP A 45 ? 0.1460 0.1580 0.1608 -0.0154 -0.0036 -0.0180 45  ASP A N   
313 C CA  . ASP A 45 ? 0.1461 0.1819 0.1642 -0.0292 0.0161  -0.0240 45  ASP A CA  
314 C C   . ASP A 45 ? 0.1401 0.1462 0.1710 0.0031  0.0144  -0.0310 45  ASP A C   
315 O O   . ASP A 45 ? 0.1309 0.1660 0.1885 -0.0071 0.0258  0.0011  45  ASP A O   
316 C CB  . ASP A 45 ? 0.2062 0.2393 0.1543 -0.0482 0.0533  -0.0207 45  ASP A CB  
317 C CG  . ASP A 45 ? 0.2911 0.2988 0.2048 -0.0609 0.0393  -0.0456 45  ASP A CG  
318 O OD1 . ASP A 45 ? 0.5249 0.4102 0.2420 -0.1171 0.0477  -0.0162 45  ASP A OD1 
319 O OD2 . ASP A 45 ? 0.3820 0.3723 0.2883 -0.1451 0.0971  -0.0820 45  ASP A OD2 
320 N N   . PRO A 46 ? 0.1338 0.1527 0.1943 -0.0025 -0.0135 -0.0402 46  PRO A N   
321 C CA  . PRO A 46 ? 0.1824 0.1375 0.1826 0.0455  -0.0186 -0.0436 46  PRO A CA  
322 C C   . PRO A 46 ? 0.2045 0.1357 0.2101 0.0341  -0.0157 -0.0424 46  PRO A C   
323 O O   . PRO A 46 ? 0.2371 0.1665 0.2180 -0.0015 0.0079  -0.0656 46  PRO A O   
324 C CB  . PRO A 46 ? 0.2570 0.2436 0.2454 0.0992  -0.0484 -0.0185 46  PRO A CB  
325 C CG  . PRO A 46 ? 0.2473 0.2530 0.3918 -0.0142 -0.1079 -0.0141 46  PRO A CG  
326 C CD  . PRO A 46 ? 0.1473 0.1980 0.3100 -0.0053 -0.0402 -0.0717 46  PRO A CD  
327 N N   . ILE A 47 ? 0.2128 0.1150 0.1887 0.0315  -0.0172 -0.0470 47  ILE A N   
328 C CA  . ILE A 47 ? 0.2450 0.1493 0.1913 0.0290  -0.0201 -0.0421 47  ILE A CA  
329 C C   . ILE A 47 ? 0.2721 0.1297 0.1994 0.0505  -0.0391 -0.0530 47  ILE A C   
330 O O   . ILE A 47 ? 0.2892 0.1365 0.2153 0.0656  -0.0113 -0.0290 47  ILE A O   
331 C CB  . ILE A 47 ? 0.2229 0.1510 0.2598 0.0314  -0.0192 -0.0446 47  ILE A CB  
332 C CG1 . ILE A 47 ? 0.2210 0.1729 0.3581 -0.0219 -0.0340 -0.0614 47  ILE A CG1 
333 C CG2 . ILE A 47 ? 0.3386 0.1297 0.4176 -0.0041 -0.0197 -0.0733 47  ILE A CG2 
334 C CD1 . ILE A 47 ? 0.1745 0.1882 0.5067 -0.0036 0.0177  -0.0948 47  ILE A CD1 
335 N N   . PHE A 48 ? 0.2944 0.1507 0.1943 0.0599  -0.0353 -0.0377 48  PHE A N   
336 C CA  . PHE A 48 ? 0.2818 0.1427 0.2262 0.0343  -0.0495 -0.0333 48  PHE A CA  
337 C C   . PHE A 48 ? 0.2603 0.1977 0.1968 0.0159  -0.0421 -0.0346 48  PHE A C   
338 O O   . PHE A 48 ? 0.4681 0.1502 0.2644 0.0048  -0.1122 -0.0352 48  PHE A O   
339 C CB  . PHE A 48 ? 0.2961 0.1386 0.2572 0.0507  -0.0352 -0.0436 48  PHE A CB  
340 C CG  . PHE A 48 ? 0.2859 0.1525 0.2489 0.0604  -0.0396 -0.0211 48  PHE A CG  
341 C CD1 . PHE A 48 ? 0.1868 0.2167 0.3492 0.0646  -0.0302 -0.0756 48  PHE A CD1 
342 C CD2 . PHE A 48 ? 0.3528 0.1768 0.3039 -0.0383 -0.0824 -0.0191 48  PHE A CD2 
343 C CE1 . PHE A 48 ? 0.2626 0.1762 0.3924 0.0382  -0.0293 -0.0559 48  PHE A CE1 
344 C CE2 . PHE A 48 ? 0.4613 0.2381 0.3442 -0.0802 -0.0561 -0.0021 48  PHE A CE2 
345 C CZ  . PHE A 48 ? 0.2857 0.1744 0.4027 -0.0033 -0.1024 -0.0514 48  PHE A CZ  
346 N N   . VAL A 49 ? 0.1662 0.2303 0.2299 0.0106  -0.0202 -0.0095 49  VAL A N   
347 C CA  . VAL A 49 ? 0.1797 0.2660 0.2889 -0.0304 -0.0506 0.0134  49  VAL A CA  
348 C C   . VAL A 49 ? 0.2309 0.1545 0.3144 -0.0276 -0.0711 0.0160  49  VAL A C   
349 O O   . VAL A 49 ? 0.1854 0.3199 0.2829 -0.0174 -0.0642 0.0370  49  VAL A O   
350 C CB  . VAL A 49 ? 0.2112 0.3470 0.3491 -0.0457 -0.0153 0.0502  49  VAL A CB  
351 C CG1 . VAL A 49 ? 0.2540 0.4037 0.3930 -0.0948 -0.0201 0.0996  49  VAL A CG1 
352 C CG2 . VAL A 49 ? 0.2253 0.4569 0.4085 -0.0126 0.0134  0.0563  49  VAL A CG2 
353 N N   . GLY A 50 ? 0.3030 0.2232 0.3410 0.0482  -0.0703 -0.0480 50  GLY A N   
354 C CA  . GLY A 50 ? 0.3185 0.2779 0.3485 0.0025  -0.0470 -0.0371 50  GLY A CA  
355 C C   . GLY A 50 ? 0.3608 0.3405 0.3627 -0.0052 -0.0480 -0.0152 50  GLY A C   
356 O O   . GLY A 50 ? 0.4166 0.2775 0.3565 -0.0565 -0.0905 0.0901  50  GLY A O   
357 O OXT . GLY A 50 ? 0.3693 0.2525 0.4837 -0.0079 -0.0558 -0.0551 50  GLY A OXT 
358 N N   . ARG B 3  ? 0.4700 0.4352 0.4688 -0.0561 0.0825  -0.0648 3   ARG B N   
359 C CA  . ARG B 3  ? 0.4551 0.3997 0.4386 -0.0672 0.0597  -0.0458 3   ARG B CA  
360 C C   . ARG B 3  ? 0.4577 0.3431 0.4075 -0.0766 0.0632  -0.0245 3   ARG B C   
361 O O   . ARG B 3  ? 0.4811 0.3146 0.3761 -0.0811 0.0556  -0.0285 3   ARG B O   
362 C CB  . ARG B 3  ? 0.4561 0.4254 0.4578 -0.0713 0.0390  -0.0413 3   ARG B CB  
363 N N   . PRO B 4  ? 0.4260 0.2947 0.3980 -0.0538 0.0260  -0.0073 4   PRO B N   
364 C CA  . PRO B 4  ? 0.3799 0.2847 0.3707 -0.0148 -0.0102 0.0123  4   PRO B CA  
365 C C   . PRO B 4  ? 0.3218 0.2694 0.3363 -0.0246 -0.0168 0.0128  4   PRO B C   
366 O O   . PRO B 4  ? 0.3419 0.3859 0.3764 -0.0739 -0.0763 -0.0397 4   PRO B O   
367 C CB  . PRO B 4  ? 0.3888 0.3031 0.3762 -0.0138 -0.0212 0.0228  4   PRO B CB  
368 C CG  . PRO B 4  ? 0.3687 0.2684 0.4007 -0.0230 -0.0062 -0.0223 4   PRO B CG  
369 C CD  . PRO B 4  ? 0.4307 0.2893 0.4151 -0.0550 0.0216  0.0131  4   PRO B CD  
370 N N   . LYS B 5  ? 0.2691 0.2616 0.2637 0.0161  -0.0206 -0.0135 5   LYS B N   
371 C CA  . LYS B 5  ? 0.1819 0.3128 0.2009 0.0238  -0.0305 0.0128  5   LYS B CA  
372 C C   . LYS B 5  ? 0.1677 0.2613 0.1698 0.0178  -0.0639 0.0383  5   LYS B C   
373 O O   . LYS B 5  ? 0.1738 0.4098 0.1847 0.0614  -0.0709 0.0302  5   LYS B O   
374 C CB  . LYS B 5  ? 0.3425 0.3445 0.2678 -0.0131 0.0081  -0.0049 5   LYS B CB  
375 C CG  . LYS B 5  ? 0.4554 0.4679 0.4166 0.0218  0.0140  0.0283  5   LYS B CG  
376 C CD  . LYS B 5  ? 0.5981 0.6524 0.6429 -0.0170 0.0071  0.0218  5   LYS B CD  
377 C CE  . LYS B 5  ? 0.7044 0.7512 0.7052 0.0030  0.0218  0.0080  5   LYS B CE  
378 N NZ  . LYS B 5  ? 0.7563 0.7921 0.7919 -0.0309 0.0082  0.0091  5   LYS B NZ  
379 N N   . LYS B 6  ? 0.1526 0.1421 0.1781 0.0026  -0.0691 0.0249  6   LYS B N   
380 C CA  . LYS B 6  ? 0.1444 0.1192 0.1786 -0.0155 -0.0545 0.0175  6   LYS B CA  
381 C C   . LYS B 6  ? 0.1265 0.1265 0.1867 -0.0152 -0.0715 0.0281  6   LYS B C   
382 O O   . LYS B 6  ? 0.1715 0.1646 0.1844 -0.0308 -0.0741 0.0631  6   LYS B O   
383 C CB  . LYS B 6  ? 0.1606 0.0927 0.1713 -0.0041 -0.0422 0.0240  6   LYS B CB  
384 C CG  . LYS B 6  ? 0.1344 0.1132 0.1525 -0.0033 -0.0459 0.0183  6   LYS B CG  
385 C CD  . LYS B 6  ? 0.1864 0.0751 0.1597 -0.0171 -0.0501 0.0133  6   LYS B CD  
386 C CE  . LYS B 6  ? 0.1731 0.0986 0.1507 -0.0077 -0.0332 0.0269  6   LYS B CE  
387 N NZ  . LYS B 6  ? 0.1436 0.1319 0.1778 -0.0238 -0.0415 0.0342  6   LYS B NZ  
388 N N   . PRO B 7  ? 0.1873 0.0898 0.1749 -0.0169 -0.0841 0.0366  7   PRO B N   
389 C CA  . PRO B 7  ? 0.1742 0.0977 0.2477 -0.0107 -0.0992 0.0302  7   PRO B CA  
390 C C   . PRO B 7  ? 0.1570 0.0862 0.2367 -0.0043 -0.0770 0.0273  7   PRO B C   
391 O O   . PRO B 7  ? 0.1510 0.1292 0.1817 -0.0347 -0.0683 0.0428  7   PRO B O   
392 C CB  . PRO B 7  ? 0.2589 0.1431 0.2563 0.0049  -0.1460 0.0240  7   PRO B CB  
393 C CG  . PRO B 7  ? 0.3490 0.1726 0.2528 -0.0350 -0.0412 -0.0164 7   PRO B CG  
394 C CD  . PRO B 7  ? 0.1785 0.1188 0.1966 0.0120  -0.0860 0.0136  7   PRO B CD  
395 N N   . GLY B 8  ? 0.1548 0.1198 0.3335 -0.0097 -0.0637 0.0703  8   GLY B N   
396 C CA  . GLY B 8  ? 0.1575 0.1297 0.2599 0.0045  -0.0418 0.0514  8   GLY B CA  
397 C C   . GLY B 8  ? 0.1517 0.1252 0.1760 -0.0104 -0.0423 0.0026  8   GLY B C   
398 O O   . GLY B 8  ? 0.1877 0.1104 0.2755 -0.0174 -0.0415 -0.0065 8   GLY B O   
399 N N   . LEU B 9  ? 0.1383 0.1030 0.1815 -0.0085 -0.0605 0.0011  9   LEU B N   
400 C CA  . LEU B 9  ? 0.1442 0.0960 0.1687 -0.0112 -0.0418 -0.0057 9   LEU B CA  
401 C C   . LEU B 9  ? 0.1210 0.1064 0.1321 -0.0109 -0.0127 -0.0076 9   LEU B C   
402 O O   . LEU B 9  ? 0.1377 0.2053 0.1368 -0.0315 -0.0224 -0.0413 9   LEU B O   
403 C CB  . LEU B 9  ? 0.1533 0.1297 0.1680 -0.0380 -0.0598 0.0172  9   LEU B CB  
404 C CG  . LEU B 9  ? 0.1753 0.1568 0.1993 -0.0487 -0.0575 0.0176  9   LEU B CG  
405 C CD1 . LEU B 9  ? 0.2568 0.1053 0.2705 -0.0698 -0.0757 0.0291  9   LEU B CD1 
406 C CD2 . LEU B 9  ? 0.1585 0.2016 0.3104 -0.0358 -0.0218 0.0238  9   LEU B CD2 
407 N N   . CYS B 10 ? 0.1378 0.1347 0.1345 -0.0208 -0.0262 -0.0221 10  CYS B N   
408 C CA  . CYS B 10 ? 0.1332 0.1172 0.1291 -0.0309 -0.0364 -0.0051 10  CYS B CA  
409 C C   . CYS B 10 ? 0.1323 0.0787 0.1456 -0.0289 -0.0311 -0.0125 10  CYS B C   
410 O O   . CYS B 10 ? 0.1632 0.0869 0.1562 -0.0484 -0.0317 -0.0163 10  CYS B O   
411 C CB  . CYS B 10 ? 0.1946 0.0441 0.1610 -0.0393 -0.0610 0.0158  10  CYS B CB  
412 S SG  . CYS B 10 ? 0.1889 0.1044 0.1697 -0.0169 -0.0632 0.0120  10  CYS B SG  
413 N N   . PRO B 11 ? 0.1413 0.0741 0.1408 -0.0296 -0.0253 0.0023  11  PRO B N   
414 C CA  . PRO B 11 ? 0.1325 0.0703 0.1397 -0.0189 -0.0140 -0.0101 11  PRO B CA  
415 C C   . PRO B 11 ? 0.1261 0.0785 0.1435 -0.0200 -0.0201 -0.0091 11  PRO B C   
416 O O   . PRO B 11 ? 0.1411 0.0652 0.1467 -0.0169 -0.0303 -0.0138 11  PRO B O   
417 C CB  . PRO B 11 ? 0.1836 0.0930 0.1535 -0.0162 0.0110  -0.0021 11  PRO B CB  
418 C CG  . PRO B 11 ? 0.1462 0.0994 0.1631 -0.0298 -0.0031 0.0054  11  PRO B CG  
419 C CD  . PRO B 11 ? 0.1552 0.0965 0.1646 -0.0302 -0.0166 0.0064  11  PRO B CD  
420 N N   . PRO B 12 ? 0.1488 0.0537 0.1827 -0.0214 -0.0493 -0.0039 12  PRO B N   
421 C CA  . PRO B 12 ? 0.1255 0.0686 0.1856 -0.0236 -0.0399 0.0093  12  PRO B CA  
422 C C   . PRO B 12 ? 0.1490 0.0804 0.1593 0.0133  -0.0254 0.0054  12  PRO B C   
423 O O   . PRO B 12 ? 0.1329 0.1130 0.1995 0.0039  -0.0301 -0.0297 12  PRO B O   
424 C CB  . PRO B 12 ? 0.2328 0.0786 0.2176 -0.0362 -0.0499 0.0137  12  PRO B CB  
425 C CG  . PRO B 12 ? 0.2949 0.0759 0.2451 -0.0011 -0.0186 -0.0048 12  PRO B CG  
426 C CD  . PRO B 12 ? 0.2083 0.0715 0.2277 -0.0302 -0.0394 -0.0317 12  PRO B CD  
427 N N   . ARG B 13 ? 0.1077 0.0767 0.1520 -0.0077 -0.0094 0.0137  13  ARG B N   
428 C CA  . ARG B 13 ? 0.1028 0.0710 0.1778 -0.0111 -0.0367 -0.0070 13  ARG B CA  
429 C C   . ARG B 13 ? 0.1101 0.0843 0.1747 -0.0067 -0.0381 0.0078  13  ARG B C   
430 O O   . ARG B 13 ? 0.1155 0.1440 0.1678 -0.0100 -0.0251 0.0122  13  ARG B O   
431 C CB  . ARG B 13 ? 0.0995 0.0765 0.1664 -0.0052 -0.0316 -0.0017 13  ARG B CB  
432 C CG  . ARG B 13 ? 0.0986 0.0754 0.1585 0.0014  -0.0237 0.0066  13  ARG B CG  
433 C CD  . ARG B 13 ? 0.1351 0.0721 0.1872 -0.0137 -0.0379 0.0194  13  ARG B CD  
434 N NE  . ARG B 13 ? 0.0907 0.1115 0.1866 -0.0071 -0.0051 0.0044  13  ARG B NE  
435 C CZ  . ARG B 13 ? 0.1055 0.1247 0.1819 -0.0203 -0.0165 0.0327  13  ARG B CZ  
436 N NH1 . ARG B 13 ? 0.1380 0.1804 0.2496 0.0548  -0.0037 0.0179  13  ARG B NH1 
437 N NH2 . ARG B 13 ? 0.1095 0.1865 0.2468 -0.0296 -0.0438 0.0220  13  ARG B NH2 
438 N N   . PRO B 14 ? 0.1159 0.0959 0.1727 -0.0002 -0.0330 0.0022  14  PRO B N   
439 C CA  . PRO B 14 ? 0.1180 0.0793 0.1903 -0.0061 -0.0318 -0.0029 14  PRO B CA  
440 C C   . PRO B 14 ? 0.1267 0.1239 0.1404 -0.0041 -0.0325 0.0117  14  PRO B C   
441 O O   . PRO B 14 ? 0.2028 0.1128 0.1718 0.0332  -0.0241 0.0169  14  PRO B O   
442 C CB  . PRO B 14 ? 0.1269 0.1230 0.2034 0.0105  -0.0441 -0.0034 14  PRO B CB  
443 C CG  . PRO B 14 ? 0.1071 0.1826 0.2226 0.0067  -0.0368 0.0250  14  PRO B CG  
444 C CD  . PRO B 14 ? 0.1122 0.1230 0.1909 0.0114  -0.0374 0.0020  14  PRO B CD  
445 N N   . GLN B 15 ? 0.1125 0.1559 0.1608 0.0008  -0.0310 0.0048  15  GLN B N   
446 C CA  . GLN B 15 ? 0.1249 0.2241 0.1736 0.0306  -0.0400 -0.0355 15  GLN B CA  
447 C C   . GLN B 15 ? 0.2014 0.1376 0.2068 0.0479  -0.0716 -0.0230 15  GLN B C   
448 O O   . GLN B 15 ? 0.3603 0.1604 0.3446 0.0991  -0.1895 -0.0641 15  GLN B O   
449 C CB  . GLN B 15 ? 0.1560 0.2739 0.1784 -0.0270 -0.0502 -0.0378 15  GLN B CB  
450 C CG  . GLN B 15 ? 0.2231 0.3383 0.2035 -0.1170 0.0052  0.0080  15  GLN B CG  
451 C CD  . GLN B 15 ? 0.1775 0.2762 0.2594 -0.0055 0.0054  0.0857  15  GLN B CD  
452 O OE1 . GLN B 15 ? 0.2180 0.2177 0.3492 0.0169  -0.0605 0.0071  15  GLN B OE1 
453 N NE2 . GLN B 15 ? 0.2686 0.2535 0.1925 -0.0114 -0.0008 0.0777  15  GLN B NE2 
454 N N   . LYS B 16 ? 0.1249 0.1128 0.2216 0.0144  -0.0434 0.0159  16  LYS B N   
455 C CA  . LYS B 16 ? 0.1422 0.1440 0.2337 -0.0138 -0.0354 -0.0183 16  LYS B CA  
456 C C   . LYS B 16 ? 0.1744 0.1708 0.2468 -0.0206 -0.0313 -0.0331 16  LYS B C   
457 O O   . LYS B 16 ? 0.1581 0.2542 0.2900 -0.0385 0.0000  -0.0815 16  LYS B O   
458 C CB  . LYS B 16 ? 0.1934 0.1602 0.2603 -0.0272 -0.0673 -0.0163 16  LYS B CB  
459 C CG  . LYS B 16 ? 0.3045 0.2359 0.2749 -0.0412 -0.0323 0.0165  16  LYS B CG  
460 C CD  . LYS B 16 ? 0.4034 0.3325 0.3771 -0.1090 -0.0321 -0.0198 16  LYS B CD  
461 C CE  . LYS B 16 ? 0.4578 0.3512 0.4299 -0.0346 0.0007  -0.0474 16  LYS B CE  
462 N NZ  . LYS B 16 ? 0.4645 0.5106 0.4411 -0.0039 -0.0672 0.0082  16  LYS B NZ  
463 N N   . PRO B 17 ? 0.1764 0.2021 0.2577 -0.0252 -0.0138 -0.0191 17  PRO B N   
464 C CA  . PRO B 17 ? 0.1737 0.1503 0.2827 -0.0315 -0.0536 -0.0091 17  PRO B CA  
465 C C   . PRO B 17 ? 0.1798 0.1444 0.2091 -0.0389 -0.0570 0.0203  17  PRO B C   
466 O O   . PRO B 17 ? 0.2613 0.1708 0.2064 -0.0517 -0.0714 0.0241  17  PRO B O   
467 C CB  . PRO B 17 ? 0.1909 0.2457 0.2827 -0.0851 -0.0534 -0.0240 17  PRO B CB  
468 C CG  . PRO B 17 ? 0.2072 0.2366 0.3480 -0.0421 -0.0118 0.0052  17  PRO B CG  
469 C CD  . PRO B 17 ? 0.1872 0.2208 0.3125 -0.0134 -0.0174 0.0060  17  PRO B CD  
470 N N   . CYS B 18 ? 0.1741 0.1505 0.2203 -0.0513 -0.0718 0.0068  18  CYS B N   
471 C CA  . CYS B 18 ? 0.1861 0.1243 0.2316 -0.0403 -0.0641 0.0210  18  CYS B CA  
472 C C   . CYS B 18 ? 0.1769 0.1240 0.2596 -0.0448 -0.0600 0.0133  18  CYS B C   
473 O O   . CYS B 18 ? 0.1974 0.1735 0.3147 -0.0675 -0.1179 0.0393  18  CYS B O   
474 C CB  . CYS B 18 ? 0.1483 0.1505 0.2725 -0.0346 -0.0693 0.0513  18  CYS B CB  
475 S SG  . CYS B 18 ? 0.1610 0.1644 0.2686 -0.0232 -0.0812 0.0587  18  CYS B SG  
476 N N   . VAL B 19 ? 0.1286 0.1242 0.2428 -0.0258 -0.0888 0.0487  19  VAL B N   
477 C CA  . VAL B 19 ? 0.1233 0.1063 0.1898 -0.0298 -0.0388 0.0147  19  VAL B CA  
478 C C   . VAL B 19 ? 0.0967 0.0947 0.1688 -0.0244 -0.0365 0.0118  19  VAL B C   
479 O O   . VAL B 19 ? 0.1165 0.0852 0.2233 -0.0318 -0.0726 0.0199  19  VAL B O   
480 C CB  . VAL B 19 ? 0.1396 0.1405 0.2363 0.0024  -0.0129 0.0380  19  VAL B CB  
481 C CG1 . VAL B 19 ? 0.2286 0.1222 0.3029 0.0052  0.0204  -0.0230 19  VAL B CG1 
482 C CG2 . VAL B 19 ? 0.1762 0.1863 0.2756 -0.0276 0.0001  0.0318  19  VAL B CG2 
483 N N   . LYS B 20 ? 0.1252 0.0777 0.1640 -0.0366 -0.0531 0.0070  20  LYS B N   
484 C CA  A LYS B 20 ? 0.1127 0.0887 0.1436 -0.0231 -0.0342 -0.0013 20  LYS B CA  
485 C CA  B LYS B 20 ? 0.1214 0.0930 0.1451 -0.0205 -0.0351 0.0013  20  LYS B CA  
486 C CA  C LYS B 20 ? 0.1097 0.0856 0.1306 -0.0184 -0.0430 0.0013  20  LYS B CA  
487 C C   . LYS B 20 ? 0.1112 0.0700 0.1508 -0.0170 -0.0265 0.0080  20  LYS B C   
488 O O   . LYS B 20 ? 0.1890 0.0780 0.1698 -0.0557 -0.0203 0.0004  20  LYS B O   
489 C CB  A LYS B 20 ? 0.1069 0.0984 0.1434 -0.0344 -0.0424 -0.0178 20  LYS B CB  
490 C CB  B LYS B 20 ? 0.1331 0.1125 0.1527 -0.0205 -0.0307 -0.0013 20  LYS B CB  
491 C CB  C LYS B 20 ? 0.1212 0.1137 0.1430 -0.0282 -0.0398 -0.0067 20  LYS B CB  
492 C CG  A LYS B 20 ? 0.0650 0.0813 0.1507 -0.0444 -0.0120 -0.0143 20  LYS B CG  
493 C CG  B LYS B 20 ? 0.1643 0.1300 0.1965 -0.0207 -0.0277 -0.0059 20  LYS B CG  
494 C CG  C LYS B 20 ? 0.1519 0.0913 0.1835 -0.0399 -0.0289 -0.0112 20  LYS B CG  
495 C CD  A LYS B 20 ? 0.0910 0.1142 0.1390 -0.0264 -0.0601 -0.0287 20  LYS B CD  
496 C CD  B LYS B 20 ? 0.1544 0.1408 0.2295 -0.0017 -0.0127 -0.0011 20  LYS B CD  
497 C CD  C LYS B 20 ? 0.1598 0.1079 0.2060 -0.0527 -0.0316 -0.0449 20  LYS B CD  
498 C CE  A LYS B 20 ? 0.0579 0.0902 0.1486 -0.0442 -0.0410 0.0669  20  LYS B CE  
499 C CE  B LYS B 20 ? 0.0385 0.1400 0.1999 -0.0230 -0.0171 0.0126  20  LYS B CE  
500 C CE  C LYS B 20 ? 0.1915 0.2633 0.2431 0.0386  -0.0564 0.0623  20  LYS B CE  
501 N NZ  A LYS B 20 ? 0.1882 0.1260 0.1349 -0.1279 -0.0352 0.0326  20  LYS B NZ  
502 N NZ  B LYS B 20 ? 0.0579 0.0508 0.2242 -0.0203 -0.0424 -0.0163 20  LYS B NZ  
503 N NZ  C LYS B 20 ? 0.2548 0.2013 0.2123 0.0450  -0.0321 0.0098  20  LYS B NZ  
504 N N   . GLU B 21 ? 0.1453 0.1015 0.1374 -0.0353 -0.0457 -0.0138 21  GLU B N   
505 C CA  . GLU B 21 ? 0.1530 0.1181 0.1661 -0.0188 -0.0407 -0.0014 21  GLU B CA  
506 C C   . GLU B 21 ? 0.1651 0.0917 0.1889 -0.0298 -0.0208 -0.0032 21  GLU B C   
507 O O   . GLU B 21 ? 0.2150 0.1618 0.2289 -0.0416 -0.0247 0.0584  21  GLU B O   
508 C CB  . GLU B 21 ? 0.1622 0.1426 0.1732 -0.0187 -0.0239 -0.0069 21  GLU B CB  
509 C CG  . GLU B 21 ? 0.1589 0.1716 0.1957 -0.0255 -0.0298 -0.0015 21  GLU B CG  
510 C CD  . GLU B 21 ? 0.1413 0.1746 0.2811 -0.0302 -0.0125 -0.0468 21  GLU B CD  
511 O OE1 . GLU B 21 ? 0.1467 0.1874 0.2478 -0.0418 -0.0348 -0.0517 21  GLU B OE1 
512 O OE2 . GLU B 21 ? 0.1947 0.2352 0.3247 -0.0099 -0.0592 -0.0247 21  GLU B OE2 
513 N N   . CYS B 22 ? 0.1723 0.0831 0.1446 -0.0212 -0.0440 0.0234  22  CYS B N   
514 C CA  . CYS B 22 ? 0.2054 0.0453 0.1735 -0.0313 -0.0426 0.0053  22  CYS B CA  
515 C C   . CYS B 22 ? 0.1908 0.0856 0.1499 -0.0153 -0.0476 -0.0082 22  CYS B C   
516 O O   . CYS B 22 ? 0.1947 0.1055 0.1606 -0.0021 -0.0366 -0.0096 22  CYS B O   
517 C CB  . CYS B 22 ? 0.1992 0.0608 0.1697 -0.0380 -0.0372 -0.0023 22  CYS B CB  
518 S SG  . CYS B 22 ? 0.1773 0.0728 0.1574 -0.0138 -0.0511 0.0032  22  CYS B SG  
519 N N   . LYS B 23 ? 0.2386 0.1145 0.2032 0.0090  -0.0560 0.0107  23  LYS B N   
520 C CA  . LYS B 23 ? 0.2419 0.1600 0.2447 -0.0192 -0.0513 0.0082  23  LYS B CA  
521 C C   . LYS B 23 ? 0.2515 0.1216 0.2805 0.0350  -0.0146 -0.0159 23  LYS B C   
522 O O   . LYS B 23 ? 0.3109 0.2277 0.2893 -0.0098 0.0068  -0.0069 23  LYS B O   
523 C CB  . LYS B 23 ? 0.2740 0.2089 0.3149 -0.0067 -0.1102 -0.0706 23  LYS B CB  
524 C CG  . LYS B 23 ? 0.3319 0.3925 0.4413 -0.0194 -0.0890 -0.0486 23  LYS B CG  
525 C CD  . LYS B 23 ? 0.4337 0.4147 0.4783 -0.0303 -0.0273 -0.0868 23  LYS B CD  
526 C CE  . LYS B 23 ? 0.4403 0.4289 0.4467 -0.0217 -0.0910 -0.1416 23  LYS B CE  
527 N NZ  . LYS B 23 ? 0.4539 0.5399 0.3383 -0.1755 -0.0058 -0.0506 23  LYS B NZ  
528 N N   . ASN B 24 ? 0.2351 0.1180 0.1726 -0.0225 -0.0250 -0.0092 24  ASN B N   
529 C CA  . ASN B 24 ? 0.2112 0.1199 0.2362 -0.0139 -0.0145 -0.0151 24  ASN B CA  
530 C C   . ASN B 24 ? 0.1493 0.0887 0.1831 -0.0154 -0.0074 -0.0093 24  ASN B C   
531 O O   . ASN B 24 ? 0.1480 0.1011 0.1658 -0.0168 -0.0332 0.0042  24  ASN B O   
532 C CB  . ASN B 24 ? 0.2514 0.1841 0.2147 0.0057  -0.0474 -0.0019 24  ASN B CB  
533 C CG  . ASN B 24 ? 0.2079 0.1389 0.2021 -0.0052 0.0050  0.0590  24  ASN B CG  
534 O OD1 . ASN B 24 ? 0.2694 0.1370 0.2579 0.0403  -0.0221 0.0325  24  ASN B OD1 
535 N ND2 . ASN B 24 ? 0.4188 0.1886 0.3417 0.0898  0.0574  0.0310  24  ASN B ND2 
536 N N   . ASP B 25 ? 0.1542 0.0649 0.2098 -0.0076 -0.0617 -0.0099 25  ASP B N   
537 C CA  . ASP B 25 ? 0.1653 0.0650 0.1847 -0.0141 -0.0543 0.0010  25  ASP B CA  
538 C C   . ASP B 25 ? 0.1449 0.0720 0.1859 -0.0025 -0.0592 -0.0019 25  ASP B C   
539 O O   . ASP B 25 ? 0.1509 0.0826 0.1725 -0.0084 -0.0417 0.0182  25  ASP B O   
540 C CB  . ASP B 25 ? 0.1554 0.0787 0.1704 0.0003  -0.0599 0.0207  25  ASP B CB  
541 C CG  . ASP B 25 ? 0.1520 0.0885 0.1403 -0.0052 -0.0411 0.0002  25  ASP B CG  
542 O OD1 . ASP B 25 ? 0.1692 0.1092 0.1855 -0.0187 -0.0875 0.0123  25  ASP B OD1 
543 O OD2 . ASP B 25 ? 0.1434 0.1045 0.1484 -0.0033 -0.0568 0.0194  25  ASP B OD2 
544 N N   . ASP B 26 ? 0.1581 0.0760 0.1902 -0.0012 -0.0474 0.0084  26  ASP B N   
545 C CA  . ASP B 26 ? 0.1723 0.0892 0.1951 -0.0007 -0.0458 0.0335  26  ASP B CA  
546 C C   . ASP B 26 ? 0.1811 0.0601 0.1694 -0.0008 -0.0628 0.0364  26  ASP B C   
547 O O   . ASP B 26 ? 0.2012 0.1050 0.2243 0.0016  -0.0608 0.0677  26  ASP B O   
548 C CB  . ASP B 26 ? 0.1857 0.0914 0.2081 0.0105  -0.0677 0.0321  26  ASP B CB  
549 C CG  . ASP B 26 ? 0.2596 0.0875 0.2290 -0.0010 -0.0786 0.0195  26  ASP B CG  
550 O OD1 . ASP B 26 ? 0.2172 0.1123 0.2906 -0.0026 -0.0837 0.0316  26  ASP B OD1 
551 O OD2 . ASP B 26 ? 0.2753 0.1634 0.2671 0.0299  -0.1399 0.0021  26  ASP B OD2 
552 N N   . SER B 27 ? 0.1652 0.0769 0.1949 -0.0105 -0.0706 0.0271  27  SER B N   
553 C CA  . SER B 27 ? 0.1740 0.0607 0.2234 -0.0052 -0.0749 0.0085  27  SER B CA  
554 C C   . SER B 27 ? 0.1591 0.0971 0.2416 -0.0065 -0.0452 0.0241  27  SER B C   
555 O O   . SER B 27 ? 0.1683 0.1213 0.4068 -0.0277 -0.0412 -0.0267 27  SER B O   
556 C CB  . SER B 27 ? 0.1864 0.1871 0.2395 -0.0045 -0.0961 -0.0573 27  SER B CB  
557 O OG  . SER B 27 ? 0.2697 0.1696 0.2617 -0.0143 -0.0792 -0.0090 27  SER B OG  
558 N N   . CYS B 28 ? 0.1710 0.0669 0.2176 -0.0175 -0.0440 0.0148  28  CYS B N   
559 C CA  . CYS B 28 ? 0.1458 0.1056 0.1813 -0.0160 -0.0566 0.0212  28  CYS B CA  
560 C C   . CYS B 28 ? 0.1615 0.0884 0.2025 -0.0357 -0.0270 0.0339  28  CYS B C   
561 O O   . CYS B 28 ? 0.1884 0.1588 0.1946 -0.0355 -0.0469 0.0713  28  CYS B O   
562 C CB  . CYS B 28 ? 0.1381 0.0701 0.1807 -0.0185 -0.0527 0.0202  28  CYS B CB  
563 S SG  . CYS B 28 ? 0.1735 0.0791 0.1736 -0.0228 -0.0279 0.0117  28  CYS B SG  
564 N N   . PRO B 29 ? 0.1755 0.1293 0.1814 -0.0299 -0.0253 0.0359  29  PRO B N   
565 C CA  . PRO B 29 ? 0.2061 0.1513 0.2150 -0.0358 -0.0090 0.0202  29  PRO B CA  
566 C C   . PRO B 29 ? 0.2036 0.1563 0.2148 -0.0447 -0.0081 0.0295  29  PRO B C   
567 O O   . PRO B 29 ? 0.2235 0.1420 0.2142 -0.0511 -0.0324 0.0426  29  PRO B O   
568 C CB  . PRO B 29 ? 0.2261 0.2194 0.2538 -0.0516 0.0278  0.0203  29  PRO B CB  
569 C CG  . PRO B 29 ? 0.2130 0.2486 0.2818 -0.0254 -0.0050 0.0068  29  PRO B CG  
570 C CD  . PRO B 29 ? 0.1746 0.1479 0.2424 -0.0177 -0.0263 0.0267  29  PRO B CD  
571 N N   . GLY B 30 ? 0.2838 0.1706 0.1949 -0.0552 -0.0118 0.0522  30  GLY B N   
572 C CA  . GLY B 30 ? 0.2792 0.1929 0.1930 -0.0522 -0.0040 0.0269  30  GLY B CA  
573 C C   . GLY B 30 ? 0.2185 0.1684 0.1315 -0.0404 -0.0283 0.0403  30  GLY B C   
574 O O   . GLY B 30 ? 0.2579 0.1710 0.1800 0.0170  -0.0163 0.0369  30  GLY B O   
575 N N   . GLN B 31 ? 0.2213 0.1418 0.1701 -0.0274 -0.0331 0.0333  31  GLN B N   
576 C CA  . GLN B 31 ? 0.1810 0.1450 0.1628 -0.0041 -0.0298 0.0001  31  GLN B CA  
577 C C   . GLN B 31 ? 0.1595 0.1195 0.1312 -0.0170 -0.0272 0.0212  31  GLN B C   
578 O O   . GLN B 31 ? 0.1576 0.1136 0.1508 -0.0294 -0.0338 0.0167  31  GLN B O   
579 C CB  . GLN B 31 ? 0.2029 0.1746 0.1459 -0.0197 -0.0316 0.0163  31  GLN B CB  
580 C CG  . GLN B 31 ? 0.2122 0.2326 0.1773 -0.0312 -0.0176 0.0055  31  GLN B CG  
581 C CD  . GLN B 31 ? 0.3218 0.2415 0.2066 0.0536  -0.0350 -0.0494 31  GLN B CD  
582 O OE1 . GLN B 31 ? 0.4124 0.3025 0.3164 0.0251  -0.1212 -0.0323 31  GLN B OE1 
583 N NE2 . GLN B 31 ? 0.3806 0.2826 0.2501 0.1173  -0.0630 -0.0665 31  GLN B NE2 
584 N N   . GLN B 32 ? 0.1679 0.1022 0.1396 -0.0243 -0.0181 0.0100  32  GLN B N   
585 C CA  . GLN B 32 ? 0.1368 0.0950 0.1447 -0.0324 -0.0228 0.0153  32  GLN B CA  
586 C C   . GLN B 32 ? 0.1075 0.0976 0.1390 -0.0184 -0.0323 0.0013  32  GLN B C   
587 O O   . GLN B 32 ? 0.1540 0.0770 0.1612 -0.0071 -0.0361 0.0257  32  GLN B O   
588 C CB  . GLN B 32 ? 0.1290 0.0840 0.1874 -0.0157 -0.0189 0.0070  32  GLN B CB  
589 C CG  . GLN B 32 ? 0.1623 0.1372 0.1616 -0.0349 -0.0174 0.0138  32  GLN B CG  
590 C CD  . GLN B 32 ? 0.1423 0.1481 0.2699 0.0153  -0.0059 -0.0043 32  GLN B CD  
591 O OE1 . GLN B 32 ? 0.1585 0.1642 0.2467 -0.0280 -0.0355 -0.0099 32  GLN B OE1 
592 N NE2 . GLN B 32 ? 0.1858 0.2029 0.2971 0.0048  -0.0397 -0.0226 32  GLN B NE2 
593 N N   . LYS B 33 ? 0.1298 0.0625 0.1325 -0.0104 -0.0312 0.0140  33  LYS B N   
594 C CA  . LYS B 33 ? 0.1133 0.0674 0.1330 -0.0131 -0.0402 0.0105  33  LYS B CA  
595 C C   . LYS B 33 ? 0.1148 0.0529 0.1424 -0.0136 -0.0273 0.0039  33  LYS B C   
596 O O   . LYS B 33 ? 0.1072 0.0772 0.1661 0.0006  -0.0378 -0.0058 33  LYS B O   
597 C CB  . LYS B 33 ? 0.1158 0.0670 0.1402 -0.0023 -0.0400 -0.0009 33  LYS B CB  
598 C CG  . LYS B 33 ? 0.1415 0.0943 0.1586 -0.0264 -0.0645 0.0058  33  LYS B CG  
599 C CD  . LYS B 33 ? 0.1685 0.1400 0.1456 -0.0390 -0.0725 0.0104  33  LYS B CD  
600 C CE  . LYS B 33 ? 0.1575 0.1084 0.1972 -0.0628 -0.0601 0.0330  33  LYS B CE  
601 N NZ  . LYS B 33 ? 0.1640 0.1265 0.2660 -0.0034 -0.0889 0.0423  33  LYS B NZ  
602 N N   . CYS B 34 ? 0.1246 0.0556 0.1303 0.0033  -0.0373 0.0088  34  CYS B N   
603 C CA  . CYS B 34 ? 0.1153 0.0581 0.1319 -0.0031 -0.0256 0.0071  34  CYS B CA  
604 C C   . CYS B 34 ? 0.0945 0.0910 0.1311 -0.0174 -0.0448 0.0104  34  CYS B C   
605 O O   . CYS B 34 ? 0.1233 0.0860 0.1872 0.0075  -0.0106 0.0330  34  CYS B O   
606 C CB  . CYS B 34 ? 0.1535 0.0743 0.1314 -0.0082 -0.0477 0.0106  34  CYS B CB  
607 S SG  . CYS B 34 ? 0.2022 0.0760 0.1547 -0.0024 -0.0427 -0.0013 34  CYS B SG  
608 N N   . CYS B 35 ? 0.0874 0.0783 0.1455 -0.0153 -0.0505 0.0171  35  CYS B N   
609 C CA  . CYS B 35 ? 0.1180 0.0641 0.1377 -0.0139 -0.0465 0.0082  35  CYS B CA  
610 C C   . CYS B 35 ? 0.1140 0.0485 0.1480 -0.0203 -0.0252 0.0167  35  CYS B C   
611 O O   . CYS B 35 ? 0.1031 0.0827 0.1378 -0.0228 -0.0310 0.0002  35  CYS B O   
612 C CB  . CYS B 35 ? 0.1431 0.0746 0.1240 -0.0067 -0.0519 0.0094  35  CYS B CB  
613 S SG  . CYS B 35 ? 0.1796 0.0769 0.1490 -0.0157 -0.0505 0.0096  35  CYS B SG  
614 N N   . ASN B 36 ? 0.1033 0.0668 0.1476 -0.0189 -0.0494 0.0138  36  ASN B N   
615 C CA  . ASN B 36 ? 0.0904 0.0600 0.1306 -0.0135 -0.0282 0.0104  36  ASN B CA  
616 C C   . ASN B 36 ? 0.1065 0.0439 0.1392 -0.0179 -0.0302 0.0052  36  ASN B C   
617 O O   . ASN B 36 ? 0.1037 0.0629 0.1532 -0.0297 -0.0438 0.0080  36  ASN B O   
618 C CB  . ASN B 36 ? 0.0939 0.0523 0.1824 -0.0063 -0.0367 0.0156  36  ASN B CB  
619 C CG  . ASN B 36 ? 0.1085 0.1040 0.1100 0.0036  -0.0105 0.0272  36  ASN B CG  
620 O OD1 . ASN B 36 ? 0.1111 0.0819 0.1496 -0.0178 -0.0295 0.0106  36  ASN B OD1 
621 N ND2 . ASN B 36 ? 0.1022 0.0841 0.1608 -0.0185 -0.0370 -0.0176 36  ASN B ND2 
622 N N   . TYR B 37 ? 0.1133 0.0530 0.1381 -0.0191 -0.0481 0.0045  37  TYR B N   
623 C CA  . TYR B 37 ? 0.0972 0.0838 0.1306 -0.0119 -0.0245 0.0017  37  TYR B CA  
624 C C   . TYR B 37 ? 0.1053 0.1235 0.1610 0.0005  -0.0368 -0.0178 37  TYR B C   
625 O O   . TYR B 37 ? 0.1875 0.1942 0.1780 0.0545  -0.0649 -0.0106 37  TYR B O   
626 C CB  . TYR B 37 ? 0.1175 0.0658 0.1474 -0.0132 -0.0316 0.0094  37  TYR B CB  
627 C CG  . TYR B 37 ? 0.1007 0.0802 0.1201 -0.0088 -0.0202 0.0135  37  TYR B CG  
628 C CD1 . TYR B 37 ? 0.0886 0.0682 0.1491 -0.0050 -0.0470 -0.0047 37  TYR B CD1 
629 C CD2 . TYR B 37 ? 0.0778 0.0647 0.1698 -0.0192 -0.0352 0.0215  37  TYR B CD2 
630 C CE1 . TYR B 37 ? 0.1161 0.0437 0.1443 0.0010  -0.0324 0.0088  37  TYR B CE1 
631 C CE2 . TYR B 37 ? 0.1025 0.0714 0.1407 -0.0104 -0.0445 0.0187  37  TYR B CE2 
632 C CZ  . TYR B 37 ? 0.1077 0.0668 0.1142 0.0029  -0.0235 0.0170  37  TYR B CZ  
633 O OH  . TYR B 37 ? 0.1126 0.0797 0.1270 -0.0091 -0.0210 0.0109  37  TYR B OH  
634 N N   . GLY B 38 ? 0.1105 0.0725 0.1301 -0.0148 -0.0377 0.0130  38  GLY B N   
635 C CA  . GLY B 38 ? 0.1146 0.1044 0.1290 -0.0250 -0.0172 0.0110  38  GLY B CA  
636 C C   . GLY B 38 ? 0.1114 0.0991 0.1424 0.0005  -0.0425 0.0107  38  GLY B C   
637 O O   . GLY B 38 ? 0.1321 0.0967 0.1526 -0.0113 -0.0502 -0.0044 38  GLY B O   
638 N N   . CYS B 39 ? 0.1127 0.0898 0.1590 -0.0178 -0.0488 0.0102  39  CYS B N   
639 C CA  . CYS B 39 ? 0.1241 0.1339 0.1447 -0.0336 -0.0430 -0.0148 39  CYS B CA  
640 C C   . CYS B 39 ? 0.1680 0.1072 0.1875 -0.0536 0.0051  -0.0134 39  CYS B C   
641 O O   . CYS B 39 ? 0.3148 0.1518 0.2423 -0.1245 0.0690  -0.0636 39  CYS B O   
642 C CB  . CYS B 39 ? 0.1345 0.1541 0.1877 -0.0497 -0.0185 -0.0271 39  CYS B CB  
643 S SG  . CYS B 39 ? 0.1564 0.1225 0.3162 -0.0161 -0.0695 -0.0041 39  CYS B SG  
644 N N   . LYS B 40 ? 0.1038 0.0825 0.1540 -0.0196 -0.0274 -0.0058 40  LYS B N   
645 C CA  . LYS B 40 ? 0.1020 0.0644 0.1716 -0.0205 -0.0320 -0.0021 40  LYS B CA  
646 C C   . LYS B 40 ? 0.1008 0.0631 0.1459 -0.0187 -0.0391 -0.0061 40  LYS B C   
647 O O   . LYS B 40 ? 0.1035 0.0715 0.1661 -0.0245 -0.0424 -0.0005 40  LYS B O   
648 C CB  . LYS B 40 ? 0.1237 0.1333 0.1456 -0.0098 -0.0342 0.0138  40  LYS B CB  
649 C CG  . LYS B 40 ? 0.1246 0.0985 0.2226 0.0010  -0.0406 -0.0268 40  LYS B CG  
650 C CD  . LYS B 40 ? 0.1579 0.1556 0.1588 0.0192  -0.0538 0.0129  40  LYS B CD  
651 C CE  . LYS B 40 ? 0.1401 0.0879 0.2283 0.0084  -0.0521 0.0085  40  LYS B CE  
652 N NZ  . LYS B 40 ? 0.2045 0.1358 0.2608 0.0550  0.0031  -0.0043 40  LYS B NZ  
653 N N   . ASP B 41 ? 0.0999 0.0697 0.1408 -0.0374 -0.0372 0.0010  41  ASP B N   
654 C CA  . ASP B 41 ? 0.1136 0.0770 0.1212 -0.0158 -0.0358 -0.0014 41  ASP B CA  
655 C C   . ASP B 41 ? 0.1076 0.0677 0.1573 -0.0074 -0.0273 -0.0064 41  ASP B C   
656 O O   . ASP B 41 ? 0.1156 0.1048 0.1715 -0.0548 -0.0210 -0.0132 41  ASP B O   
657 C CB  . ASP B 41 ? 0.1161 0.0882 0.1419 -0.0045 -0.0167 0.0132  41  ASP B CB  
658 C CG  . ASP B 41 ? 0.1350 0.0872 0.1892 -0.0045 -0.0287 0.0234  41  ASP B CG  
659 O OD1 . ASP B 41 ? 0.1867 0.1770 0.2431 -0.0275 0.0302  -0.0336 41  ASP B OD1 
660 O OD2 . ASP B 41 ? 0.1421 0.0997 0.2420 -0.0196 -0.0117 0.0390  41  ASP B OD2 
661 N N   . GLU B 42 ? 0.1073 0.0724 0.1507 -0.0209 -0.0307 -0.0016 42  GLU B N   
662 C CA  . GLU B 42 ? 0.1051 0.1293 0.1398 0.0103  -0.0434 -0.0021 42  GLU B CA  
663 C C   . GLU B 42 ? 0.1049 0.0843 0.1338 0.0025  -0.0137 0.0115  42  GLU B C   
664 O O   . GLU B 42 ? 0.1075 0.1034 0.1574 -0.0248 -0.0379 0.0049  42  GLU B O   
665 C CB  . GLU B 42 ? 0.1709 0.3193 0.1476 0.1080  -0.0577 0.0203  42  GLU B CB  
666 C CG  . GLU B 42 ? 0.3012 0.2037 0.2855 0.0459  -0.1116 -0.0391 42  GLU B CG  
667 C CD  . GLU B 42 ? 0.2077 0.1147 0.2307 0.0688  -0.0759 0.0279  42  GLU B CD  
668 O OE1 . GLU B 42 ? 0.2754 0.1641 0.3479 -0.0304 -0.0979 0.0310  42  GLU B OE1 
669 O OE2 . GLU B 42 ? 0.1845 0.1250 0.2523 0.0232  -0.0503 -0.0135 42  GLU B OE2 
670 N N   . CYS B 43 ? 0.1130 0.0760 0.1476 -0.0238 -0.0427 -0.0014 43  CYS B N   
671 C CA  . CYS B 43 ? 0.1076 0.0474 0.1615 -0.0173 -0.0319 0.0164  43  CYS B CA  
672 C C   . CYS B 43 ? 0.1286 0.0729 0.1445 -0.0059 -0.0382 0.0111  43  CYS B C   
673 O O   . CYS B 43 ? 0.1181 0.0887 0.1964 -0.0052 -0.0500 -0.0036 43  CYS B O   
674 C CB  . CYS B 43 ? 0.1323 0.0586 0.1939 -0.0227 -0.0565 -0.0039 43  CYS B CB  
675 S SG  . CYS B 43 ? 0.1737 0.0866 0.1971 -0.0318 -0.0326 0.0106  43  CYS B SG  
676 N N   . ARG B 44 ? 0.1176 0.0894 0.1296 -0.0032 -0.0417 -0.0035 44  ARG B N   
677 C CA  . ARG B 44 ? 0.1276 0.0828 0.1334 -0.0023 -0.0315 0.0034  44  ARG B CA  
678 C C   . ARG B 44 ? 0.1313 0.0604 0.1573 -0.0270 -0.0191 -0.0034 44  ARG B C   
679 O O   . ARG B 44 ? 0.1380 0.0775 0.1576 -0.0027 -0.0328 -0.0061 44  ARG B O   
680 C CB  . ARG B 44 ? 0.1366 0.0886 0.1414 0.0035  -0.0317 0.0000  44  ARG B CB  
681 C CG  . ARG B 44 ? 0.1342 0.0712 0.1594 -0.0104 -0.0244 0.0095  44  ARG B CG  
682 C CD  . ARG B 44 ? 0.1531 0.0966 0.1743 -0.0172 -0.0328 0.0308  44  ARG B CD  
683 N NE  . ARG B 44 ? 0.1326 0.0979 0.2051 -0.0028 -0.0235 0.0182  44  ARG B NE  
684 C CZ  . ARG B 44 ? 0.1385 0.1295 0.2199 0.0170  -0.0253 0.0219  44  ARG B CZ  
685 N NH1 . ARG B 44 ? 0.1480 0.1330 0.2369 0.0183  -0.0190 0.0276  44  ARG B NH1 
686 N NH2 . ARG B 44 ? 0.1410 0.1540 0.2950 0.0079  -0.0386 0.0310  44  ARG B NH2 
687 N N   . ASP B 45 ? 0.1299 0.0977 0.1550 0.0094  -0.0297 -0.0204 45  ASP B N   
688 C CA  . ASP B 45 ? 0.1355 0.1108 0.1460 -0.0050 -0.0144 -0.0191 45  ASP B CA  
689 C C   . ASP B 45 ? 0.1433 0.1028 0.1344 -0.0106 -0.0327 -0.0072 45  ASP B C   
690 O O   . ASP B 45 ? 0.1767 0.1204 0.1529 -0.0192 -0.0341 0.0134  45  ASP B O   
691 C CB  . ASP B 45 ? 0.1610 0.1487 0.1544 0.0030  -0.0098 -0.0324 45  ASP B CB  
692 C CG  . ASP B 45 ? 0.1536 0.1761 0.2335 0.0182  0.0018  -0.0186 45  ASP B CG  
693 O OD1 . ASP B 45 ? 0.2151 0.2261 0.3796 0.0338  0.0936  0.0203  45  ASP B OD1 
694 O OD2 . ASP B 45 ? 0.1944 0.1577 0.2484 -0.0078 0.0199  -0.0136 45  ASP B OD2 
695 N N   . PRO B 46 ? 0.1594 0.0889 0.1568 -0.0165 -0.0422 -0.0121 46  PRO B N   
696 C CA  . PRO B 46 ? 0.1402 0.1075 0.1813 -0.0158 -0.0289 -0.0217 46  PRO B CA  
697 C C   . PRO B 46 ? 0.1711 0.0996 0.1601 -0.0182 -0.0278 -0.0035 46  PRO B C   
698 O O   . PRO B 46 ? 0.1774 0.1224 0.1866 -0.0336 -0.0054 -0.0265 46  PRO B O   
699 C CB  . PRO B 46 ? 0.1460 0.1160 0.2640 -0.0042 -0.0503 -0.0491 46  PRO B CB  
700 C CG  . PRO B 46 ? 0.2375 0.1234 0.4005 -0.0371 -0.1251 0.0476  46  PRO B CG  
701 C CD  . PRO B 46 ? 0.1534 0.1228 0.1875 -0.0174 -0.0466 -0.0002 46  PRO B CD  
702 N N   . ILE B 47 ? 0.1776 0.1018 0.1411 -0.0257 -0.0158 -0.0174 47  ILE B N   
703 C CA  . ILE B 47 ? 0.1638 0.0970 0.1826 -0.0207 -0.0339 -0.0185 47  ILE B CA  
704 C C   . ILE B 47 ? 0.1807 0.0818 0.1840 -0.0076 -0.0443 -0.0189 47  ILE B C   
705 O O   . ILE B 47 ? 0.1747 0.1539 0.1745 -0.0240 -0.0511 -0.0344 47  ILE B O   
706 C CB  . ILE B 47 ? 0.1687 0.1274 0.1742 -0.0179 -0.0440 0.0036  47  ILE B CB  
707 C CG1 . ILE B 47 ? 0.1825 0.1222 0.2082 -0.0104 -0.0160 0.0079  47  ILE B CG1 
708 C CG2 . ILE B 47 ? 0.2352 0.1023 0.2467 -0.0560 -0.0625 -0.0059 47  ILE B CG2 
709 C CD1 . ILE B 47 ? 0.2537 0.1890 0.1711 -0.0189 -0.0174 0.0255  47  ILE B CD1 
710 N N   . PHE B 48 ? 0.1909 0.1267 0.1714 0.0133  -0.0297 -0.0298 48  PHE B N   
711 C CA  . PHE B 48 ? 0.2128 0.1490 0.1810 0.0176  -0.0640 -0.0253 48  PHE B CA  
712 C C   . PHE B 48 ? 0.1949 0.1435 0.1906 0.0206  -0.0692 -0.0142 48  PHE B C   
713 O O   . PHE B 48 ? 0.2096 0.1406 0.2836 0.0058  -0.0448 -0.0594 48  PHE B O   
714 C CB  . PHE B 48 ? 0.2782 0.1166 0.2006 0.0262  -0.0924 -0.0400 48  PHE B CB  
715 C CG  . PHE B 48 ? 0.3199 0.1317 0.1885 0.0466  -0.0879 -0.0074 48  PHE B CG  
716 C CD1 . PHE B 48 ? 0.3548 0.1161 0.2719 0.0539  -0.1191 -0.0373 48  PHE B CD1 
717 C CD2 . PHE B 48 ? 0.4156 0.1550 0.3601 -0.0241 -0.0457 -0.0311 48  PHE B CD2 
718 C CE1 . PHE B 48 ? 0.3687 0.1828 0.1967 0.0284  -0.1178 -0.0115 48  PHE B CE1 
719 C CE2 . PHE B 48 ? 0.3864 0.2009 0.3916 -0.0254 -0.0398 -0.0200 48  PHE B CE2 
720 C CZ  . PHE B 48 ? 0.4311 0.1427 0.3132 -0.0332 -0.0908 -0.0080 48  PHE B CZ  
721 N N   . VAL B 49 ? 0.2025 0.1634 0.2079 0.0179  -0.0378 0.0167  49  VAL B N   
722 C CA  . VAL B 49 ? 0.2490 0.1878 0.2115 0.0105  -0.0302 0.0473  49  VAL B CA  
723 C C   . VAL B 49 ? 0.2132 0.1862 0.2406 -0.0157 -0.0330 0.0474  49  VAL B C   
724 O O   . VAL B 49 ? 0.2324 0.1949 0.2727 -0.0099 -0.0293 0.0400  49  VAL B O   
725 C CB  . VAL B 49 ? 0.2829 0.2362 0.2460 0.0339  -0.0112 0.0714  49  VAL B CB  
726 C CG1 . VAL B 49 ? 0.4123 0.2106 0.3330 0.0076  0.0138  0.1103  49  VAL B CG1 
727 C CG2 . VAL B 49 ? 0.3810 0.3558 0.2294 0.0215  -0.0034 0.0645  49  VAL B CG2 
728 N N   . GLY B 50 ? 0.2558 0.2720 0.2264 0.0385  -0.0460 0.0167  50  GLY B N   
729 C CA  . GLY B 50 ? 0.3092 0.3602 0.2389 0.0449  -0.0521 -0.0101 50  GLY B CA  
730 C C   . GLY B 50 ? 0.3388 0.3947 0.2606 0.0646  -0.0506 -0.0130 50  GLY B C   
731 O O   . GLY B 50 ? 0.3075 0.3876 0.2935 0.0419  -0.0616 -0.0435 50  GLY B O   
732 O OXT . GLY B 50 ? 0.3772 0.4632 0.2613 0.0876  -0.0585 -0.0336 50  GLY B OXT 
733 O O   . HOH C .  ? 0.4920 0.3476 0.3917 -0.0525 0.1089  0.0440  51  HOH A O   
734 O O   . HOH C .  ? 0.3641 0.2657 0.5712 0.1186  -0.0405 0.1076  52  HOH A O   
735 O O   . HOH C .  ? 0.4509 0.4441 0.3165 -0.0438 0.0146  0.1256  53  HOH A O   
736 O O   . HOH C .  ? 0.2023 0.0870 0.1860 -0.0325 -0.0098 -0.0036 54  HOH A O   
737 O O   . HOH C .  ? 0.2491 0.2268 0.2263 -0.0195 -0.0024 -0.0242 55  HOH A O   
738 O O   . HOH C .  ? 0.2212 0.3222 0.2231 0.0420  -0.0221 0.0076  56  HOH A O   
739 O O   . HOH C .  ? 0.1189 0.3498 0.3642 0.0583  -0.0258 -0.1678 57  HOH A O   
740 O O   . HOH C .  ? 0.3625 0.4547 0.4734 -0.0679 -0.0889 -0.0067 58  HOH A O   
741 O O   . HOH C .  ? 0.2518 0.2066 0.3184 -0.0260 0.0178  0.0002  59  HOH A O   
742 O O   . HOH C .  ? 0.2485 0.1587 0.3083 -0.0101 -0.1070 -0.0225 60  HOH A O   
743 O O   . HOH C .  ? 0.2204 0.3349 0.2260 -0.0236 0.0155  -0.0601 61  HOH A O   
744 O O   . HOH C .  ? 0.2748 0.3495 0.2188 0.0661  -0.0622 -0.0370 62  HOH A O   
745 O O   . HOH C .  ? 0.4354 0.2163 0.2975 -0.0502 -0.0466 0.0272  63  HOH A O   
746 O O   . HOH C .  ? 0.3505 0.3785 0.6895 -0.0208 0.1855  -0.0997 64  HOH A O   
747 O O   . HOH C .  ? 0.5903 0.3429 0.3805 0.1237  -0.0755 -0.0842 65  HOH A O   
748 O O   . HOH C .  ? 0.2002 0.3582 0.4703 -0.0925 0.0330  -0.1556 66  HOH A O   
749 O O   . HOH C .  ? 0.3964 0.6323 0.3635 0.1444  -0.0890 0.0664  67  HOH A O   
750 O O   . HOH C .  ? 0.1996 0.3550 0.4227 -0.0398 -0.0227 -0.0243 68  HOH A O   
751 O O   . HOH C .  ? 0.3518 0.4043 0.3151 -0.0476 0.0221  -0.0198 69  HOH A O   
752 O O   . HOH C .  ? 0.2084 0.2368 0.3759 -0.0171 0.0131  0.0073  70  HOH A O   
753 O O   . HOH C .  ? 0.5948 0.4824 0.3507 -0.1839 -0.0181 0.0339  71  HOH A O   
754 O O   . HOH C .  ? 0.4134 0.2327 0.2882 -0.0446 -0.0348 0.0579  72  HOH A O   
755 O O   . HOH C .  ? 0.6344 0.5546 0.5707 -0.0948 0.0800  0.0921  73  HOH A O   
756 O O   . HOH C .  ? 0.2512 0.3394 0.3951 -0.0316 -0.0226 -0.0004 74  HOH A O   
757 O O   . HOH C .  ? 0.4964 0.5091 0.4958 0.0986  -0.2164 -0.0858 75  HOH A O   
758 O O   . HOH C .  ? 0.4487 0.3285 0.3066 -0.0761 -0.1319 -0.0410 76  HOH A O   
759 O O   . HOH C .  ? 0.5936 0.5357 0.5200 -0.0546 -0.1316 -0.0898 77  HOH A O   
760 O O   . HOH C .  ? 0.5364 0.3779 0.2262 0.1318  -0.0078 -0.0437 78  HOH A O   
761 O O   . HOH C .  ? 0.5650 0.4351 0.5128 -0.1476 -0.0361 -0.0411 79  HOH A O   
762 O O   . HOH C .  ? 0.5167 0.4174 0.5601 -0.0301 0.0830  0.1043  80  HOH A O   
763 O O   . HOH C .  ? 0.7234 0.4448 0.5553 -0.1518 0.0544  0.0413  81  HOH A O   
764 O O   . HOH C .  ? 0.2857 0.2338 0.6309 -0.0683 -0.0319 -0.0121 82  HOH A O   
765 O O   . HOH C .  ? 0.4176 0.4833 0.2400 -0.0631 -0.0303 0.0599  83  HOH A O   
766 O O   . HOH C .  ? 0.2794 0.3690 0.5221 -0.0825 0.0157  0.0236  84  HOH A O   
767 O O   . HOH C .  ? 0.6001 0.4767 0.4405 0.1280  0.0087  0.1191  87  HOH A O   
768 O O   . HOH C .  ? 0.5739 0.3751 0.5019 -0.0297 -0.0602 -0.0079 88  HOH A O   
769 O O   . HOH C .  ? 0.6142 0.6919 0.6303 -0.0171 -0.0684 0.0199  89  HOH A O   
770 O O   . HOH C .  ? 0.5318 0.3980 0.4873 -0.1388 0.0742  -0.0795 90  HOH A O   
771 O O   . HOH C .  ? 0.4534 0.6728 0.5288 -0.0223 -0.0715 -0.0357 91  HOH A O   
772 O O   . HOH C .  ? 0.5452 0.4628 0.4818 -0.0716 -0.0503 0.0206  92  HOH A O   
773 O O   . HOH C .  ? 0.6095 0.4068 0.5084 -0.0156 0.0472  0.0514  93  HOH A O   
774 O O   . HOH C .  ? 0.5534 0.6933 0.7441 0.0127  -0.1231 -0.0114 94  HOH A O   
775 O O   . HOH C .  ? 0.6236 0.6654 0.5102 -0.0047 -0.0863 0.0611  95  HOH A O   
776 O O   . HOH C .  ? 0.6106 0.5201 0.6282 0.1216  -0.1225 0.0190  96  HOH A O   
777 O O   . HOH C .  ? 0.6170 0.6031 0.4723 0.0356  0.0004  -0.0294 97  HOH A O   
778 O O   . HOH C .  ? 0.5780 0.5504 0.5304 -0.0067 0.0584  -0.0028 98  HOH A O   
779 O O   . HOH C .  ? 0.6567 0.5542 0.5113 -0.0735 0.1005  0.0089  99  HOH A O   
780 O O   . HOH C .  ? 0.6253 0.3212 0.4692 -0.2014 0.1132  -0.1052 102 HOH A O   
781 O O   . HOH C .  ? 0.2210 0.2463 0.3374 0.0135  -0.0433 -0.0803 103 HOH A O   
782 O O   . HOH C .  ? 0.4047 0.3958 0.2825 0.1274  -0.0278 -0.0232 104 HOH A O   
783 O O   . HOH C .  ? 0.2164 0.4903 0.6303 -0.0826 0.0048  -0.2069 106 HOH A O   
784 O O   . HOH C .  ? 0.3235 0.3095 0.3906 -0.0156 0.0091  0.0065  108 HOH A O   
785 O O   . HOH C .  ? 0.3924 0.4869 0.3906 -0.0351 0.1113  -0.0560 109 HOH A O   
786 O O   . HOH C .  ? 0.5266 0.3145 0.3875 -0.1170 -0.1066 0.0388  110 HOH A O   
787 O O   . HOH C .  ? 0.2239 0.2786 0.4165 0.0104  -0.0101 0.0339  111 HOH A O   
788 O O   . HOH C .  ? 0.6002 0.3293 0.3658 0.0288  -0.0946 -0.0879 114 HOH A O   
789 O O   . HOH C .  ? 0.3739 0.4780 0.3624 0.0044  -0.0233 -0.0639 115 HOH A O   
790 O O   . HOH C .  ? 0.3991 0.5173 0.2858 -0.0097 -0.0060 0.0257  117 HOH A O   
791 O O   . HOH C .  ? 0.3375 0.5975 0.6718 -0.1659 0.0311  0.0063  118 HOH A O   
792 O O   . HOH C .  ? 0.4871 0.4088 0.6012 -0.0430 -0.1668 -0.0062 124 HOH A O   
793 O O   . HOH C .  ? 0.2948 0.3796 0.3187 -0.0957 -0.0378 -0.0161 127 HOH A O   
794 O O   . HOH C .  ? 0.4322 0.5499 0.4844 0.0541  0.0661  0.0234  132 HOH A O   
795 O O   . HOH C .  ? 0.4325 0.4673 0.6932 0.0891  -0.1371 -0.1552 135 HOH A O   
796 O O   . HOH C .  ? 0.5654 0.5225 0.6201 0.0805  -0.1300 0.0561  140 HOH A O   
797 O O   . HOH C .  ? 0.4922 0.6178 0.6887 0.0087  0.0336  -0.0505 143 HOH A O   
798 O O   . HOH D .  ? 0.1693 0.1197 0.1652 -0.0165 -0.0378 0.0152  51  HOH B O   
799 O O   . HOH D .  ? 0.2190 0.2489 0.2321 0.0793  -0.0703 -0.0541 52  HOH B O   
800 O O   . HOH D .  ? 0.2537 0.1622 0.2765 0.0156  0.0394  0.0040  53  HOH B O   
801 O O   . HOH D .  ? 0.3555 0.2305 0.4152 0.0407  -0.0586 0.0371  54  HOH B O   
802 O O   . HOH D .  ? 0.6999 0.2886 0.3688 -0.1568 -0.0740 -0.0014 55  HOH B O   
803 O O   . HOH D .  ? 0.2625 0.2430 0.2348 0.0472  -0.1014 0.0170  56  HOH B O   
804 O O   . HOH D .  ? 0.3060 0.3812 0.4752 0.0312  -0.0396 -0.0648 57  HOH B O   
805 O O   . HOH D .  ? 0.1313 0.3707 0.2856 -0.0524 -0.0278 0.0543  58  HOH B O   
806 O O   . HOH D .  ? 0.4694 0.4522 0.4777 -0.0213 0.0851  0.0337  59  HOH B O   
807 O O   . HOH D .  ? 0.4977 0.3984 0.5339 -0.0254 0.0414  0.0056  60  HOH B O   
808 O O   . HOH D .  ? 0.3781 0.5703 0.4623 -0.0131 -0.0379 -0.0960 61  HOH B O   
809 O O   . HOH D .  ? 0.5504 0.2978 0.4329 0.0489  -0.1105 -0.0596 62  HOH B O   
810 O O   . HOH D .  ? 0.3883 0.2445 0.4119 -0.0740 -0.0711 0.0349  63  HOH B O   
811 O O   . HOH D .  ? 0.3328 0.1741 0.2183 -0.0799 0.0421  -0.0276 64  HOH B O   
812 O O   . HOH D .  ? 0.1874 0.1963 0.4876 -0.0448 0.0167  -0.0442 65  HOH B O   
813 O O   . HOH D .  ? 0.4184 0.4496 0.5069 0.1058  -0.1307 -0.0205 66  HOH B O   
814 O O   . HOH D .  ? 0.2722 0.3254 0.2711 -0.0346 -0.1227 0.0177  67  HOH B O   
815 O O   . HOH D .  ? 0.2922 0.3165 0.2850 0.0389  -0.0054 -0.0926 68  HOH B O   
816 O O   . HOH D .  ? 0.4612 0.4436 0.4827 0.0749  -0.0124 -0.0700 69  HOH B O   
817 O O   . HOH D .  ? 0.5266 0.3911 0.4712 0.0057  -0.0012 -0.0750 70  HOH B O   
818 O O   . HOH D .  ? 0.2160 0.2620 0.2845 0.0664  -0.0508 0.0062  71  HOH B O   
819 O O   . HOH D .  ? 0.3587 0.2022 0.6401 0.0059  0.0315  -0.0471 72  HOH B O   
820 O O   . HOH D .  ? 0.3088 0.2471 0.2875 -0.0277 0.0533  0.0038  73  HOH B O   
821 O O   . HOH D .  ? 0.4569 0.6510 0.4609 0.1807  0.0050  0.0523  74  HOH B O   
822 O O   . HOH D .  ? 0.2706 0.2501 0.3150 -0.0382 -0.0588 -0.0369 75  HOH B O   
823 O O   . HOH D .  ? 0.5035 0.4242 0.5323 -0.0952 -0.1484 0.0646  76  HOH B O   
824 O O   . HOH D .  ? 0.2948 0.2408 0.2935 -0.0057 -0.0342 0.0056  77  HOH B O   
825 O O   . HOH D .  ? 0.4943 0.5522 0.5350 0.1490  0.0128  0.0151  78  HOH B O   
826 O O   . HOH D .  ? 0.1985 0.3275 0.4157 0.0731  0.0168  0.0753  79  HOH B O   
827 O O   . HOH D .  ? 0.2625 0.2628 0.3547 0.0188  0.0431  0.0458  80  HOH B O   
828 O O   . HOH D .  ? 0.3073 0.1929 0.2978 -0.0084 -0.0157 0.0110  81  HOH B O   
829 O O   . HOH D .  ? 0.4950 0.6311 0.6419 -0.0625 0.0216  0.0148  82  HOH B O   
830 O O   . HOH D .  ? 0.2709 0.2000 0.2906 0.0162  -0.0201 0.0454  83  HOH B O   
831 O O   . HOH D .  ? 0.3477 0.3025 0.3298 0.1317  -0.0391 0.0065  84  HOH B O   
832 O O   . HOH D .  ? 0.1487 0.3448 0.2618 -0.0093 -0.0801 0.0947  85  HOH B O   
833 O O   . HOH D .  ? 0.2016 0.2885 0.4096 -0.0362 -0.0609 -0.0576 86  HOH B O   
834 O O   . HOH D .  ? 0.3059 0.1869 0.3249 -0.0060 -0.0395 -0.0485 87  HOH B O   
835 O O   . HOH D .  ? 0.1711 0.4759 0.3817 -0.0219 -0.0167 0.0987  88  HOH B O   
836 O O   . HOH D .  ? 0.2930 0.2802 0.2727 -0.0122 0.0020  0.0093  89  HOH B O   
837 O O   . HOH D .  ? 0.2021 0.4296 0.3809 -0.0967 -0.0738 -0.0411 90  HOH B O   
838 O O   . HOH D .  ? 0.3267 0.1871 0.4833 0.0724  -0.0059 -0.0435 91  HOH B O   
839 O O   . HOH D .  ? 0.3306 0.3045 0.3798 0.0445  -0.0065 0.0171  92  HOH B O   
840 O O   . HOH D .  ? 0.4257 0.2673 0.2772 -0.0478 -0.0152 0.0150  93  HOH B O   
841 O O   . HOH D .  ? 0.2682 0.4416 0.3012 -0.0220 -0.0876 0.0528  94  HOH B O   
842 O O   . HOH D .  ? 0.2642 0.4033 0.3473 0.0600  -0.0651 -0.0763 95  HOH B O   
843 O O   . HOH D .  ? 0.4063 0.3255 0.4308 -0.0413 -0.2445 0.0792  96  HOH B O   
844 O O   . HOH D .  ? 0.3481 0.5061 0.4091 -0.0125 -0.0317 0.0358  97  HOH B O   
845 O O   . HOH D .  ? 0.5988 0.2439 0.4343 0.0018  -0.1970 0.0497  100 HOH B O   
846 O O   . HOH D .  ? 0.1388 0.1134 0.2086 -0.0295 -0.0155 -0.0361 101 HOH B O   
847 O O   . HOH D .  ? 0.5063 0.2312 0.5238 -0.0324 0.1395  -0.0254 105 HOH B O   
848 O O   . HOH D .  ? 0.3946 0.4684 0.4924 -0.0597 0.1000  0.0532  107 HOH B O   
849 O O   . HOH D .  ? 0.6762 0.2961 0.5655 -0.0837 -0.0082 0.2030  112 HOH B O   
850 O O   . HOH D .  ? 0.4198 0.4094 0.4356 -0.0045 0.0606  0.1146  113 HOH B O   
851 O O   . HOH D .  ? 0.3652 0.4051 0.6021 0.0418  0.0530  -0.0025 116 HOH B O   
852 O O   . HOH D .  ? 0.3807 0.5264 0.5196 -0.0027 -0.1965 0.0630  119 HOH B O   
853 O O   . HOH D .  ? 0.3782 0.6179 0.6165 -0.0413 -0.0380 -0.0327 120 HOH B O   
854 O O   . HOH D .  ? 0.6697 0.3592 0.4401 0.1442  -0.0049 -0.0114 121 HOH B O   
855 O O   . HOH D .  ? 0.4004 0.5224 0.4434 -0.0994 -0.0238 0.0585  122 HOH B O   
856 O O   . HOH D .  ? 0.3299 0.4950 0.4431 -0.0713 -0.0135 0.0331  123 HOH B O   
857 O O   . HOH D .  ? 0.6231 0.2957 0.3422 -0.1259 -0.0253 0.0897  125 HOH B O   
858 O O   . HOH D .  ? 0.4928 0.5357 0.6160 -0.0833 0.0142  -0.0260 128 HOH B O   
859 O O   . HOH D .  ? 0.4338 0.5045 0.3941 -0.0041 -0.0141 -0.0768 129 HOH B O   
860 O O   . HOH D .  ? 0.2802 0.6133 0.5286 0.0182  -0.0907 0.0424  131 HOH B O   
861 O O   . HOH D .  ? 0.4812 0.4163 0.6735 0.0974  0.0675  0.0022  133 HOH B O   
862 O O   . HOH D .  ? 0.4912 0.4076 0.6513 -0.1315 0.0083  -0.0433 136 HOH B O   
863 O O   . HOH D .  ? 0.5124 0.5569 0.6155 -0.0360 -0.1707 -0.0309 137 HOH B O   
864 O O   . HOH D .  ? 0.4700 0.4248 0.5624 -0.1812 -0.0446 0.0065  138 HOH B O   
865 O O   . HOH D .  ? 0.5600 0.6160 0.4788 -0.0468 0.0695  -0.0123 139 HOH B O   
866 O O   . HOH D .  ? 0.6028 0.6766 0.6383 0.0125  0.0366  0.0076  141 HOH B O   
867 O O   . HOH D .  ? 0.3559 0.7323 0.6649 0.0600  -0.0267 0.0606  142 HOH B O   
868 O O   . HOH D .  ? 0.3289 0.2283 0.4775 -0.0468 -0.1277 0.0427  144 HOH B O   
869 O O   . HOH D .  ? 0.6110 0.3924 0.2892 -0.2434 -0.1306 0.0404  145 HOH B O   
870 O O   . HOH D .  ? 0.4969 0.6544 0.5642 -0.0482 0.0595  -0.0033 146 HOH B O   
871 O O   . HOH D .  ? 0.6435 0.6269 0.5129 0.0151  0.1009  -0.0390 147 HOH B O   
872 O O   . HOH D .  ? 0.5644 0.6528 0.6219 0.0616  0.0801  -0.0237 148 HOH B O   
# 
